data_2ANU
#
_entry.id   2ANU
#
_cell.length_a   111.307
_cell.length_b   111.307
_cell.length_c   383.222
_cell.angle_alpha   90.000
_cell.angle_beta   90.000
_cell.angle_gamma   120.000
#
_symmetry.space_group_name_H-M   'H 3'
#
loop_
_entity.id
_entity.type
_entity.pdbx_description
1 polymer 'hypothetical protein TM0559'
2 non-polymer 'ZINC ION'
3 non-polymer 'CHLORIDE ION'
4 water water
#
_entity_poly.entity_id   1
_entity_poly.type   'polypeptide(L)'
_entity_poly.pdbx_seq_one_letter_code
;(MSE)GSDKIHHHHHH(MSE)KTDTEWLLCDFHVHTN(MSE)SDGHLPLGEVVDLFGKHGVDVVSITDHIVDRRTLEQRK
RNGEPLGAITEDKFQDYLKRLWREQKRAWEEYG(MSE)ILIPGVEITNNTDLYHIVAVDVKEYVDPSLPVEEIVEKLKEQ
NALVIAAHPDRKKQDEEHLSWYLWAN(MSE)ERFKDTFDAWEIANRDDLFNSVGVKKYRYVANSDFHELWHVYSWKTLVK
SEKNIEAIKEAIRKNTDVAIYL(MSE)RKNRLSSLSDVI
;
_entity_poly.pdbx_strand_id   A,B,C,D,E,F
#
loop_
_chem_comp.id
_chem_comp.type
_chem_comp.name
_chem_comp.formula
CL non-polymer 'CHLORIDE ION' 'Cl -1'
ZN non-polymer 'ZINC ION' 'Zn 2'
#
# COMPACT_ATOMS: atom_id res chain seq x y z
N THR A 17 14.83 -36.53 21.25
CA THR A 17 14.84 -35.18 21.92
C THR A 17 14.43 -35.22 23.42
N GLU A 18 15.42 -35.48 24.28
CA GLU A 18 15.33 -35.09 25.69
C GLU A 18 16.18 -33.83 25.85
N TRP A 19 15.98 -33.11 26.95
CA TRP A 19 16.69 -31.87 27.20
C TRP A 19 18.05 -32.24 27.80
N LEU A 20 19.12 -31.68 27.25
CA LEU A 20 20.48 -32.02 27.69
C LEU A 20 21.16 -30.87 28.39
N LEU A 21 21.94 -31.20 29.42
CA LEU A 21 22.72 -30.23 30.17
C LEU A 21 24.14 -30.04 29.58
N CYS A 22 24.47 -28.80 29.23
CA CYS A 22 25.58 -28.48 28.34
C CYS A 22 26.42 -27.33 28.84
N ASP A 23 27.72 -27.42 28.63
CA ASP A 23 28.62 -26.34 29.00
C ASP A 23 29.68 -26.22 27.89
N PHE A 24 29.60 -25.14 27.13
CA PHE A 24 30.40 -24.98 25.95
C PHE A 24 31.62 -24.11 26.15
N HIS A 25 32.00 -23.78 27.40
CA HIS A 25 33.08 -22.80 27.62
C HIS A 25 33.84 -23.21 28.88
N VAL A 26 34.86 -24.05 28.67
CA VAL A 26 35.62 -24.73 29.73
C VAL A 26 37.10 -24.72 29.42
N HIS A 27 37.93 -24.38 30.41
CA HIS A 27 39.38 -24.24 30.21
C HIS A 27 40.12 -25.23 31.10
N THR A 28 41.29 -25.64 30.64
CA THR A 28 42.17 -26.58 31.36
C THR A 28 43.55 -25.94 31.47
N ASN A 29 44.46 -26.61 32.21
CA ASN A 29 45.83 -26.11 32.35
C ASN A 29 46.63 -26.17 31.04
N MSE A 30 46.00 -26.57 29.94
CA MSE A 30 46.66 -26.50 28.65
C MSE A 30 46.73 -25.09 28.14
O MSE A 30 47.61 -24.76 27.37
CB MSE A 30 45.99 -27.40 27.61
CG MSE A 30 46.26 -28.89 27.86
SE MSE A 30 45.48 -30.14 26.54
CE MSE A 30 43.61 -29.68 26.64
N SER A 31 45.79 -24.25 28.58
CA SER A 31 45.85 -22.82 28.33
C SER A 31 45.98 -22.18 29.69
N ASP A 32 44.94 -21.52 30.20
CA ASP A 32 45.09 -20.81 31.49
C ASP A 32 44.13 -21.31 32.59
N GLY A 33 43.63 -22.52 32.44
CA GLY A 33 42.90 -23.17 33.52
C GLY A 33 43.81 -23.70 34.63
N HIS A 34 43.23 -23.86 35.81
CA HIS A 34 43.98 -24.33 36.98
C HIS A 34 44.21 -25.85 36.99
N LEU A 35 43.34 -26.60 36.31
CA LEU A 35 43.29 -28.06 36.45
C LEU A 35 43.70 -28.85 35.20
N PRO A 36 44.26 -30.06 35.39
CA PRO A 36 44.54 -30.95 34.26
C PRO A 36 43.28 -31.42 33.55
N LEU A 37 43.38 -31.65 32.24
CA LEU A 37 42.28 -32.04 31.39
C LEU A 37 41.49 -33.20 31.97
N GLY A 38 42.19 -34.27 32.35
CA GLY A 38 41.55 -35.47 32.83
C GLY A 38 40.65 -35.14 33.99
N GLU A 39 41.16 -34.30 34.88
CA GLU A 39 40.41 -33.90 36.07
C GLU A 39 39.22 -33.02 35.77
N VAL A 40 39.30 -32.22 34.71
CA VAL A 40 38.19 -31.36 34.29
C VAL A 40 37.06 -32.21 33.74
N VAL A 41 37.42 -33.21 32.94
CA VAL A 41 36.44 -34.12 32.36
C VAL A 41 35.73 -34.95 33.42
N ASP A 42 36.50 -35.50 34.36
CA ASP A 42 35.95 -36.25 35.48
C ASP A 42 34.99 -35.44 36.33
N LEU A 43 35.32 -34.18 36.56
CA LEU A 43 34.50 -33.32 37.41
C LEU A 43 33.15 -33.03 36.73
N PHE A 44 33.18 -32.73 35.45
CA PHE A 44 31.94 -32.47 34.71
C PHE A 44 31.11 -33.75 34.51
N GLY A 45 31.77 -34.86 34.24
CA GLY A 45 31.09 -36.14 34.12
C GLY A 45 30.43 -36.61 35.40
N LYS A 46 31.11 -36.40 36.52
CA LYS A 46 30.57 -36.81 37.82
C LYS A 46 29.47 -35.85 38.30
N HIS A 47 29.46 -34.62 37.81
CA HIS A 47 28.34 -33.72 38.07
C HIS A 47 27.18 -33.87 37.06
N GLY A 48 27.29 -34.86 36.17
CA GLY A 48 26.19 -35.22 35.30
C GLY A 48 25.98 -34.28 34.13
N VAL A 49 27.01 -33.55 33.73
CA VAL A 49 26.91 -32.73 32.53
C VAL A 49 26.90 -33.65 31.33
N ASP A 50 25.98 -33.38 30.39
CA ASP A 50 25.73 -34.24 29.24
C ASP A 50 26.63 -33.93 28.06
N VAL A 51 26.87 -32.63 27.88
CA VAL A 51 27.72 -32.11 26.84
C VAL A 51 28.70 -31.09 27.46
N VAL A 52 30.01 -31.30 27.22
CA VAL A 52 31.02 -30.32 27.54
C VAL A 52 31.89 -30.07 26.31
N SER A 53 32.17 -28.80 26.04
CA SER A 53 33.21 -28.43 25.07
C SER A 53 34.42 -27.91 25.80
N ILE A 54 35.58 -28.46 25.48
CA ILE A 54 36.86 -27.91 25.98
C ILE A 54 37.33 -26.85 25.01
N THR A 55 37.39 -25.63 25.51
CA THR A 55 37.68 -24.45 24.71
C THR A 55 38.90 -23.71 25.25
N ASP A 56 40.05 -24.35 25.21
CA ASP A 56 41.27 -23.69 25.67
C ASP A 56 41.62 -22.57 24.71
N HIS A 57 42.41 -21.60 25.20
CA HIS A 57 42.70 -20.38 24.44
C HIS A 57 43.73 -20.54 23.34
N ILE A 58 43.42 -19.96 22.17
CA ILE A 58 44.44 -19.51 21.24
C ILE A 58 44.35 -17.97 21.25
N VAL A 59 45.52 -17.31 21.30
CA VAL A 59 45.60 -15.86 21.49
C VAL A 59 46.35 -15.22 20.34
N ASP A 60 46.04 -13.96 20.06
CA ASP A 60 46.64 -13.25 18.94
C ASP A 60 48.18 -13.16 19.12
N ARG A 61 48.91 -13.03 18.01
CA ARG A 61 50.39 -13.12 18.00
C ARG A 61 51.04 -12.07 18.89
N ARG A 62 50.42 -10.90 18.89
CA ARG A 62 50.93 -9.76 19.60
C ARG A 62 50.85 -10.00 21.12
N THR A 63 49.76 -10.60 21.57
CA THR A 63 49.62 -10.92 22.97
C THR A 63 50.64 -11.99 23.35
N LEU A 64 50.81 -13.01 22.52
CA LEU A 64 51.82 -14.05 22.78
C LEU A 64 53.24 -13.52 22.90
N GLU A 65 53.61 -12.68 21.93
CA GLU A 65 54.94 -12.03 21.86
C GLU A 65 55.21 -11.25 23.12
N GLN A 66 54.16 -10.61 23.62
CA GLN A 66 54.23 -9.78 24.80
C GLN A 66 54.44 -10.60 26.08
N ARG A 67 53.81 -11.76 26.14
CA ARG A 67 53.98 -12.66 27.28
C ARG A 67 55.35 -13.32 27.23
N LYS A 68 55.72 -13.76 26.02
CA LYS A 68 57.06 -14.29 25.72
C LYS A 68 58.15 -13.30 26.13
N ARG A 69 57.92 -12.04 25.78
CA ARG A 69 58.84 -10.95 26.12
C ARG A 69 58.90 -10.66 27.63
N ASN A 70 57.74 -10.61 28.29
CA ASN A 70 57.70 -10.39 29.73
C ASN A 70 58.03 -11.64 30.56
N GLY A 71 58.44 -12.71 29.89
CA GLY A 71 58.60 -14.02 30.52
C GLY A 71 57.42 -14.53 31.34
N GLU A 72 56.18 -14.10 31.03
CA GLU A 72 55.00 -14.66 31.73
C GLU A 72 54.45 -15.83 30.92
N PRO A 73 53.75 -16.78 31.58
CA PRO A 73 53.18 -17.95 30.86
C PRO A 73 52.31 -17.59 29.65
N LEU A 74 52.39 -18.43 28.63
CA LEU A 74 51.68 -18.16 27.38
C LEU A 74 50.18 -18.26 27.57
N GLY A 75 49.74 -19.21 28.40
CA GLY A 75 48.30 -19.40 28.69
C GLY A 75 47.46 -19.71 27.46
N ALA A 76 48.07 -20.36 26.49
CA ALA A 76 47.40 -20.60 25.24
C ALA A 76 48.02 -21.81 24.56
N ILE A 77 47.30 -22.35 23.61
CA ILE A 77 47.86 -23.35 22.72
C ILE A 77 48.50 -22.65 21.52
N THR A 78 49.76 -22.97 21.25
CA THR A 78 50.46 -22.38 20.10
C THR A 78 49.91 -22.97 18.81
N GLU A 79 50.17 -22.32 17.69
CA GLU A 79 49.72 -22.88 16.44
C GLU A 79 50.38 -24.25 16.20
N ASP A 80 51.66 -24.35 16.50
CA ASP A 80 52.39 -25.59 16.38
C ASP A 80 51.86 -26.74 17.23
N LYS A 81 51.23 -26.46 18.37
CA LYS A 81 50.74 -27.52 19.23
C LYS A 81 49.24 -27.77 19.12
N PHE A 82 48.57 -27.11 18.17
CA PHE A 82 47.12 -27.16 18.10
C PHE A 82 46.60 -28.54 17.75
N GLN A 83 47.26 -29.21 16.81
CA GLN A 83 46.84 -30.55 16.42
C GLN A 83 47.08 -31.56 17.57
N ASP A 84 48.18 -31.41 18.30
CA ASP A 84 48.42 -32.20 19.52
C ASP A 84 47.34 -31.95 20.58
N TYR A 85 46.88 -30.72 20.70
CA TYR A 85 45.79 -30.36 21.61
C TYR A 85 44.49 -31.06 21.18
N LEU A 86 44.18 -30.99 19.88
CA LEU A 86 42.98 -31.67 19.36
C LEU A 86 43.11 -33.17 19.59
N LYS A 87 44.31 -33.70 19.40
CA LYS A 87 44.58 -35.15 19.63
C LYS A 87 44.30 -35.60 21.06
N ARG A 88 44.62 -34.77 22.05
CA ARG A 88 44.29 -35.09 23.45
C ARG A 88 42.80 -35.10 23.70
N LEU A 89 42.08 -34.16 23.07
CA LEU A 89 40.63 -34.07 23.24
C LEU A 89 39.90 -35.21 22.56
N TRP A 90 40.36 -35.63 21.39
CA TRP A 90 39.75 -36.75 20.68
C TRP A 90 39.85 -38.04 21.49
N ARG A 91 40.98 -38.25 22.12
CA ARG A 91 41.12 -39.34 23.07
C ARG A 91 40.27 -39.14 24.30
N GLU A 92 40.14 -37.90 24.77
CA GLU A 92 39.22 -37.60 25.88
C GLU A 92 37.76 -37.82 25.53
N GLN A 93 37.38 -37.62 24.27
CA GLN A 93 36.04 -37.94 23.79
C GLN A 93 35.65 -39.38 24.07
N LYS A 94 36.59 -40.26 23.81
CA LYS A 94 36.41 -41.70 24.08
C LYS A 94 36.13 -41.98 25.54
N ARG A 95 36.96 -41.43 26.42
CA ARG A 95 36.82 -41.67 27.86
C ARG A 95 35.57 -41.00 28.44
N ALA A 96 35.34 -39.75 28.05
CA ALA A 96 34.13 -39.05 28.41
C ALA A 96 32.89 -39.88 28.13
N TRP A 97 32.85 -40.51 26.95
CA TRP A 97 31.69 -41.32 26.58
C TRP A 97 31.66 -42.60 27.38
N GLU A 98 32.78 -43.32 27.41
CA GLU A 98 32.82 -44.61 28.10
C GLU A 98 32.54 -44.52 29.58
N GLU A 99 33.11 -43.55 30.26
CA GLU A 99 32.94 -43.46 31.69
C GLU A 99 31.66 -42.74 32.12
N TYR A 100 31.19 -41.76 31.36
CA TYR A 100 30.05 -40.96 31.84
C TYR A 100 28.88 -40.86 30.90
N GLY A 101 28.98 -41.44 29.71
CA GLY A 101 27.93 -41.24 28.71
C GLY A 101 27.85 -39.77 28.37
N MSE A 102 29.00 -39.10 28.34
CA MSE A 102 29.08 -37.69 28.08
C MSE A 102 29.72 -37.40 26.72
O MSE A 102 30.63 -38.10 26.28
CB MSE A 102 29.86 -36.99 29.17
CG MSE A 102 30.00 -35.48 29.00
SE MSE A 102 30.92 -34.62 30.55
CE MSE A 102 32.75 -35.40 30.46
N ILE A 103 29.22 -36.35 26.09
CA ILE A 103 29.72 -35.88 24.82
C ILE A 103 30.66 -34.74 25.03
N LEU A 104 31.95 -35.03 24.82
CA LEU A 104 32.99 -34.00 24.86
C LEU A 104 33.17 -33.49 23.44
N ILE A 105 33.05 -32.18 23.22
CA ILE A 105 33.29 -31.60 21.91
C ILE A 105 34.58 -30.79 21.90
N PRO A 106 35.54 -31.11 21.00
CA PRO A 106 36.71 -30.26 20.93
C PRO A 106 36.32 -28.87 20.46
N GLY A 107 36.84 -27.89 21.17
CA GLY A 107 36.62 -26.49 20.87
C GLY A 107 37.84 -25.67 21.20
N VAL A 108 37.64 -24.36 21.14
CA VAL A 108 38.68 -23.39 21.34
C VAL A 108 38.06 -22.04 21.70
N GLU A 109 38.81 -21.23 22.42
CA GLU A 109 38.45 -19.82 22.65
C GLU A 109 39.46 -18.99 21.93
N ILE A 110 38.96 -18.40 20.85
CA ILE A 110 39.74 -17.52 20.02
C ILE A 110 39.83 -16.13 20.70
N THR A 111 41.02 -15.81 21.18
CA THR A 111 41.22 -14.78 22.14
C THR A 111 42.06 -13.66 21.55
N ASN A 112 41.41 -12.62 21.07
CA ASN A 112 42.11 -11.42 20.65
C ASN A 112 42.08 -10.38 21.77
N ASN A 113 43.19 -10.31 22.51
CA ASN A 113 43.36 -9.38 23.63
C ASN A 113 43.86 -8.01 23.20
N THR A 114 44.30 -7.91 21.94
CA THR A 114 44.65 -6.63 21.38
C THR A 114 43.39 -5.82 21.10
N ASP A 115 42.47 -6.37 20.33
CA ASP A 115 41.25 -5.67 19.96
C ASP A 115 40.04 -6.04 20.80
N LEU A 116 40.22 -6.94 21.77
CA LEU A 116 39.18 -7.26 22.77
C LEU A 116 37.92 -7.98 22.27
N TYR A 117 38.12 -9.11 21.62
CA TYR A 117 37.02 -10.00 21.35
C TYR A 117 37.40 -11.42 21.57
N HIS A 118 36.50 -12.15 22.22
CA HIS A 118 36.73 -13.54 22.56
C HIS A 118 35.59 -14.31 21.95
N ILE A 119 35.94 -15.26 21.08
CA ILE A 119 34.99 -16.03 20.33
C ILE A 119 35.22 -17.50 20.64
N VAL A 120 34.15 -18.18 21.07
CA VAL A 120 34.23 -19.59 21.42
C VAL A 120 33.74 -20.37 20.22
N ALA A 121 34.58 -21.30 19.79
CA ALA A 121 34.28 -22.18 18.68
C ALA A 121 34.13 -23.59 19.23
N VAL A 122 32.98 -24.19 18.94
CA VAL A 122 32.64 -25.52 19.39
C VAL A 122 32.61 -26.48 18.22
N ASP A 123 33.30 -27.60 18.38
CA ASP A 123 33.54 -28.58 17.32
C ASP A 123 34.50 -28.01 16.27
N VAL A 124 35.64 -27.56 16.76
CA VAL A 124 36.68 -27.01 15.90
C VAL A 124 37.65 -28.13 15.45
N LYS A 125 38.19 -27.97 14.24
CA LYS A 125 39.06 -28.95 13.63
C LYS A 125 40.38 -28.39 13.18
N GLU A 126 40.45 -27.07 12.98
CA GLU A 126 41.64 -26.43 12.47
C GLU A 126 41.88 -25.16 13.20
N TYR A 127 43.16 -24.82 13.32
CA TYR A 127 43.56 -23.58 13.96
C TYR A 127 43.09 -22.41 13.07
N VAL A 128 42.69 -21.32 13.72
CA VAL A 128 42.29 -20.07 13.05
C VAL A 128 42.98 -18.94 13.75
N ASP A 129 43.67 -18.09 12.99
CA ASP A 129 44.42 -16.94 13.53
C ASP A 129 43.51 -15.95 14.26
N PRO A 130 43.66 -15.82 15.59
CA PRO A 130 42.82 -14.89 16.37
C PRO A 130 42.97 -13.41 15.99
N SER A 131 44.06 -13.08 15.30
CA SER A 131 44.33 -11.72 14.83
C SER A 131 43.41 -11.25 13.71
N LEU A 132 42.77 -12.17 13.00
CA LEU A 132 42.01 -11.77 11.83
C LEU A 132 40.76 -10.98 12.25
N PRO A 133 40.16 -10.22 11.32
CA PRO A 133 38.86 -9.59 11.56
C PRO A 133 37.80 -10.62 11.98
N VAL A 134 36.83 -10.15 12.77
CA VAL A 134 35.79 -10.99 13.29
C VAL A 134 35.18 -11.83 12.19
N GLU A 135 34.67 -11.19 11.15
CA GLU A 135 33.96 -11.91 10.10
C GLU A 135 34.86 -12.89 9.36
N GLU A 136 36.16 -12.66 9.33
CA GLU A 136 37.07 -13.62 8.70
C GLU A 136 37.20 -14.87 9.57
N ILE A 137 37.40 -14.68 10.87
CA ILE A 137 37.44 -15.79 11.83
C ILE A 137 36.19 -16.64 11.67
N VAL A 138 35.04 -15.99 11.64
CA VAL A 138 33.75 -16.67 11.62
C VAL A 138 33.53 -17.42 10.33
N GLU A 139 33.85 -16.80 9.21
CA GLU A 139 33.77 -17.49 7.93
C GLU A 139 34.64 -18.75 7.95
N LYS A 140 35.87 -18.62 8.45
CA LYS A 140 36.77 -19.77 8.64
C LYS A 140 36.17 -20.89 9.46
N LEU A 141 35.55 -20.53 10.59
CA LEU A 141 34.89 -21.51 11.46
C LEU A 141 33.65 -22.16 10.80
N LYS A 142 32.96 -21.43 9.92
CA LYS A 142 31.80 -21.97 9.21
C LYS A 142 32.19 -23.03 8.17
N GLU A 143 33.31 -22.81 7.50
CA GLU A 143 33.93 -23.79 6.59
C GLU A 143 34.30 -25.10 7.27
N GLN A 144 34.58 -25.03 8.58
CA GLN A 144 34.86 -26.22 9.39
C GLN A 144 33.60 -26.85 9.99
N ASN A 145 32.45 -26.22 9.81
CA ASN A 145 31.20 -26.62 10.49
C ASN A 145 31.37 -26.58 12.02
N ALA A 146 31.86 -25.46 12.53
CA ALA A 146 31.94 -25.28 13.95
C ALA A 146 30.79 -24.33 14.41
N LEU A 147 30.39 -24.49 15.65
CA LEU A 147 29.42 -23.62 16.27
C LEU A 147 30.16 -22.42 16.87
N VAL A 148 29.66 -21.21 16.60
CA VAL A 148 30.40 -19.97 16.90
C VAL A 148 29.64 -19.10 17.89
N ILE A 149 30.21 -19.00 19.09
CA ILE A 149 29.61 -18.31 20.21
C ILE A 149 30.39 -17.00 20.45
N ALA A 150 29.68 -15.89 20.64
CA ALA A 150 30.28 -14.65 21.15
C ALA A 150 30.36 -14.73 22.66
N ALA A 151 31.57 -14.85 23.19
CA ALA A 151 31.77 -14.94 24.62
C ALA A 151 31.66 -13.56 25.28
N HIS A 152 31.02 -13.54 26.44
CA HIS A 152 30.93 -12.36 27.26
C HIS A 152 32.07 -12.35 28.28
N PRO A 153 32.74 -11.19 28.45
CA PRO A 153 33.75 -11.17 29.51
C PRO A 153 33.09 -11.44 30.87
N ASP A 154 33.78 -12.15 31.76
CA ASP A 154 33.20 -12.46 33.08
C ASP A 154 33.20 -11.20 33.94
N ARG A 155 32.29 -11.14 34.91
CA ARG A 155 32.10 -9.95 35.75
C ARG A 155 33.37 -9.52 36.51
N LYS A 156 34.22 -10.47 36.89
CA LYS A 156 35.49 -10.12 37.55
C LYS A 156 36.42 -9.27 36.65
N LYS A 157 36.13 -9.19 35.33
CA LYS A 157 36.67 -8.09 34.49
C LYS A 157 36.78 -6.75 35.25
N LEU A 163 37.40 -1.85 30.72
CA LEU A 163 37.52 -2.16 29.28
C LEU A 163 36.15 -2.18 28.57
N SER A 164 36.09 -1.63 27.35
CA SER A 164 34.91 -1.80 26.45
C SER A 164 35.15 -2.89 25.40
N TRP A 165 34.36 -3.96 25.45
CA TRP A 165 34.56 -5.15 24.62
C TRP A 165 33.88 -5.05 23.26
N TYR A 166 34.64 -5.43 22.22
CA TYR A 166 34.34 -5.09 20.82
C TYR A 166 32.99 -5.64 20.33
N LEU A 167 32.76 -6.92 20.58
CA LEU A 167 31.53 -7.58 20.11
C LEU A 167 30.26 -6.99 20.78
N TRP A 168 30.41 -6.70 22.07
CA TRP A 168 29.32 -6.24 22.95
C TRP A 168 28.99 -4.77 22.76
N ALA A 169 29.97 -4.00 22.26
CA ALA A 169 29.73 -2.63 21.90
C ALA A 169 29.07 -2.54 20.50
N ASN A 170 29.11 -3.63 19.74
CA ASN A 170 28.73 -3.63 18.33
C ASN A 170 27.72 -4.73 18.03
N MSE A 171 26.73 -4.90 18.89
CA MSE A 171 25.92 -6.12 18.82
C MSE A 171 25.06 -6.17 17.56
O MSE A 171 24.95 -7.23 16.94
CB MSE A 171 25.01 -6.25 20.04
CG MSE A 171 25.76 -6.36 21.34
SE MSE A 171 24.59 -6.81 22.85
CE MSE A 171 25.61 -5.90 24.26
N GLU A 172 24.44 -5.04 17.23
CA GLU A 172 23.59 -4.98 16.04
C GLU A 172 24.37 -5.29 14.74
N ARG A 173 25.60 -4.79 14.64
CA ARG A 173 26.51 -5.07 13.53
C ARG A 173 26.80 -6.57 13.36
N PHE A 174 27.00 -7.25 14.48
CA PHE A 174 27.27 -8.69 14.50
C PHE A 174 26.04 -9.60 14.71
N LYS A 175 24.83 -9.08 14.55
CA LYS A 175 23.60 -9.90 14.78
C LYS A 175 23.45 -11.14 13.91
N ASP A 176 23.98 -11.11 12.68
CA ASP A 176 23.90 -12.27 11.79
C ASP A 176 25.24 -12.97 11.65
N THR A 177 26.14 -12.73 12.60
CA THR A 177 27.49 -13.27 12.57
C THR A 177 27.60 -14.48 13.49
N PHE A 178 27.01 -14.37 14.67
CA PHE A 178 27.14 -15.42 15.67
C PHE A 178 25.90 -16.31 15.74
N ASP A 179 26.17 -17.60 15.97
CA ASP A 179 25.10 -18.58 16.15
C ASP A 179 24.44 -18.34 17.50
N ALA A 180 25.21 -17.85 18.49
CA ALA A 180 24.67 -17.50 19.81
C ALA A 180 25.60 -16.59 20.56
N TRP A 181 25.01 -15.86 21.52
CA TRP A 181 25.74 -14.98 22.42
C TRP A 181 25.62 -15.53 23.85
N GLU A 182 26.68 -15.40 24.65
CA GLU A 182 26.59 -15.75 26.06
C GLU A 182 25.71 -14.75 26.81
N ILE A 183 24.56 -15.24 27.26
CA ILE A 183 23.64 -14.48 28.08
C ILE A 183 24.03 -14.67 29.54
N ALA A 184 24.90 -15.64 29.81
CA ALA A 184 25.31 -15.95 31.19
C ALA A 184 26.56 -16.77 31.24
N ASN A 185 27.27 -16.61 32.34
CA ASN A 185 28.71 -16.86 32.47
C ASN A 185 29.02 -16.91 33.98
N ARG A 186 29.64 -17.97 34.46
CA ARG A 186 29.88 -18.11 35.90
C ARG A 186 28.53 -18.02 36.62
N ASP A 187 28.41 -17.10 37.58
CA ASP A 187 27.15 -16.85 38.31
C ASP A 187 26.41 -15.58 37.92
N ASP A 188 26.71 -15.03 36.75
CA ASP A 188 26.16 -13.76 36.31
C ASP A 188 25.32 -13.89 35.06
N LEU A 189 24.32 -13.02 34.96
CA LEU A 189 23.44 -12.91 33.80
C LEU A 189 23.68 -11.58 33.11
N PHE A 190 23.54 -11.57 31.79
CA PHE A 190 23.78 -10.38 30.97
C PHE A 190 22.56 -10.05 30.17
N ASN A 191 21.78 -9.14 30.73
CA ASN A 191 20.42 -8.89 30.28
C ASN A 191 20.33 -8.36 28.85
N SER A 192 21.40 -7.73 28.37
CA SER A 192 21.46 -7.20 26.98
C SER A 192 21.11 -8.23 25.90
N VAL A 193 21.58 -9.47 26.09
CA VAL A 193 21.29 -10.58 25.16
C VAL A 193 19.78 -10.85 25.06
N GLY A 194 19.15 -10.96 26.24
CA GLY A 194 17.73 -11.27 26.35
C GLY A 194 16.86 -10.13 25.90
N VAL A 195 17.19 -8.92 26.34
CA VAL A 195 16.41 -7.75 25.97
C VAL A 195 16.29 -7.67 24.43
N LYS A 196 17.39 -7.91 23.71
CA LYS A 196 17.39 -7.84 22.26
C LYS A 196 16.86 -9.12 21.61
N LYS A 197 16.62 -10.15 22.40
CA LYS A 197 16.08 -11.45 21.94
C LYS A 197 17.07 -12.15 20.97
N TYR A 198 18.36 -12.00 21.19
CA TYR A 198 19.38 -12.72 20.40
C TYR A 198 19.43 -14.19 20.79
N ARG A 199 19.93 -15.04 19.89
CA ARG A 199 20.16 -16.44 20.27
C ARG A 199 21.15 -16.50 21.43
N TYR A 200 20.88 -17.35 22.42
CA TYR A 200 21.68 -17.36 23.64
C TYR A 200 22.21 -18.73 24.03
N VAL A 201 23.32 -18.72 24.78
CA VAL A 201 23.83 -19.87 25.51
C VAL A 201 24.28 -19.38 26.87
N ALA A 202 24.47 -20.32 27.80
CA ALA A 202 24.97 -20.02 29.13
C ALA A 202 26.05 -21.03 29.49
N ASN A 203 27.20 -20.55 29.94
CA ASN A 203 28.36 -21.43 30.19
C ASN A 203 29.05 -21.07 31.48
N SER A 204 29.98 -21.93 31.88
CA SER A 204 30.70 -21.69 33.11
C SER A 204 31.80 -20.67 32.88
N ASP A 205 32.46 -20.73 31.70
CA ASP A 205 33.79 -20.12 31.49
C ASP A 205 34.75 -20.69 32.56
N PHE A 206 34.75 -22.02 32.71
CA PHE A 206 35.46 -22.72 33.80
C PHE A 206 36.99 -22.48 33.79
N HIS A 207 37.54 -22.21 34.96
CA HIS A 207 38.99 -22.21 35.16
C HIS A 207 39.39 -22.95 36.44
N GLU A 208 38.52 -22.93 37.45
CA GLU A 208 38.76 -23.35 38.82
C GLU A 208 37.64 -24.32 39.24
N LEU A 209 37.93 -25.22 40.17
CA LEU A 209 36.96 -26.25 40.62
C LEU A 209 35.55 -25.68 40.80
N TRP A 210 35.48 -24.59 41.58
CA TRP A 210 34.20 -23.99 41.94
C TRP A 210 33.39 -23.36 40.80
N HIS A 211 33.98 -23.20 39.62
CA HIS A 211 33.22 -22.69 38.44
C HIS A 211 32.36 -23.76 37.80
N VAL A 212 32.39 -24.98 38.32
CA VAL A 212 31.53 -26.04 37.80
C VAL A 212 30.06 -25.73 38.15
N TYR A 213 29.85 -25.12 39.32
CA TYR A 213 28.55 -24.62 39.75
C TYR A 213 28.29 -23.26 39.12
N SER A 214 27.54 -23.23 38.03
CA SER A 214 27.42 -22.01 37.23
C SER A 214 26.20 -22.12 36.38
N TRP A 215 25.91 -21.07 35.62
CA TRP A 215 24.89 -21.13 34.60
C TRP A 215 25.36 -22.08 33.54
N LYS A 216 24.43 -22.93 33.08
CA LYS A 216 24.63 -23.88 31.99
C LYS A 216 23.49 -23.76 30.98
N THR A 217 23.63 -24.42 29.84
CA THR A 217 22.60 -24.44 28.82
C THR A 217 21.87 -25.79 28.85
N LEU A 218 20.55 -25.70 28.89
CA LEU A 218 19.69 -26.86 28.74
C LEU A 218 19.15 -26.82 27.31
N VAL A 219 19.40 -27.86 26.53
CA VAL A 219 18.95 -27.84 25.13
C VAL A 219 18.21 -29.12 24.76
N LYS A 220 17.08 -28.97 24.05
CA LYS A 220 16.31 -30.12 23.59
C LYS A 220 16.88 -30.56 22.27
N SER A 221 17.49 -31.73 22.29
CA SER A 221 18.21 -32.21 21.13
C SER A 221 18.56 -33.71 21.27
N GLU A 222 18.74 -34.39 20.14
CA GLU A 222 19.32 -35.71 20.15
C GLU A 222 20.74 -35.61 20.68
N LYS A 223 21.19 -36.66 21.34
CA LYS A 223 22.48 -36.66 21.97
C LYS A 223 23.58 -36.98 20.94
N ASN A 224 23.76 -36.10 19.96
CA ASN A 224 24.86 -36.18 19.02
C ASN A 224 25.27 -34.77 18.66
N ILE A 225 26.55 -34.61 18.31
CA ILE A 225 27.17 -33.31 18.08
C ILE A 225 26.52 -32.46 16.97
N GLU A 226 26.16 -33.04 15.84
CA GLU A 226 25.50 -32.22 14.81
C GLU A 226 24.14 -31.77 15.29
N ALA A 227 23.41 -32.68 15.96
CA ALA A 227 22.08 -32.33 16.45
C ALA A 227 22.14 -31.20 17.49
N ILE A 228 23.10 -31.27 18.39
CA ILE A 228 23.32 -30.22 19.40
C ILE A 228 23.62 -28.84 18.81
N LYS A 229 24.51 -28.79 17.82
CA LYS A 229 24.85 -27.52 17.18
C LYS A 229 23.63 -26.98 16.47
N GLU A 230 22.85 -27.86 15.84
CA GLU A 230 21.63 -27.42 15.15
C GLU A 230 20.67 -26.78 16.15
N ALA A 231 20.47 -27.44 17.28
CA ALA A 231 19.54 -26.98 18.31
C ALA A 231 19.93 -25.61 18.84
N ILE A 232 21.23 -25.40 19.07
CA ILE A 232 21.74 -24.11 19.54
C ILE A 232 21.54 -23.00 18.51
N ARG A 233 21.96 -23.24 17.27
CA ARG A 233 21.73 -22.31 16.17
C ARG A 233 20.25 -21.90 16.03
N LYS A 234 19.35 -22.87 16.01
CA LYS A 234 17.91 -22.59 15.90
C LYS A 234 17.44 -21.79 17.13
N ASN A 235 17.86 -22.27 18.31
CA ASN A 235 17.72 -21.57 19.58
C ASN A 235 16.29 -21.46 20.06
N THR A 236 15.40 -22.31 19.56
CA THR A 236 13.99 -22.30 20.01
C THR A 236 13.70 -23.27 21.14
N ASP A 237 14.63 -24.17 21.46
CA ASP A 237 14.47 -25.10 22.58
C ASP A 237 15.73 -25.07 23.46
N VAL A 238 16.05 -23.89 23.94
CA VAL A 238 17.24 -23.59 24.68
C VAL A 238 16.83 -22.83 25.93
N ALA A 239 17.25 -23.35 27.09
CA ALA A 239 17.02 -22.69 28.35
C ALA A 239 18.34 -22.52 29.10
N ILE A 240 18.30 -21.75 30.18
CA ILE A 240 19.48 -21.61 30.99
C ILE A 240 19.17 -22.04 32.38
N TYR A 241 20.17 -22.65 32.98
CA TYR A 241 20.03 -23.51 34.12
C TYR A 241 21.18 -23.27 35.06
N LEU A 242 20.90 -23.01 36.32
CA LEU A 242 21.96 -22.66 37.26
C LEU A 242 22.31 -23.88 38.11
N MSE A 243 23.43 -24.52 37.81
CA MSE A 243 23.89 -25.66 38.63
C MSE A 243 24.48 -25.20 39.98
O MSE A 243 25.43 -24.41 40.02
CB MSE A 243 24.93 -26.46 37.87
CG MSE A 243 25.22 -27.80 38.53
SE MSE A 243 26.26 -29.00 37.34
CE MSE A 243 24.88 -29.95 36.61
N ARG A 244 23.89 -25.68 41.07
CA ARG A 244 24.30 -25.27 42.44
C ARG A 244 24.89 -26.46 43.18
N LYS A 245 25.67 -26.21 44.23
CA LYS A 245 26.12 -27.31 45.07
C LYS A 245 24.87 -27.85 45.74
N THR B 17 8.53 -37.83 34.56
CA THR B 17 9.02 -36.42 34.49
C THR B 17 9.54 -36.06 33.09
N GLU B 18 8.78 -35.20 32.43
CA GLU B 18 9.23 -34.46 31.26
C GLU B 18 9.44 -33.01 31.72
N TRP B 19 10.02 -32.17 30.87
CA TRP B 19 10.22 -30.76 31.21
C TRP B 19 8.98 -29.98 30.75
N LEU B 20 8.36 -29.24 31.69
CA LEU B 20 7.13 -28.49 31.43
C LEU B 20 7.39 -27.00 31.34
N LEU B 21 6.70 -26.35 30.39
CA LEU B 21 6.79 -24.92 30.19
C LEU B 21 5.71 -24.26 31.04
N CYS B 22 6.10 -23.30 31.89
CA CYS B 22 5.21 -22.79 32.93
C CYS B 22 5.26 -21.28 33.00
N ASP B 23 4.17 -20.68 33.44
CA ASP B 23 4.14 -19.25 33.68
C ASP B 23 3.27 -19.08 34.91
N PHE B 24 3.88 -18.69 36.01
CA PHE B 24 3.19 -18.66 37.24
C PHE B 24 2.67 -17.28 37.60
N HIS B 25 2.66 -16.33 36.65
CA HIS B 25 2.33 -14.91 36.98
C HIS B 25 1.61 -14.21 35.82
N VAL B 26 0.27 -14.24 35.90
CA VAL B 26 -0.61 -13.93 34.79
C VAL B 26 -1.88 -13.28 35.28
N HIS B 27 -2.26 -12.20 34.61
CA HIS B 27 -3.40 -11.40 35.02
C HIS B 27 -4.48 -11.37 33.94
N THR B 28 -5.74 -11.23 34.37
CA THR B 28 -6.90 -11.06 33.51
C THR B 28 -7.58 -9.74 33.83
N ASN B 29 -8.64 -9.39 33.09
CA ASN B 29 -9.45 -8.19 33.37
C ASN B 29 -10.27 -8.33 34.65
N MSE B 30 -10.21 -9.46 35.33
CA MSE B 30 -10.82 -9.53 36.65
C MSE B 30 -10.04 -8.68 37.66
O MSE B 30 -10.63 -8.23 38.62
CB MSE B 30 -10.96 -10.95 37.17
CG MSE B 30 -12.10 -11.74 36.53
SE MSE B 30 -12.07 -13.66 37.08
CE MSE B 30 -13.33 -13.59 38.50
N SER B 31 -8.74 -8.48 37.44
CA SER B 31 -8.03 -7.39 38.14
C SER B 31 -7.63 -6.31 37.14
N ASP B 32 -6.36 -6.22 36.76
CA ASP B 32 -5.89 -5.10 35.92
C ASP B 32 -5.31 -5.56 34.58
N GLY B 33 -5.51 -6.81 34.21
CA GLY B 33 -5.14 -7.24 32.86
C GLY B 33 -6.14 -6.75 31.83
N HIS B 34 -5.72 -6.79 30.58
CA HIS B 34 -6.55 -6.32 29.47
C HIS B 34 -7.61 -7.30 29.04
N LEU B 35 -7.39 -8.59 29.33
CA LEU B 35 -8.11 -9.64 28.63
C LEU B 35 -8.90 -10.54 29.55
N PRO B 36 -10.05 -11.04 29.04
CA PRO B 36 -10.88 -11.99 29.76
C PRO B 36 -10.21 -13.34 30.06
N LEU B 37 -10.64 -13.95 31.14
CA LEU B 37 -10.13 -15.25 31.55
C LEU B 37 -10.07 -16.27 30.42
N GLY B 38 -11.17 -16.41 29.70
CA GLY B 38 -11.22 -17.40 28.61
C GLY B 38 -10.16 -17.17 27.55
N GLU B 39 -9.98 -15.91 27.19
CA GLU B 39 -9.03 -15.51 26.16
C GLU B 39 -7.56 -15.67 26.62
N VAL B 40 -7.27 -15.36 27.86
CA VAL B 40 -5.93 -15.57 28.42
C VAL B 40 -5.57 -17.07 28.33
N VAL B 41 -6.53 -17.91 28.70
CA VAL B 41 -6.37 -19.36 28.57
C VAL B 41 -6.13 -19.84 27.13
N ASP B 42 -6.91 -19.32 26.17
CA ASP B 42 -6.76 -19.69 24.79
C ASP B 42 -5.38 -19.31 24.23
N LEU B 43 -4.93 -18.12 24.60
CA LEU B 43 -3.64 -17.59 24.17
C LEU B 43 -2.46 -18.44 24.64
N PHE B 44 -2.39 -18.67 25.95
CA PHE B 44 -1.34 -19.46 26.53
C PHE B 44 -1.42 -20.93 26.06
N GLY B 45 -2.65 -21.45 26.03
CA GLY B 45 -2.90 -22.79 25.53
C GLY B 45 -2.40 -22.96 24.10
N LYS B 46 -2.81 -22.08 23.18
CA LYS B 46 -2.41 -22.19 21.78
C LYS B 46 -0.91 -22.00 21.56
N HIS B 47 -0.23 -21.38 22.52
CA HIS B 47 1.21 -21.19 22.43
C HIS B 47 1.97 -22.29 23.18
N GLY B 48 1.31 -23.39 23.52
CA GLY B 48 2.03 -24.54 24.06
C GLY B 48 2.48 -24.45 25.52
N VAL B 49 1.94 -23.50 26.28
CA VAL B 49 2.28 -23.39 27.71
C VAL B 49 1.63 -24.54 28.47
N ASP B 50 2.41 -25.28 29.25
CA ASP B 50 1.92 -26.53 29.85
C ASP B 50 1.21 -26.29 31.15
N VAL B 51 1.66 -25.24 31.83
CA VAL B 51 1.22 -24.92 33.16
C VAL B 51 1.13 -23.43 33.23
N VAL B 52 0.00 -22.93 33.65
CA VAL B 52 -0.16 -21.50 33.86
C VAL B 52 -0.88 -21.33 35.14
N SER B 53 -0.56 -20.26 35.84
CA SER B 53 -1.31 -19.89 37.04
C SER B 53 -1.83 -18.50 36.86
N ILE B 54 -3.12 -18.36 37.14
CA ILE B 54 -3.79 -17.08 37.11
C ILE B 54 -3.66 -16.41 38.48
N THR B 55 -2.98 -15.27 38.47
CA THR B 55 -2.57 -14.57 39.68
C THR B 55 -3.05 -13.12 39.68
N ASP B 56 -4.37 -12.95 39.70
CA ASP B 56 -4.94 -11.61 39.72
C ASP B 56 -4.72 -10.97 41.08
N HIS B 57 -4.70 -9.64 41.08
CA HIS B 57 -4.35 -8.86 42.26
C HIS B 57 -5.46 -8.86 43.30
N ILE B 58 -5.08 -9.16 44.54
CA ILE B 58 -5.77 -8.62 45.69
C ILE B 58 -4.84 -7.55 46.28
N VAL B 59 -5.44 -6.50 46.84
CA VAL B 59 -4.74 -5.26 47.10
C VAL B 59 -4.90 -4.85 48.55
N ASP B 60 -3.91 -4.18 49.12
CA ASP B 60 -4.04 -3.60 50.46
C ASP B 60 -5.14 -2.55 50.49
N ARG B 61 -5.76 -2.40 51.66
CA ARG B 61 -6.95 -1.56 51.82
C ARG B 61 -6.71 -0.08 51.49
N ARG B 62 -5.53 0.46 51.81
CA ARG B 62 -5.23 1.85 51.47
C ARG B 62 -5.38 2.06 49.97
N THR B 63 -4.69 1.23 49.20
CA THR B 63 -4.67 1.33 47.74
C THR B 63 -6.07 1.22 47.11
N LEU B 64 -6.83 0.24 47.60
CA LEU B 64 -8.16 0.04 47.12
C LEU B 64 -9.04 1.27 47.38
N GLU B 65 -8.90 1.88 48.56
CA GLU B 65 -9.76 3.00 48.95
C GLU B 65 -9.34 4.31 48.30
N GLN B 66 -8.04 4.43 48.06
CA GLN B 66 -7.49 5.49 47.22
C GLN B 66 -8.12 5.46 45.81
N ARG B 67 -8.39 4.26 45.31
CA ARG B 67 -8.94 4.10 43.98
C ARG B 67 -10.44 4.38 43.95
N LYS B 68 -11.17 3.76 44.88
CA LYS B 68 -12.60 4.06 45.08
C LYS B 68 -12.89 5.59 45.09
N ARG B 69 -12.14 6.32 45.90
CA ARG B 69 -12.45 7.71 46.16
C ARG B 69 -12.07 8.65 45.03
N ASN B 70 -11.07 8.27 44.25
CA ASN B 70 -10.69 9.01 43.03
C ASN B 70 -11.46 8.53 41.79
N GLY B 71 -12.36 7.58 42.00
CA GLY B 71 -13.13 6.96 40.91
C GLY B 71 -12.27 6.19 39.92
N GLU B 72 -11.11 5.75 40.36
CA GLU B 72 -10.22 4.95 39.54
C GLU B 72 -10.70 3.50 39.56
N PRO B 73 -10.38 2.73 38.50
CA PRO B 73 -10.74 1.33 38.56
C PRO B 73 -9.99 0.57 39.66
N LEU B 74 -10.66 -0.36 40.30
CA LEU B 74 -10.06 -1.07 41.41
C LEU B 74 -8.87 -1.92 41.01
N GLY B 75 -8.91 -2.50 39.81
CA GLY B 75 -7.81 -3.31 39.33
C GLY B 75 -7.49 -4.45 40.29
N ALA B 76 -8.52 -4.94 40.98
CA ALA B 76 -8.30 -6.00 41.97
C ALA B 76 -9.57 -6.74 42.25
N ILE B 77 -9.41 -7.92 42.84
CA ILE B 77 -10.49 -8.69 43.35
C ILE B 77 -10.69 -8.32 44.81
N THR B 78 -11.94 -8.02 45.17
CA THR B 78 -12.28 -7.62 46.53
C THR B 78 -12.40 -8.85 47.40
N GLU B 79 -12.25 -8.69 48.71
CA GLU B 79 -12.42 -9.83 49.61
C GLU B 79 -13.79 -10.47 49.44
N ASP B 80 -14.81 -9.66 49.21
CA ASP B 80 -16.17 -10.19 49.03
C ASP B 80 -16.30 -11.11 47.81
N LYS B 81 -15.53 -10.86 46.76
CA LYS B 81 -15.66 -11.58 45.49
C LYS B 81 -14.60 -12.64 45.26
N PHE B 82 -13.72 -12.83 46.22
CA PHE B 82 -12.59 -13.73 46.05
C PHE B 82 -13.00 -15.20 45.81
N GLN B 83 -14.04 -15.62 46.50
CA GLN B 83 -14.55 -16.97 46.38
C GLN B 83 -15.14 -17.18 44.96
N ASP B 84 -15.91 -16.22 44.49
CA ASP B 84 -16.43 -16.23 43.12
C ASP B 84 -15.28 -16.25 42.09
N TYR B 85 -14.22 -15.51 42.37
CA TYR B 85 -13.00 -15.53 41.56
C TYR B 85 -12.35 -16.93 41.48
N LEU B 86 -12.11 -17.58 42.62
CA LEU B 86 -11.55 -18.94 42.62
C LEU B 86 -12.50 -19.94 41.94
N LYS B 87 -13.81 -19.77 42.14
CA LYS B 87 -14.81 -20.57 41.44
C LYS B 87 -14.70 -20.47 39.92
N ARG B 88 -14.50 -19.27 39.39
CA ARG B 88 -14.22 -19.13 37.96
C ARG B 88 -12.95 -19.87 37.53
N LEU B 89 -11.91 -19.81 38.34
CA LEU B 89 -10.69 -20.52 38.01
C LEU B 89 -10.86 -22.03 38.13
N TRP B 90 -11.57 -22.51 39.16
CA TRP B 90 -11.90 -23.94 39.25
C TRP B 90 -12.58 -24.44 37.98
N ARG B 91 -13.56 -23.69 37.49
CA ARG B 91 -14.23 -24.06 36.23
C ARG B 91 -13.29 -24.00 35.04
N GLU B 92 -12.43 -22.98 34.95
CA GLU B 92 -11.49 -22.88 33.82
C GLU B 92 -10.44 -23.98 33.81
N GLN B 93 -10.14 -24.57 34.97
CA GLN B 93 -9.25 -25.74 35.04
C GLN B 93 -9.71 -26.84 34.10
N LYS B 94 -11.02 -27.09 34.12
CA LYS B 94 -11.66 -28.04 33.22
C LYS B 94 -11.46 -27.67 31.75
N ARG B 95 -11.73 -26.43 31.38
CA ARG B 95 -11.66 -26.09 29.95
C ARG B 95 -10.22 -26.12 29.46
N ALA B 96 -9.32 -25.61 30.28
CA ALA B 96 -7.89 -25.55 30.00
C ALA B 96 -7.32 -26.93 29.80
N TRP B 97 -7.74 -27.88 30.62
CA TRP B 97 -7.33 -29.27 30.45
C TRP B 97 -7.96 -29.93 29.22
N GLU B 98 -9.28 -29.89 29.10
CA GLU B 98 -9.95 -30.60 28.01
C GLU B 98 -9.53 -30.09 26.63
N GLU B 99 -9.31 -28.77 26.50
CA GLU B 99 -9.00 -28.14 25.21
C GLU B 99 -7.52 -28.15 24.86
N TYR B 100 -6.64 -28.05 25.85
CA TYR B 100 -5.21 -27.87 25.61
C TYR B 100 -4.31 -28.82 26.37
N GLY B 101 -4.85 -29.72 27.17
CA GLY B 101 -4.00 -30.48 28.07
C GLY B 101 -3.10 -29.57 28.89
N MSE B 102 -3.62 -28.43 29.30
CA MSE B 102 -2.88 -27.48 30.11
C MSE B 102 -3.35 -27.51 31.54
O MSE B 102 -4.55 -27.59 31.80
CB MSE B 102 -3.11 -26.07 29.59
CG MSE B 102 -2.25 -24.98 30.25
SE MSE B 102 -2.48 -23.25 29.22
CE MSE B 102 -4.16 -22.70 30.08
N ILE B 103 -2.41 -27.40 32.46
CA ILE B 103 -2.68 -27.31 33.85
C ILE B 103 -2.86 -25.84 34.25
N LEU B 104 -4.08 -25.48 34.59
CA LEU B 104 -4.36 -24.16 35.14
C LEU B 104 -4.37 -24.24 36.67
N ILE B 105 -3.67 -23.34 37.34
CA ILE B 105 -3.59 -23.33 38.79
C ILE B 105 -4.14 -22.01 39.33
N PRO B 106 -5.20 -22.07 40.15
CA PRO B 106 -5.66 -20.84 40.78
C PRO B 106 -4.58 -20.21 41.66
N GLY B 107 -4.36 -18.91 41.47
CA GLY B 107 -3.43 -18.19 42.29
C GLY B 107 -3.88 -16.76 42.50
N VAL B 108 -2.96 -15.96 43.00
CA VAL B 108 -3.24 -14.59 43.35
C VAL B 108 -1.92 -13.84 43.47
N GLU B 109 -1.94 -12.57 43.10
CA GLU B 109 -0.86 -11.67 43.44
C GLU B 109 -1.29 -10.80 44.62
N ILE B 110 -0.73 -11.11 45.78
CA ILE B 110 -0.96 -10.34 46.99
C ILE B 110 -0.15 -9.07 46.88
N THR B 111 -0.84 -7.95 46.76
CA THR B 111 -0.22 -6.73 46.29
C THR B 111 -0.28 -5.62 47.34
N ASN B 112 0.84 -5.34 47.98
CA ASN B 112 0.90 -4.22 48.92
C ASN B 112 1.69 -3.05 48.37
N ASN B 113 0.99 -1.99 47.98
CA ASN B 113 1.62 -0.80 47.41
C ASN B 113 2.00 0.22 48.44
N THR B 114 1.42 0.10 49.63
CA THR B 114 1.79 0.94 50.74
C THR B 114 3.17 0.56 51.25
N ASP B 115 3.40 -0.73 51.56
CA ASP B 115 4.73 -1.20 52.00
C ASP B 115 5.61 -1.77 50.87
N LEU B 116 5.08 -1.83 49.65
CA LEU B 116 5.83 -2.21 48.45
C LEU B 116 6.40 -3.64 48.46
N TYR B 117 5.49 -4.60 48.64
CA TYR B 117 5.80 -5.99 48.44
C TYR B 117 4.66 -6.66 47.70
N HIS B 118 5.03 -7.33 46.61
CA HIS B 118 4.14 -8.09 45.80
C HIS B 118 4.54 -9.55 45.95
N ILE B 119 3.59 -10.38 46.34
CA ILE B 119 3.87 -11.77 46.63
C ILE B 119 2.93 -12.62 45.81
N VAL B 120 3.47 -13.48 44.94
CA VAL B 120 2.63 -14.38 44.14
C VAL B 120 2.45 -15.71 44.85
N ALA B 121 1.18 -16.12 45.01
CA ALA B 121 0.89 -17.44 45.55
C ALA B 121 0.18 -18.29 44.50
N VAL B 122 0.71 -19.49 44.33
CA VAL B 122 0.20 -20.45 43.40
C VAL B 122 -0.46 -21.58 44.17
N ASP B 123 -1.68 -21.91 43.74
CA ASP B 123 -2.54 -22.92 44.37
C ASP B 123 -3.10 -22.42 45.69
N VAL B 124 -3.69 -21.25 45.60
CA VAL B 124 -4.31 -20.57 46.72
C VAL B 124 -5.77 -21.04 46.89
N LYS B 125 -6.25 -21.00 48.13
CA LYS B 125 -7.62 -21.42 48.41
C LYS B 125 -8.40 -20.42 49.27
N GLU B 126 -7.73 -19.50 49.94
CA GLU B 126 -8.41 -18.50 50.76
C GLU B 126 -7.71 -17.17 50.60
N TYR B 127 -8.51 -16.12 50.63
CA TYR B 127 -8.06 -14.74 50.71
C TYR B 127 -7.08 -14.56 51.87
N VAL B 128 -6.00 -13.82 51.63
CA VAL B 128 -5.07 -13.36 52.66
C VAL B 128 -4.93 -11.84 52.53
N ASP B 129 -5.18 -11.16 53.64
CA ASP B 129 -5.05 -9.70 53.74
C ASP B 129 -3.64 -9.19 53.38
N PRO B 130 -3.51 -8.49 52.22
CA PRO B 130 -2.20 -7.98 51.75
C PRO B 130 -1.54 -6.95 52.68
N SER B 131 -2.34 -6.38 53.58
CA SER B 131 -1.87 -5.42 54.60
C SER B 131 -1.14 -6.04 55.81
N LEU B 132 -1.11 -7.38 55.89
CA LEU B 132 -0.42 -8.09 56.97
C LEU B 132 1.06 -8.17 56.64
N PRO B 133 1.90 -8.30 57.68
CA PRO B 133 3.36 -8.41 57.47
C PRO B 133 3.69 -9.57 56.56
N VAL B 134 4.86 -9.52 55.95
CA VAL B 134 5.27 -10.53 54.99
C VAL B 134 5.25 -11.93 55.59
N GLU B 135 5.79 -12.08 56.79
CA GLU B 135 5.86 -13.40 57.42
C GLU B 135 4.48 -14.00 57.73
N GLU B 136 3.52 -13.16 58.09
CA GLU B 136 2.18 -13.65 58.37
C GLU B 136 1.43 -14.03 57.12
N ILE B 137 1.53 -13.20 56.08
CA ILE B 137 1.01 -13.59 54.78
C ILE B 137 1.53 -14.98 54.39
N VAL B 138 2.84 -15.18 54.55
CA VAL B 138 3.49 -16.38 54.00
C VAL B 138 3.14 -17.60 54.82
N GLU B 139 3.05 -17.42 56.13
CA GLU B 139 2.64 -18.47 57.03
C GLU B 139 1.22 -18.88 56.69
N LYS B 140 0.35 -17.91 56.44
CA LYS B 140 -1.03 -18.17 55.99
C LYS B 140 -1.07 -18.99 54.68
N LEU B 141 -0.27 -18.61 53.71
CA LEU B 141 -0.27 -19.29 52.41
C LEU B 141 0.28 -20.71 52.53
N LYS B 142 1.27 -20.88 53.40
CA LYS B 142 1.82 -22.21 53.65
C LYS B 142 0.80 -23.11 54.35
N GLU B 143 -0.02 -22.54 55.22
CA GLU B 143 -1.15 -23.28 55.80
C GLU B 143 -2.16 -23.75 54.75
N GLN B 144 -2.26 -23.05 53.64
CA GLN B 144 -3.08 -23.49 52.52
C GLN B 144 -2.39 -24.49 51.58
N ASN B 145 -1.12 -24.80 51.87
CA ASN B 145 -0.22 -25.55 50.96
C ASN B 145 -0.13 -24.89 49.60
N ALA B 146 -0.03 -23.57 49.60
CA ALA B 146 0.27 -22.83 48.38
C ALA B 146 1.79 -22.70 48.22
N LEU B 147 2.21 -22.50 46.98
CA LEU B 147 3.56 -22.14 46.59
C LEU B 147 3.73 -20.62 46.67
N VAL B 148 4.83 -20.15 47.24
CA VAL B 148 4.98 -18.71 47.55
C VAL B 148 6.18 -18.08 46.87
N ILE B 149 5.89 -17.13 46.00
CA ILE B 149 6.88 -16.49 45.15
C ILE B 149 7.00 -14.99 45.47
N ALA B 150 8.23 -14.56 45.78
CA ALA B 150 8.60 -13.15 45.77
C ALA B 150 8.62 -12.60 44.34
N ALA B 151 7.66 -11.75 43.98
CA ALA B 151 7.61 -11.19 42.64
C ALA B 151 8.54 -10.00 42.58
N HIS B 152 9.08 -9.75 41.39
CA HIS B 152 10.05 -8.69 41.18
C HIS B 152 9.32 -7.62 40.40
N PRO B 153 9.50 -6.34 40.78
CA PRO B 153 8.84 -5.33 39.93
C PRO B 153 9.31 -5.47 38.46
N ASP B 154 8.37 -5.38 37.51
CA ASP B 154 8.74 -5.33 36.09
C ASP B 154 9.55 -4.05 35.80
N ARG B 155 10.39 -4.12 34.76
CA ARG B 155 11.34 -3.03 34.43
C ARG B 155 10.73 -1.64 34.38
N LYS B 156 9.58 -1.49 33.72
CA LYS B 156 8.92 -0.17 33.53
C LYS B 156 8.65 0.56 34.85
N TRP B 165 11.51 -1.18 47.27
CA TRP B 165 10.80 -2.48 47.15
C TRP B 165 11.28 -3.43 48.23
N TYR B 166 10.35 -3.75 49.12
CA TYR B 166 10.69 -4.20 50.45
C TYR B 166 11.38 -5.54 50.48
N LEU B 167 10.88 -6.49 49.68
CA LEU B 167 11.46 -7.84 49.61
C LEU B 167 12.88 -7.78 49.08
N TRP B 168 13.06 -7.00 48.01
CA TRP B 168 14.34 -6.93 47.29
C TRP B 168 15.39 -6.11 48.00
N ALA B 169 14.95 -5.28 48.95
CA ALA B 169 15.84 -4.52 49.83
C ALA B 169 16.28 -5.34 51.04
N ASN B 170 15.58 -6.43 51.30
CA ASN B 170 15.80 -7.20 52.52
C ASN B 170 15.79 -8.67 52.16
N MSE B 171 16.64 -9.03 51.20
CA MSE B 171 16.70 -10.39 50.71
C MSE B 171 17.25 -11.39 51.73
O MSE B 171 16.77 -12.52 51.80
CB MSE B 171 17.53 -10.44 49.42
CG MSE B 171 16.90 -9.62 48.31
SE MSE B 171 17.70 -10.02 46.56
CE MSE B 171 18.76 -8.33 46.27
N GLU B 172 18.26 -10.99 52.50
CA GLU B 172 18.84 -11.88 53.50
C GLU B 172 17.80 -12.24 54.57
N ARG B 173 17.15 -11.23 55.11
CA ARG B 173 15.94 -11.40 55.94
C ARG B 173 14.97 -12.45 55.39
N PHE B 174 14.66 -12.39 54.10
CA PHE B 174 13.63 -13.27 53.50
C PHE B 174 14.18 -14.53 52.73
N LYS B 175 15.45 -14.83 52.93
CA LYS B 175 16.13 -16.04 52.40
C LYS B 175 15.37 -17.40 52.61
N ASP B 176 14.85 -17.66 53.81
CA ASP B 176 14.12 -18.91 54.02
C ASP B 176 12.61 -18.71 53.94
N THR B 177 12.19 -17.54 53.49
CA THR B 177 10.78 -17.17 53.55
C THR B 177 10.06 -17.64 52.31
N PHE B 178 10.64 -17.38 51.15
CA PHE B 178 9.96 -17.72 49.91
C PHE B 178 10.42 -19.05 49.34
N ASP B 179 9.52 -19.70 48.63
CA ASP B 179 9.87 -20.92 47.91
C ASP B 179 10.73 -20.60 46.70
N ALA B 180 10.50 -19.44 46.10
CA ALA B 180 11.26 -19.02 44.94
C ALA B 180 11.12 -17.52 44.79
N TRP B 181 12.10 -16.92 44.09
CA TRP B 181 12.13 -15.48 43.77
C TRP B 181 12.08 -15.27 42.27
N GLU B 182 11.42 -14.20 41.82
CA GLU B 182 11.42 -13.90 40.40
C GLU B 182 12.80 -13.45 39.91
N ILE B 183 13.43 -14.29 39.09
CA ILE B 183 14.69 -13.97 38.46
C ILE B 183 14.46 -13.33 37.08
N ALA B 184 13.25 -13.47 36.57
CA ALA B 184 12.94 -12.96 35.26
C ALA B 184 11.48 -12.61 35.20
N ASN B 185 11.17 -11.59 34.42
CA ASN B 185 9.89 -10.98 34.39
C ASN B 185 9.82 -10.26 33.03
N ARG B 186 8.72 -10.44 32.30
CA ARG B 186 8.57 -9.93 30.94
C ARG B 186 9.77 -10.29 30.06
N ASP B 187 10.54 -9.28 29.65
CA ASP B 187 11.76 -9.49 28.85
C ASP B 187 13.05 -9.28 29.65
N ASP B 188 12.93 -9.14 30.96
CA ASP B 188 14.05 -8.81 31.79
C ASP B 188 14.48 -9.91 32.77
N LEU B 189 15.80 -10.05 32.88
CA LEU B 189 16.49 -10.86 33.86
C LEU B 189 16.98 -10.00 34.99
N PHE B 190 17.03 -10.58 36.17
CA PHE B 190 17.44 -9.86 37.38
C PHE B 190 18.57 -10.61 38.04
N ASN B 191 19.78 -10.12 37.79
CA ASN B 191 20.98 -10.79 38.20
C ASN B 191 21.07 -11.09 39.73
N SER B 192 20.42 -10.26 40.55
CA SER B 192 20.50 -10.38 42.02
C SER B 192 20.04 -11.71 42.62
N VAL B 193 19.06 -12.35 41.99
CA VAL B 193 18.60 -13.67 42.44
C VAL B 193 19.68 -14.71 42.11
N GLY B 194 20.23 -14.61 40.89
CA GLY B 194 21.22 -15.57 40.40
C GLY B 194 22.51 -15.49 41.17
N VAL B 195 23.00 -14.26 41.33
CA VAL B 195 24.22 -14.02 42.09
C VAL B 195 24.16 -14.60 43.51
N LYS B 196 23.03 -14.43 44.20
CA LYS B 196 22.86 -14.95 45.55
C LYS B 196 22.49 -16.43 45.59
N LYS B 197 22.23 -17.02 44.42
CA LYS B 197 21.94 -18.46 44.30
C LYS B 197 20.58 -18.82 44.91
N TYR B 198 19.72 -17.82 45.00
CA TYR B 198 18.36 -18.03 45.49
C TYR B 198 17.59 -18.99 44.57
N ARG B 199 16.52 -19.57 45.08
CA ARG B 199 15.63 -20.35 44.25
C ARG B 199 14.90 -19.38 43.35
N TYR B 200 14.65 -19.79 42.11
CA TYR B 200 14.19 -18.89 41.08
C TYR B 200 13.04 -19.48 40.29
N VAL B 201 12.20 -18.58 39.77
CA VAL B 201 11.21 -18.84 38.69
C VAL B 201 11.28 -17.63 37.78
N ALA B 202 10.69 -17.77 36.60
CA ALA B 202 10.67 -16.73 35.57
C ALA B 202 9.28 -16.74 35.00
N ASN B 203 8.67 -15.57 34.92
CA ASN B 203 7.26 -15.50 34.53
C ASN B 203 7.07 -14.32 33.61
N SER B 204 5.89 -14.25 33.01
CA SER B 204 5.58 -13.18 32.10
C SER B 204 5.11 -11.92 32.80
N ASP B 205 4.48 -12.08 33.98
CA ASP B 205 3.70 -11.01 34.59
C ASP B 205 2.70 -10.41 33.55
N PHE B 206 1.97 -11.29 32.88
CA PHE B 206 1.11 -10.95 31.75
C PHE B 206 -0.03 -10.02 32.15
N HIS B 207 -0.18 -8.91 31.43
CA HIS B 207 -1.36 -8.06 31.47
C HIS B 207 -2.00 -7.92 30.07
N GLU B 208 -1.17 -7.87 29.03
CA GLU B 208 -1.64 -7.73 27.64
C GLU B 208 -1.01 -8.71 26.67
N LEU B 209 -1.71 -8.89 25.55
CA LEU B 209 -1.43 -9.96 24.58
C LEU B 209 0.04 -10.25 24.29
N TRP B 210 0.80 -9.21 23.97
CA TRP B 210 2.19 -9.40 23.58
C TRP B 210 3.10 -9.85 24.72
N HIS B 211 2.65 -9.71 25.96
CA HIS B 211 3.37 -10.25 27.11
C HIS B 211 3.44 -11.77 27.12
N VAL B 212 2.64 -12.43 26.28
CA VAL B 212 2.69 -13.90 26.21
C VAL B 212 4.10 -14.37 25.88
N TYR B 213 4.81 -13.62 25.03
CA TYR B 213 6.22 -13.87 24.72
C TYR B 213 7.10 -13.22 25.82
N SER B 214 7.77 -14.03 26.63
CA SER B 214 8.41 -13.55 27.83
C SER B 214 9.32 -14.65 28.30
N TRP B 215 10.07 -14.36 29.36
CA TRP B 215 10.79 -15.42 30.06
C TRP B 215 9.76 -16.29 30.74
N LYS B 216 9.96 -17.61 30.66
CA LYS B 216 9.14 -18.59 31.34
C LYS B 216 10.03 -19.55 32.13
N THR B 217 9.39 -20.41 32.92
CA THR B 217 10.07 -21.40 33.71
C THR B 217 9.92 -22.76 33.01
N LEU B 218 11.00 -23.51 32.90
CA LEU B 218 10.97 -24.88 32.43
C LEU B 218 11.26 -25.69 33.66
N VAL B 219 10.42 -26.69 33.94
CA VAL B 219 10.55 -27.46 35.19
C VAL B 219 10.39 -28.92 34.88
N LYS B 220 11.31 -29.72 35.41
CA LYS B 220 11.24 -31.16 35.23
C LYS B 220 10.35 -31.69 36.33
N SER B 221 9.19 -32.20 35.95
CA SER B 221 8.17 -32.56 36.91
C SER B 221 7.13 -33.45 36.27
N GLU B 222 6.59 -34.38 37.07
CA GLU B 222 5.33 -35.03 36.74
C GLU B 222 4.32 -33.92 36.53
N LYS B 223 3.42 -34.10 35.59
CA LYS B 223 2.48 -33.08 35.17
C LYS B 223 1.23 -33.12 36.07
N ASN B 224 1.45 -32.80 37.35
CA ASN B 224 0.35 -32.61 38.31
C ASN B 224 0.71 -31.51 39.29
N ILE B 225 -0.28 -30.87 39.88
CA ILE B 225 -0.04 -29.69 40.67
C ILE B 225 0.85 -29.89 41.89
N GLU B 226 0.65 -30.96 42.66
CA GLU B 226 1.55 -31.18 43.79
C GLU B 226 2.99 -31.37 43.32
N ALA B 227 3.18 -32.10 42.22
CA ALA B 227 4.53 -32.39 41.74
C ALA B 227 5.19 -31.08 41.30
N ILE B 228 4.47 -30.29 40.53
CA ILE B 228 4.97 -29.01 40.09
C ILE B 228 5.41 -28.11 41.25
N LYS B 229 4.54 -27.89 42.22
CA LYS B 229 4.94 -27.13 43.42
C LYS B 229 6.21 -27.67 44.10
N GLU B 230 6.29 -28.98 44.31
CA GLU B 230 7.48 -29.62 44.89
C GLU B 230 8.74 -29.29 44.08
N ALA B 231 8.63 -29.32 42.76
CA ALA B 231 9.78 -29.18 41.87
C ALA B 231 10.29 -27.75 41.91
N ILE B 232 9.39 -26.78 41.89
CA ILE B 232 9.77 -25.39 42.11
C ILE B 232 10.43 -25.19 43.48
N ARG B 233 9.84 -25.75 44.52
CA ARG B 233 10.38 -25.60 45.87
C ARG B 233 11.80 -26.21 45.95
N LYS B 234 11.96 -27.46 45.52
CA LYS B 234 13.30 -28.08 45.43
C LYS B 234 14.28 -27.24 44.59
N ASN B 235 13.80 -26.84 43.41
CA ASN B 235 14.51 -25.91 42.53
C ASN B 235 15.79 -26.48 41.92
N THR B 236 15.95 -27.80 41.88
CA THR B 236 17.17 -28.41 41.35
C THR B 236 17.01 -28.72 39.85
N ASP B 237 15.77 -28.78 39.38
CA ASP B 237 15.45 -29.04 37.97
C ASP B 237 14.49 -27.99 37.39
N VAL B 238 14.93 -26.74 37.43
CA VAL B 238 14.16 -25.59 37.02
C VAL B 238 15.11 -24.76 36.17
N ALA B 239 14.72 -24.46 34.94
CA ALA B 239 15.50 -23.56 34.06
C ALA B 239 14.62 -22.41 33.63
N ILE B 240 15.21 -21.45 32.93
CA ILE B 240 14.45 -20.32 32.42
C ILE B 240 14.61 -20.22 30.91
N TYR B 241 13.51 -19.85 30.27
CA TYR B 241 13.32 -20.09 28.85
C TYR B 241 12.62 -18.87 28.30
N LEU B 242 13.10 -18.37 27.19
CA LEU B 242 12.56 -17.15 26.62
C LEU B 242 11.72 -17.52 25.44
N MSE B 243 10.42 -17.36 25.55
CA MSE B 243 9.54 -17.65 24.45
C MSE B 243 9.45 -16.45 23.50
O MSE B 243 9.15 -15.35 23.91
CB MSE B 243 8.16 -18.02 24.97
CG MSE B 243 7.41 -18.93 24.04
SE MSE B 243 5.58 -19.14 24.63
CE MSE B 243 5.65 -20.84 25.35
N ARG B 244 9.74 -16.67 22.23
CA ARG B 244 9.79 -15.60 21.24
C ARG B 244 8.78 -15.81 20.12
N LYS B 245 8.41 -14.73 19.45
CA LYS B 245 7.44 -14.80 18.36
C LYS B 245 7.90 -15.80 17.28
N THR C 17 6.87 21.41 2.54
CA THR C 17 8.13 21.32 1.76
C THR C 17 9.29 21.97 2.51
N GLU C 18 10.02 21.14 3.26
CA GLU C 18 11.39 21.44 3.64
C GLU C 18 12.30 20.50 2.81
N TRP C 19 13.61 20.67 2.95
CA TRP C 19 14.57 19.91 2.16
C TRP C 19 14.93 18.66 2.96
N LEU C 20 14.74 17.51 2.33
CA LEU C 20 14.94 16.22 2.95
C LEU C 20 16.25 15.68 2.46
N LEU C 21 16.99 15.03 3.35
CA LEU C 21 18.22 14.30 3.04
C LEU C 21 17.94 12.82 2.76
N CYS C 22 18.41 12.34 1.61
CA CYS C 22 17.96 11.08 1.04
C CYS C 22 19.09 10.25 0.53
N ASP C 23 18.93 8.93 0.67
CA ASP C 23 19.83 7.97 0.05
C ASP C 23 19.01 6.85 -0.57
N PHE C 24 19.04 6.78 -1.90
CA PHE C 24 18.15 5.87 -2.61
C PHE C 24 18.84 4.59 -3.05
N HIS C 25 20.02 4.30 -2.49
CA HIS C 25 20.85 3.21 -3.03
C HIS C 25 21.72 2.63 -1.92
N VAL C 26 21.15 1.66 -1.22
CA VAL C 26 21.75 1.10 -0.03
C VAL C 26 21.53 -0.44 0.00
N HIS C 27 22.58 -1.19 0.33
CA HIS C 27 22.52 -2.64 0.37
C HIS C 27 22.79 -3.22 1.78
N THR C 28 22.22 -4.39 2.02
CA THR C 28 22.34 -5.10 3.28
C THR C 28 22.90 -6.46 3.01
N ASN C 29 23.24 -7.16 4.08
CA ASN C 29 23.70 -8.54 3.99
C ASN C 29 22.66 -9.52 3.41
N MSE C 30 21.46 -9.03 3.05
CA MSE C 30 20.47 -9.85 2.36
C MSE C 30 20.86 -10.06 0.90
O MSE C 30 20.54 -11.10 0.30
CB MSE C 30 19.05 -9.27 2.49
CG MSE C 30 18.42 -9.39 3.89
SE MSE C 30 16.58 -8.58 4.09
CE MSE C 30 15.60 -10.06 3.41
N SER C 31 21.58 -9.11 0.31
CA SER C 31 22.23 -9.38 -0.99
C SER C 31 23.72 -9.46 -0.77
N ASP C 32 24.44 -8.39 -1.07
CA ASP C 32 25.90 -8.44 -0.95
C ASP C 32 26.49 -7.36 -0.05
N GLY C 33 25.64 -6.71 0.74
CA GLY C 33 26.13 -5.79 1.76
C GLY C 33 26.75 -6.55 2.90
N HIS C 34 27.52 -5.85 3.72
CA HIS C 34 28.26 -6.47 4.83
C HIS C 34 27.40 -6.52 6.13
N LEU C 35 26.35 -5.70 6.19
CA LEU C 35 25.68 -5.40 7.42
C LEU C 35 24.23 -5.87 7.54
N PRO C 36 23.83 -6.32 8.75
CA PRO C 36 22.42 -6.55 9.06
C PRO C 36 21.55 -5.35 8.70
N LEU C 37 20.35 -5.66 8.20
CA LEU C 37 19.30 -4.69 7.91
C LEU C 37 19.08 -3.71 9.06
N GLY C 38 18.88 -4.24 10.27
CA GLY C 38 18.66 -3.42 11.48
C GLY C 38 19.75 -2.39 11.74
N GLU C 39 20.99 -2.82 11.60
CA GLU C 39 22.17 -1.93 11.65
C GLU C 39 22.19 -0.81 10.62
N VAL C 40 21.95 -1.18 9.38
CA VAL C 40 21.87 -0.21 8.29
C VAL C 40 20.87 0.87 8.65
N VAL C 41 19.68 0.44 9.04
CA VAL C 41 18.65 1.39 9.42
C VAL C 41 19.09 2.29 10.60
N ASP C 42 19.67 1.69 11.63
CA ASP C 42 20.18 2.44 12.78
C ASP C 42 21.27 3.46 12.44
N LEU C 43 22.17 3.04 11.57
CA LEU C 43 23.24 3.90 11.09
C LEU C 43 22.72 5.15 10.32
N PHE C 44 21.80 4.93 9.37
CA PHE C 44 21.22 6.04 8.63
C PHE C 44 20.32 6.91 9.52
N GLY C 45 19.57 6.24 10.39
CA GLY C 45 18.71 6.93 11.33
C GLY C 45 19.50 7.88 12.20
N LYS C 46 20.51 7.35 12.90
CA LYS C 46 21.31 8.17 13.82
C LYS C 46 22.18 9.23 13.13
N HIS C 47 22.47 9.07 11.84
CA HIS C 47 23.13 10.13 11.05
C HIS C 47 22.14 11.16 10.46
N GLY C 48 20.86 11.04 10.80
CA GLY C 48 19.87 12.06 10.45
C GLY C 48 19.44 12.05 8.99
N VAL C 49 19.64 10.94 8.30
CA VAL C 49 19.04 10.77 6.97
C VAL C 49 17.50 10.74 7.12
N ASP C 50 16.82 11.54 6.32
CA ASP C 50 15.36 11.63 6.38
C ASP C 50 14.65 10.55 5.61
N VAL C 51 15.27 10.10 4.52
CA VAL C 51 14.64 9.15 3.60
C VAL C 51 15.73 8.18 3.20
N VAL C 52 15.47 6.89 3.37
CA VAL C 52 16.39 5.84 2.86
C VAL C 52 15.58 4.82 2.11
N SER C 53 16.13 4.33 1.01
CA SER C 53 15.58 3.15 0.31
C SER C 53 16.58 1.99 0.34
N ILE C 54 16.12 0.84 0.82
CA ILE C 54 16.92 -0.40 0.79
C ILE C 54 16.74 -1.05 -0.57
N THR C 55 17.85 -1.17 -1.29
CA THR C 55 17.86 -1.61 -2.68
C THR C 55 18.79 -2.83 -2.90
N ASP C 56 18.50 -3.93 -2.22
CA ASP C 56 19.32 -5.13 -2.40
C ASP C 56 19.15 -5.69 -3.81
N HIS C 57 20.13 -6.46 -4.24
CA HIS C 57 20.19 -6.93 -5.61
C HIS C 57 19.20 -8.05 -5.91
N ILE C 58 18.56 -7.92 -7.06
CA ILE C 58 18.06 -9.08 -7.79
C ILE C 58 18.85 -9.15 -9.12
N VAL C 59 19.17 -10.38 -9.55
CA VAL C 59 20.23 -10.60 -10.52
C VAL C 59 19.77 -11.46 -11.70
N ASP C 60 20.26 -11.17 -12.90
CA ASP C 60 19.83 -11.93 -14.07
C ASP C 60 20.09 -13.42 -13.92
N ARG C 61 19.18 -14.22 -14.45
CA ARG C 61 19.26 -15.69 -14.44
C ARG C 61 20.67 -16.21 -14.71
N ARG C 62 21.26 -15.72 -15.79
CA ARG C 62 22.55 -16.24 -16.29
C ARG C 62 23.64 -16.05 -15.25
N THR C 63 23.65 -14.88 -14.63
CA THR C 63 24.59 -14.56 -13.55
C THR C 63 24.38 -15.45 -12.32
N LEU C 64 23.13 -15.67 -11.94
CA LEU C 64 22.81 -16.55 -10.82
C LEU C 64 23.24 -17.98 -11.09
N GLU C 65 22.97 -18.48 -12.29
CA GLU C 65 23.39 -19.83 -12.68
C GLU C 65 24.91 -19.98 -12.60
N GLN C 66 25.60 -18.98 -13.15
CA GLN C 66 27.07 -18.93 -13.14
C GLN C 66 27.64 -18.99 -11.74
N ARG C 67 27.00 -18.28 -10.81
CA ARG C 67 27.44 -18.22 -9.42
C ARG C 67 27.20 -19.51 -8.68
N LYS C 68 26.00 -20.07 -8.87
CA LYS C 68 25.66 -21.39 -8.30
C LYS C 68 26.70 -22.41 -8.77
N ARG C 69 26.97 -22.36 -10.07
CA ARG C 69 27.90 -23.25 -10.75
C ARG C 69 29.34 -23.14 -10.24
N ASN C 70 29.79 -21.92 -9.94
CA ASN C 70 31.14 -21.69 -9.41
C ASN C 70 31.22 -21.81 -7.88
N GLY C 71 30.11 -22.19 -7.23
CA GLY C 71 30.04 -22.20 -5.77
C GLY C 71 30.28 -20.83 -5.12
N GLU C 72 29.97 -19.74 -5.83
CA GLU C 72 30.09 -18.40 -5.26
C GLU C 72 28.79 -18.05 -4.51
N PRO C 73 28.87 -17.08 -3.56
CA PRO C 73 27.65 -16.53 -3.00
C PRO C 73 26.80 -15.86 -4.06
N LEU C 74 25.49 -16.04 -3.96
CA LEU C 74 24.55 -15.43 -4.91
C LEU C 74 24.52 -13.91 -4.80
N GLY C 75 24.74 -13.38 -3.60
CA GLY C 75 24.69 -11.95 -3.36
C GLY C 75 23.45 -11.30 -3.97
N ALA C 76 22.34 -12.03 -3.90
CA ALA C 76 21.09 -11.56 -4.45
C ALA C 76 19.93 -12.11 -3.65
N ILE C 77 18.79 -11.46 -3.77
CA ILE C 77 17.54 -11.99 -3.28
C ILE C 77 16.93 -12.78 -4.44
N THR C 78 16.58 -14.04 -4.16
CA THR C 78 16.00 -14.88 -5.17
C THR C 78 14.54 -14.50 -5.39
N GLU C 79 14.00 -14.89 -6.54
CA GLU C 79 12.59 -14.65 -6.85
C GLU C 79 11.67 -15.29 -5.77
N ASP C 80 12.06 -16.48 -5.32
CA ASP C 80 11.31 -17.17 -4.29
C ASP C 80 11.23 -16.39 -2.98
N LYS C 81 12.28 -15.65 -2.65
CA LYS C 81 12.35 -14.95 -1.36
C LYS C 81 11.98 -13.47 -1.44
N PHE C 82 11.60 -12.96 -2.62
CA PHE C 82 11.43 -11.51 -2.81
C PHE C 82 10.36 -10.89 -1.92
N GLN C 83 9.26 -11.60 -1.78
CA GLN C 83 8.14 -11.14 -0.96
C GLN C 83 8.48 -11.16 0.54
N ASP C 84 9.26 -12.16 0.97
CA ASP C 84 9.77 -12.20 2.34
C ASP C 84 10.69 -11.01 2.63
N TYR C 85 11.58 -10.72 1.67
CA TYR C 85 12.45 -9.52 1.64
C TYR C 85 11.65 -8.21 1.81
N LEU C 86 10.62 -8.00 0.99
CA LEU C 86 9.70 -6.86 1.17
C LEU C 86 9.01 -6.85 2.55
N LYS C 87 8.53 -8.00 3.00
CA LYS C 87 8.01 -8.13 4.35
C LYS C 87 9.04 -7.68 5.40
N ARG C 88 10.31 -8.05 5.24
CA ARG C 88 11.32 -7.58 6.19
C ARG C 88 11.40 -6.04 6.15
N LEU C 89 11.23 -5.47 4.97
CA LEU C 89 11.32 -4.01 4.79
C LEU C 89 10.11 -3.23 5.28
N TRP C 90 8.90 -3.78 5.10
CA TRP C 90 7.68 -3.19 5.63
C TRP C 90 7.74 -3.08 7.17
N ARG C 91 8.17 -4.15 7.82
CA ARG C 91 8.33 -4.11 9.27
C ARG C 91 9.36 -3.04 9.67
N GLU C 92 10.42 -2.87 8.89
CA GLU C 92 11.44 -1.85 9.20
C GLU C 92 10.94 -0.45 8.90
N GLN C 93 10.00 -0.29 7.97
CA GLN C 93 9.33 1.00 7.76
C GLN C 93 8.77 1.57 9.07
N LYS C 94 8.08 0.72 9.81
CA LYS C 94 7.54 1.07 11.12
C LYS C 94 8.61 1.50 12.13
N ARG C 95 9.64 0.68 12.31
CA ARG C 95 10.70 1.01 13.27
C ARG C 95 11.53 2.23 12.86
N ALA C 96 11.81 2.37 11.57
CA ALA C 96 12.50 3.55 11.05
C ALA C 96 11.76 4.84 11.37
N TRP C 97 10.44 4.84 11.19
CA TRP C 97 9.64 6.03 11.46
C TRP C 97 9.55 6.29 12.98
N GLU C 98 9.27 5.25 13.75
CA GLU C 98 9.09 5.39 15.19
C GLU C 98 10.33 5.84 15.94
N GLU C 99 11.47 5.22 15.62
CA GLU C 99 12.73 5.53 16.30
C GLU C 99 13.40 6.82 15.79
N TYR C 100 13.28 7.11 14.50
CA TYR C 100 14.09 8.17 13.90
C TYR C 100 13.30 9.24 13.14
N GLY C 101 11.99 9.02 12.99
CA GLY C 101 11.21 9.83 12.06
C GLY C 101 11.75 9.76 10.64
N MSE C 102 12.30 8.63 10.27
CA MSE C 102 12.85 8.44 8.94
C MSE C 102 11.90 7.63 8.09
O MSE C 102 11.32 6.62 8.54
CB MSE C 102 14.19 7.71 9.03
CG MSE C 102 14.94 7.47 7.70
SE MSE C 102 16.71 6.59 8.07
CE MSE C 102 15.99 4.73 8.33
N ILE C 103 11.75 8.06 6.83
CA ILE C 103 11.01 7.31 5.83
C ILE C 103 11.89 6.26 5.17
N LEU C 104 11.61 4.99 5.46
CA LEU C 104 12.28 3.87 4.76
C LEU C 104 11.38 3.39 3.60
N ILE C 105 11.94 3.31 2.40
CA ILE C 105 11.20 2.92 1.23
C ILE C 105 11.72 1.58 0.70
N PRO C 106 10.85 0.58 0.60
CA PRO C 106 11.36 -0.67 0.01
C PRO C 106 11.72 -0.45 -1.46
N GLY C 107 12.92 -0.89 -1.84
CA GLY C 107 13.40 -0.81 -3.20
C GLY C 107 14.16 -2.06 -3.61
N VAL C 108 14.89 -1.95 -4.70
CA VAL C 108 15.63 -3.07 -5.22
C VAL C 108 16.65 -2.58 -6.24
N GLU C 109 17.74 -3.32 -6.40
CA GLU C 109 18.65 -3.08 -7.50
C GLU C 109 18.60 -4.19 -8.52
N ILE C 110 18.04 -3.87 -9.66
CA ILE C 110 17.89 -4.82 -10.76
C ILE C 110 19.22 -4.91 -11.48
N THR C 111 19.82 -6.09 -11.40
CA THR C 111 21.25 -6.22 -11.66
C THR C 111 21.50 -7.20 -12.81
N ASN C 112 21.75 -6.67 -14.01
CA ASN C 112 22.04 -7.52 -15.15
C ASN C 112 23.55 -7.43 -15.47
N ASN C 113 24.31 -8.41 -14.99
CA ASN C 113 25.75 -8.46 -15.18
C ASN C 113 26.14 -9.16 -16.45
N THR C 114 25.14 -9.59 -17.22
CA THR C 114 25.34 -10.21 -18.52
C THR C 114 25.45 -9.13 -19.59
N ASP C 115 24.45 -8.26 -19.67
CA ASP C 115 24.45 -7.13 -20.60
C ASP C 115 24.84 -5.80 -19.94
N LEU C 116 25.11 -5.84 -18.63
CA LEU C 116 25.68 -4.69 -17.89
C LEU C 116 24.77 -3.46 -17.72
N TYR C 117 23.57 -3.68 -17.21
CA TYR C 117 22.78 -2.56 -16.68
C TYR C 117 22.27 -2.84 -15.28
N HIS C 118 22.59 -1.88 -14.41
CA HIS C 118 22.08 -1.81 -13.08
C HIS C 118 21.00 -0.71 -12.97
N ILE C 119 19.81 -1.14 -12.56
CA ILE C 119 18.69 -0.23 -12.43
C ILE C 119 18.19 -0.29 -11.01
N VAL C 120 18.16 0.89 -10.38
CA VAL C 120 17.63 1.01 -9.02
C VAL C 120 16.15 1.46 -9.08
N ALA C 121 15.29 0.71 -8.38
CA ALA C 121 13.85 0.99 -8.32
C ALA C 121 13.41 1.22 -6.87
N VAL C 122 12.73 2.35 -6.66
CA VAL C 122 12.37 2.83 -5.31
C VAL C 122 10.85 2.82 -5.13
N ASP C 123 10.38 2.16 -4.08
CA ASP C 123 8.95 1.88 -3.85
C ASP C 123 8.49 0.75 -4.78
N VAL C 124 9.23 -0.34 -4.73
CA VAL C 124 8.92 -1.52 -5.52
C VAL C 124 7.96 -2.42 -4.71
N LYS C 125 7.12 -3.15 -5.45
CA LYS C 125 6.10 -4.03 -4.87
C LYS C 125 6.13 -5.45 -5.45
N GLU C 126 6.65 -5.62 -6.65
CA GLU C 126 6.78 -6.94 -7.28
C GLU C 126 8.15 -7.17 -7.87
N TYR C 127 8.56 -8.43 -7.92
CA TYR C 127 9.80 -8.82 -8.56
C TYR C 127 9.69 -8.59 -10.08
N VAL C 128 10.80 -8.13 -10.69
CA VAL C 128 10.95 -7.91 -12.13
C VAL C 128 12.24 -8.61 -12.59
N ASP C 129 12.13 -9.42 -13.63
CA ASP C 129 13.23 -10.22 -14.19
C ASP C 129 14.34 -9.35 -14.82
N PRO C 130 15.52 -9.28 -14.18
CA PRO C 130 16.66 -8.47 -14.65
C PRO C 130 17.15 -8.82 -16.06
N SER C 131 16.80 -10.03 -16.52
CA SER C 131 17.09 -10.49 -17.86
C SER C 131 16.20 -9.82 -18.92
N LEU C 132 15.13 -9.13 -18.51
CA LEU C 132 14.31 -8.44 -19.51
C LEU C 132 15.03 -7.22 -20.06
N PRO C 133 14.70 -6.83 -21.31
CA PRO C 133 15.19 -5.58 -21.88
C PRO C 133 14.97 -4.39 -20.96
N VAL C 134 15.96 -3.50 -20.91
CA VAL C 134 15.86 -2.24 -20.18
C VAL C 134 14.46 -1.63 -20.24
N GLU C 135 13.94 -1.41 -21.45
CA GLU C 135 12.63 -0.75 -21.63
C GLU C 135 11.46 -1.54 -21.04
N GLU C 136 11.52 -2.87 -21.13
CA GLU C 136 10.44 -3.69 -20.59
C GLU C 136 10.50 -3.70 -19.08
N ILE C 137 11.71 -3.72 -18.53
CA ILE C 137 11.89 -3.59 -17.07
C ILE C 137 11.23 -2.30 -16.55
N VAL C 138 11.57 -1.18 -17.19
CA VAL C 138 11.12 0.14 -16.78
C VAL C 138 9.60 0.32 -16.86
N GLU C 139 9.00 -0.32 -17.85
CA GLU C 139 7.55 -0.29 -17.99
C GLU C 139 6.88 -1.11 -16.87
N LYS C 140 7.41 -2.30 -16.59
CA LYS C 140 6.96 -3.12 -15.47
C LYS C 140 7.04 -2.37 -14.14
N LEU C 141 8.14 -1.65 -13.93
CA LEU C 141 8.30 -0.85 -12.71
C LEU C 141 7.35 0.35 -12.69
N LYS C 142 7.09 0.97 -13.83
CA LYS C 142 6.17 2.10 -13.88
C LYS C 142 4.72 1.67 -13.72
N GLU C 143 4.44 0.39 -13.99
CA GLU C 143 3.14 -0.21 -13.72
C GLU C 143 2.92 -0.45 -12.22
N GLN C 144 4.01 -0.54 -11.46
CA GLN C 144 3.97 -0.62 -10.00
C GLN C 144 4.01 0.74 -9.30
N ASN C 145 4.06 1.85 -10.05
CA ASN C 145 4.32 3.18 -9.48
C ASN C 145 5.60 3.15 -8.64
N ALA C 146 6.70 2.69 -9.27
CA ALA C 146 8.02 2.79 -8.69
C ALA C 146 8.83 3.90 -9.36
N LEU C 147 9.70 4.54 -8.58
CA LEU C 147 10.67 5.48 -9.11
C LEU C 147 11.85 4.67 -9.65
N VAL C 148 12.33 5.07 -10.83
CA VAL C 148 13.28 4.29 -11.62
C VAL C 148 14.54 5.11 -11.91
N ILE C 149 15.66 4.70 -11.34
CA ILE C 149 16.96 5.41 -11.43
C ILE C 149 18.02 4.59 -12.18
N ALA C 150 18.72 5.22 -13.13
CA ALA C 150 19.89 4.61 -13.76
C ALA C 150 21.10 4.69 -12.81
N ALA C 151 21.51 3.52 -12.29
CA ALA C 151 22.65 3.46 -11.38
C ALA C 151 23.98 3.54 -12.15
N HIS C 152 24.91 4.34 -11.63
CA HIS C 152 26.22 4.48 -12.24
C HIS C 152 27.21 3.55 -11.57
N PRO C 153 28.01 2.81 -12.35
CA PRO C 153 28.99 1.94 -11.68
C PRO C 153 29.90 2.78 -10.78
N ASP C 154 30.14 2.31 -9.55
CA ASP C 154 31.03 3.02 -8.63
C ASP C 154 32.48 3.00 -9.18
N ARG C 155 33.30 3.93 -8.74
CA ARG C 155 34.65 4.06 -9.26
C ARG C 155 35.51 2.80 -9.01
N LYS C 156 35.47 2.24 -7.78
CA LYS C 156 36.26 1.02 -7.46
C LYS C 156 36.12 -0.06 -8.54
N LYS C 157 34.87 -0.34 -8.91
CA LYS C 157 34.53 -1.17 -10.09
C LYS C 157 35.43 -0.84 -11.28
N SER C 164 32.43 -1.30 -20.29
CA SER C 164 31.43 -0.48 -20.97
C SER C 164 29.98 -0.83 -20.60
N TRP C 165 29.35 0.07 -19.86
CA TRP C 165 28.02 -0.13 -19.31
C TRP C 165 26.96 0.41 -20.25
N TYR C 166 25.95 -0.43 -20.48
CA TYR C 166 24.95 -0.27 -21.52
C TYR C 166 24.19 1.06 -21.43
N LEU C 167 23.65 1.34 -20.24
CA LEU C 167 22.88 2.55 -19.99
C LEU C 167 23.72 3.79 -20.33
N TRP C 168 24.92 3.81 -19.77
CA TRP C 168 25.83 4.95 -19.85
C TRP C 168 26.47 5.14 -21.23
N ALA C 169 26.57 4.05 -21.99
CA ALA C 169 27.01 4.11 -23.40
C ALA C 169 25.88 4.59 -24.34
N ASN C 170 24.63 4.49 -23.88
CA ASN C 170 23.46 4.75 -24.73
C ASN C 170 22.54 5.76 -24.05
N MSE C 171 23.13 6.87 -23.63
CA MSE C 171 22.42 7.84 -22.82
C MSE C 171 21.27 8.50 -23.55
O MSE C 171 20.18 8.62 -22.98
CB MSE C 171 23.39 8.89 -22.30
CG MSE C 171 24.28 8.34 -21.19
SE MSE C 171 25.23 9.72 -20.12
CE MSE C 171 27.07 9.53 -20.90
N GLU C 172 21.50 8.91 -24.80
CA GLU C 172 20.48 9.55 -25.64
C GLU C 172 19.29 8.62 -25.88
N ARG C 173 19.60 7.37 -26.22
CA ARG C 173 18.57 6.35 -26.34
C ARG C 173 17.67 6.34 -25.07
N PHE C 174 18.26 6.51 -23.89
CA PHE C 174 17.50 6.38 -22.64
C PHE C 174 17.13 7.72 -21.99
N LYS C 175 17.16 8.77 -22.80
CA LYS C 175 16.89 10.15 -22.35
C LYS C 175 15.55 10.32 -21.61
N ASP C 176 14.49 9.73 -22.17
CA ASP C 176 13.16 9.80 -21.57
C ASP C 176 12.73 8.49 -20.90
N THR C 177 13.70 7.64 -20.60
CA THR C 177 13.42 6.32 -20.05
C THR C 177 13.43 6.35 -18.51
N PHE C 178 14.43 6.99 -17.94
CA PHE C 178 14.62 7.01 -16.48
C PHE C 178 14.11 8.29 -15.82
N ASP C 179 13.66 8.18 -14.56
CA ASP C 179 13.24 9.34 -13.79
C ASP C 179 14.48 10.12 -13.38
N ALA C 180 15.59 9.40 -13.18
CA ALA C 180 16.84 10.04 -12.82
C ALA C 180 18.06 9.14 -13.05
N TRP C 181 19.22 9.77 -13.18
CA TRP C 181 20.49 9.09 -13.34
C TRP C 181 21.36 9.41 -12.15
N GLU C 182 22.22 8.48 -11.79
CA GLU C 182 23.17 8.74 -10.71
C GLU C 182 24.31 9.64 -11.19
N ILE C 183 24.24 10.91 -10.80
CA ILE C 183 25.34 11.86 -10.99
C ILE C 183 26.45 11.64 -9.93
N ALA C 184 26.15 10.93 -8.85
CA ALA C 184 27.14 10.70 -7.80
C ALA C 184 26.83 9.46 -6.96
N ASN C 185 27.90 8.86 -6.50
CA ASN C 185 27.90 7.50 -5.97
C ASN C 185 29.13 7.48 -5.03
N ARG C 186 29.00 6.88 -3.85
CA ARG C 186 30.08 6.91 -2.86
C ARG C 186 30.62 8.35 -2.75
N ASP C 187 31.91 8.53 -3.01
CA ASP C 187 32.58 9.82 -2.88
C ASP C 187 32.96 10.39 -4.26
N ASP C 188 32.27 9.95 -5.30
CA ASP C 188 32.59 10.35 -6.66
C ASP C 188 31.42 11.02 -7.36
N LEU C 189 31.75 12.04 -8.16
CA LEU C 189 30.84 12.74 -9.07
C LEU C 189 31.13 12.29 -10.50
N PHE C 190 30.05 12.17 -11.28
CA PHE C 190 30.09 11.77 -12.68
C PHE C 190 29.54 12.92 -13.51
N ASN C 191 30.47 13.64 -14.14
CA ASN C 191 30.15 14.86 -14.84
C ASN C 191 29.19 14.67 -16.04
N SER C 192 29.16 13.48 -16.64
CA SER C 192 28.33 13.23 -17.84
C SER C 192 26.84 13.54 -17.66
N VAL C 193 26.30 13.26 -16.47
CA VAL C 193 24.89 13.53 -16.20
C VAL C 193 24.60 15.03 -16.21
N GLY C 194 25.50 15.82 -15.60
CA GLY C 194 25.27 17.26 -15.40
C GLY C 194 25.48 18.04 -16.68
N VAL C 195 26.53 17.66 -17.40
CA VAL C 195 26.87 18.27 -18.67
C VAL C 195 25.73 18.10 -19.66
N LYS C 196 25.09 16.94 -19.65
CA LYS C 196 23.90 16.71 -20.48
C LYS C 196 22.65 17.37 -19.89
N LYS C 197 22.74 17.78 -18.62
CA LYS C 197 21.68 18.49 -17.92
C LYS C 197 20.52 17.52 -17.68
N TYR C 198 20.83 16.23 -17.52
CA TYR C 198 19.85 15.17 -17.22
C TYR C 198 19.37 15.26 -15.77
N ARG C 199 18.22 14.64 -15.50
CA ARG C 199 17.71 14.51 -14.15
C ARG C 199 18.67 13.68 -13.34
N TYR C 200 18.85 14.04 -12.08
CA TYR C 200 19.91 13.46 -11.28
C TYR C 200 19.48 13.14 -9.84
N VAL C 201 20.16 12.14 -9.29
CA VAL C 201 20.20 11.85 -7.87
C VAL C 201 21.65 11.45 -7.52
N ALA C 202 21.93 11.49 -6.23
CA ALA C 202 23.22 11.15 -5.71
C ALA C 202 22.99 10.22 -4.55
N ASN C 203 23.65 9.06 -4.54
CA ASN C 203 23.47 8.06 -3.48
C ASN C 203 24.79 7.47 -2.95
N SER C 204 24.68 6.66 -1.92
CA SER C 204 25.88 6.06 -1.33
C SER C 204 26.31 4.79 -2.06
N ASP C 205 25.33 4.03 -2.58
CA ASP C 205 25.59 2.67 -3.02
C ASP C 205 26.26 1.90 -1.87
N PHE C 206 25.64 1.98 -0.70
CA PHE C 206 26.16 1.49 0.59
C PHE C 206 26.31 -0.02 0.61
N HIS C 207 27.50 -0.52 0.97
CA HIS C 207 27.75 -1.93 1.35
C HIS C 207 28.48 -2.08 2.71
N GLU C 208 29.34 -1.11 3.00
CA GLU C 208 30.25 -1.14 4.13
C GLU C 208 29.93 0.05 5.02
N LEU C 209 30.23 -0.12 6.31
CA LEU C 209 29.86 0.83 7.35
C LEU C 209 30.22 2.28 6.99
N TRP C 210 31.41 2.45 6.43
CA TRP C 210 31.96 3.78 6.14
C TRP C 210 31.30 4.44 4.92
N HIS C 211 30.45 3.70 4.21
CA HIS C 211 29.79 4.23 3.01
C HIS C 211 28.61 5.12 3.36
N VAL C 212 28.28 5.22 4.63
CA VAL C 212 27.23 6.16 5.07
C VAL C 212 27.65 7.61 4.80
N TYR C 213 28.95 7.88 4.86
CA TYR C 213 29.51 9.17 4.48
C TYR C 213 29.72 9.12 2.99
N SER C 214 28.83 9.79 2.27
CA SER C 214 28.85 9.78 0.83
C SER C 214 28.07 10.98 0.32
N TRP C 215 28.04 11.11 -1.01
CA TRP C 215 27.08 11.97 -1.66
C TRP C 215 25.67 11.44 -1.41
N LYS C 216 24.75 12.39 -1.16
CA LYS C 216 23.36 12.09 -0.94
C LYS C 216 22.55 13.11 -1.72
N THR C 217 21.24 12.89 -1.81
CA THR C 217 20.32 13.78 -2.50
C THR C 217 19.58 14.64 -1.47
N LEU C 218 19.56 15.94 -1.71
CA LEU C 218 18.76 16.83 -0.89
C LEU C 218 17.59 17.25 -1.77
N VAL C 219 16.36 17.03 -1.31
CA VAL C 219 15.18 17.31 -2.12
C VAL C 219 14.11 18.08 -1.36
N LYS C 220 13.57 19.09 -2.02
CA LYS C 220 12.51 19.86 -1.42
C LYS C 220 11.18 19.14 -1.68
N SER C 221 10.58 18.63 -0.61
CA SER C 221 9.41 17.81 -0.71
C SER C 221 8.65 17.72 0.59
N GLU C 222 7.34 17.51 0.48
CA GLU C 222 6.51 17.02 1.57
C GLU C 222 7.11 15.67 1.99
N LYS C 223 7.09 15.36 3.26
CA LYS C 223 7.72 14.13 3.75
C LYS C 223 6.79 12.92 3.64
N ASN C 224 6.57 12.48 2.40
CA ASN C 224 5.82 11.25 2.13
C ASN C 224 6.31 10.65 0.84
N ILE C 225 6.08 9.35 0.66
CA ILE C 225 6.72 8.62 -0.43
C ILE C 225 6.23 9.05 -1.81
N GLU C 226 4.95 9.35 -1.96
CA GLU C 226 4.48 9.83 -3.25
C GLU C 226 5.05 11.21 -3.56
N ALA C 227 5.07 12.10 -2.58
CA ALA C 227 5.60 13.44 -2.79
C ALA C 227 7.06 13.38 -3.19
N ILE C 228 7.83 12.58 -2.45
CA ILE C 228 9.24 12.40 -2.71
C ILE C 228 9.51 11.89 -4.13
N LYS C 229 8.88 10.79 -4.53
CA LYS C 229 9.04 10.27 -5.89
C LYS C 229 8.70 11.35 -6.94
N GLU C 230 7.59 12.08 -6.74
CA GLU C 230 7.25 13.21 -7.61
C GLU C 230 8.35 14.26 -7.71
N ALA C 231 8.96 14.60 -6.58
CA ALA C 231 10.03 15.62 -6.55
C ALA C 231 11.28 15.23 -7.36
N ILE C 232 11.71 13.98 -7.21
CA ILE C 232 12.87 13.47 -7.91
C ILE C 232 12.57 13.44 -9.39
N ARG C 233 11.39 12.94 -9.72
CA ARG C 233 10.88 12.93 -11.08
C ARG C 233 10.89 14.34 -11.71
N LYS C 234 10.32 15.36 -11.04
CA LYS C 234 10.39 16.72 -11.59
C LYS C 234 11.85 17.19 -11.70
N ASN C 235 12.60 16.91 -10.63
CA ASN C 235 14.02 17.22 -10.53
C ASN C 235 14.38 18.71 -10.51
N THR C 236 13.40 19.60 -10.31
CA THR C 236 13.68 21.05 -10.22
C THR C 236 14.08 21.55 -8.81
N ASP C 237 13.79 20.78 -7.76
CA ASP C 237 14.22 21.09 -6.39
C ASP C 237 15.01 19.93 -5.79
N VAL C 238 16.06 19.54 -6.50
CA VAL C 238 16.93 18.45 -6.11
C VAL C 238 18.38 18.95 -6.12
N ALA C 239 19.07 18.72 -5.02
CA ALA C 239 20.46 19.08 -4.91
C ALA C 239 21.21 17.85 -4.44
N ILE C 240 22.54 17.93 -4.49
CA ILE C 240 23.38 16.84 -4.02
C ILE C 240 24.28 17.36 -2.91
N TYR C 241 24.59 16.48 -1.99
CA TYR C 241 25.07 16.93 -0.69
C TYR C 241 26.04 15.92 -0.17
N LEU C 242 27.22 16.37 0.24
CA LEU C 242 28.24 15.42 0.66
C LEU C 242 28.20 15.31 2.15
N MSE C 243 27.77 14.17 2.65
CA MSE C 243 27.79 13.93 4.08
C MSE C 243 29.17 13.45 4.54
O MSE C 243 29.66 12.40 4.09
CB MSE C 243 26.72 12.93 4.45
CG MSE C 243 26.50 12.86 5.93
SE MSE C 243 25.04 11.68 6.40
CE MSE C 243 23.70 12.78 6.17
N ARG C 244 29.78 14.22 5.44
CA ARG C 244 31.14 13.96 5.94
C ARG C 244 31.17 13.73 7.45
N THR D 17 2.62 19.90 13.96
CA THR D 17 1.87 18.83 13.23
C THR D 17 0.43 19.26 13.09
N GLU D 18 -0.14 19.03 11.93
CA GLU D 18 -1.53 19.41 11.66
C GLU D 18 -2.45 18.18 11.78
N TRP D 19 -3.70 18.43 12.12
CA TRP D 19 -4.70 17.38 12.24
C TRP D 19 -5.22 17.07 10.86
N LEU D 20 -5.31 15.79 10.54
CA LEU D 20 -5.64 15.38 9.18
C LEU D 20 -7.01 14.76 9.16
N LEU D 21 -7.79 15.09 8.12
CA LEU D 21 -9.08 14.47 7.90
C LEU D 21 -8.92 13.15 7.11
N CYS D 22 -9.35 12.05 7.71
CA CYS D 22 -9.12 10.70 7.18
C CYS D 22 -10.40 9.90 7.08
N ASP D 23 -10.49 9.06 6.07
CA ASP D 23 -11.60 8.12 5.95
C ASP D 23 -10.98 6.78 5.57
N PHE D 24 -11.01 5.82 6.48
CA PHE D 24 -10.29 4.57 6.31
C PHE D 24 -11.17 3.41 5.83
N HIS D 25 -12.37 3.70 5.37
CA HIS D 25 -13.31 2.62 5.06
C HIS D 25 -14.20 3.03 3.90
N VAL D 26 -13.76 2.68 2.69
CA VAL D 26 -14.31 3.19 1.43
C VAL D 26 -14.33 2.14 0.31
N HIS D 27 -15.47 2.00 -0.36
CA HIS D 27 -15.65 0.95 -1.37
C HIS D 27 -15.85 1.53 -2.77
N THR D 28 -15.57 0.67 -3.75
CA THR D 28 -15.68 0.98 -5.17
C THR D 28 -16.41 -0.15 -5.84
N ASN D 29 -16.80 0.09 -7.08
CA ASN D 29 -17.40 -0.94 -7.92
C ASN D 29 -16.49 -2.12 -8.29
N MSE D 30 -15.25 -2.12 -7.83
CA MSE D 30 -14.41 -3.33 -7.92
C MSE D 30 -14.86 -4.42 -6.95
O MSE D 30 -14.57 -5.61 -7.15
CB MSE D 30 -12.96 -2.98 -7.62
CG MSE D 30 -12.40 -1.98 -8.60
SE MSE D 30 -10.49 -1.60 -8.35
CE MSE D 30 -9.78 -3.36 -8.97
N SER D 31 -15.56 -4.03 -5.89
CA SER D 31 -16.25 -4.97 -5.01
C SER D 31 -17.75 -4.63 -5.08
N ASP D 32 -18.32 -4.01 -4.04
CA ASP D 32 -19.74 -3.78 -4.03
C ASP D 32 -20.19 -2.31 -3.94
N GLY D 33 -19.26 -1.36 -4.10
CA GLY D 33 -19.60 0.06 -4.20
C GLY D 33 -20.25 0.37 -5.55
N HIS D 34 -20.89 1.53 -5.64
CA HIS D 34 -21.64 1.91 -6.86
C HIS D 34 -20.74 2.58 -7.91
N LEU D 35 -19.60 3.09 -7.47
CA LEU D 35 -18.81 4.03 -8.25
C LEU D 35 -17.44 3.47 -8.66
N PRO D 36 -16.95 3.87 -9.86
CA PRO D 36 -15.59 3.70 -10.34
C PRO D 36 -14.52 4.27 -9.41
N LEU D 37 -13.40 3.56 -9.30
CA LEU D 37 -12.29 4.00 -8.46
C LEU D 37 -11.91 5.47 -8.66
N GLY D 38 -11.69 5.84 -9.92
CA GLY D 38 -11.27 7.21 -10.24
C GLY D 38 -12.21 8.27 -9.69
N GLU D 39 -13.52 8.01 -9.82
CA GLU D 39 -14.57 8.92 -9.33
C GLU D 39 -14.64 8.99 -7.79
N VAL D 40 -14.41 7.88 -7.12
CA VAL D 40 -14.33 7.88 -5.66
C VAL D 40 -13.11 8.69 -5.19
N VAL D 41 -11.99 8.51 -5.88
CA VAL D 41 -10.78 9.26 -5.54
C VAL D 41 -10.98 10.77 -5.73
N ASP D 42 -11.61 11.18 -6.86
CA ASP D 42 -11.89 12.59 -7.13
C ASP D 42 -12.84 13.18 -6.11
N LEU D 43 -13.88 12.42 -5.80
CA LEU D 43 -14.90 12.88 -4.88
C LEU D 43 -14.30 13.24 -3.52
N PHE D 44 -13.48 12.33 -3.00
CA PHE D 44 -12.80 12.54 -1.72
C PHE D 44 -11.76 13.64 -1.83
N GLY D 45 -11.00 13.63 -2.92
CA GLY D 45 -10.04 14.66 -3.21
C GLY D 45 -10.69 16.03 -3.16
N LYS D 46 -11.78 16.19 -3.91
CA LYS D 46 -12.40 17.52 -4.07
C LYS D 46 -13.11 17.99 -2.77
N HIS D 47 -13.63 17.07 -1.97
CA HIS D 47 -14.13 17.42 -0.62
C HIS D 47 -13.03 17.58 0.46
N GLY D 48 -11.76 17.62 0.06
CA GLY D 48 -10.66 17.96 0.96
C GLY D 48 -10.25 16.95 2.02
N VAL D 49 -10.56 15.67 1.82
CA VAL D 49 -10.07 14.60 2.69
C VAL D 49 -8.54 14.44 2.52
N ASP D 50 -7.82 14.28 3.63
CA ASP D 50 -6.35 14.24 3.56
C ASP D 50 -5.85 12.84 3.37
N VAL D 51 -6.56 11.88 3.95
CA VAL D 51 -6.12 10.53 3.96
C VAL D 51 -7.35 9.66 3.71
N VAL D 52 -7.25 8.80 2.72
CA VAL D 52 -8.35 7.88 2.41
C VAL D 52 -7.73 6.53 2.16
N SER D 53 -8.40 5.49 2.61
CA SER D 53 -8.00 4.12 2.32
C SER D 53 -9.13 3.48 1.56
N ILE D 54 -8.82 2.91 0.39
CA ILE D 54 -9.76 2.12 -0.37
C ILE D 54 -9.72 0.68 0.15
N THR D 55 -10.86 0.24 0.71
CA THR D 55 -11.00 -1.04 1.43
C THR D 55 -12.09 -1.93 0.81
N ASP D 56 -11.87 -2.32 -0.46
CA ASP D 56 -12.81 -3.20 -1.12
C ASP D 56 -12.77 -4.60 -0.53
N HIS D 57 -13.92 -5.28 -0.60
CA HIS D 57 -14.15 -6.57 0.03
C HIS D 57 -13.33 -7.67 -0.57
N ILE D 58 -12.80 -8.48 0.31
CA ILE D 58 -12.51 -9.86 -0.03
C ILE D 58 -13.39 -10.66 0.94
N VAL D 59 -13.94 -11.75 0.44
CA VAL D 59 -15.02 -12.44 1.11
C VAL D 59 -14.59 -13.90 1.34
N ASP D 60 -15.09 -14.52 2.42
CA ASP D 60 -14.85 -15.96 2.67
C ASP D 60 -15.43 -16.83 1.54
N ARG D 61 -14.79 -17.96 1.29
CA ARG D 61 -15.13 -18.87 0.17
C ARG D 61 -16.57 -19.40 0.20
N ARG D 62 -17.00 -19.80 1.38
CA ARG D 62 -18.36 -20.29 1.56
C ARG D 62 -19.39 -19.29 1.04
N THR D 63 -19.19 -18.01 1.34
CA THR D 63 -20.06 -16.93 0.88
C THR D 63 -19.95 -16.68 -0.64
N LEU D 64 -18.74 -16.77 -1.17
CA LEU D 64 -18.53 -16.67 -2.62
C LEU D 64 -19.23 -17.82 -3.35
N GLU D 65 -19.02 -19.04 -2.88
CA GLU D 65 -19.60 -20.22 -3.52
C GLU D 65 -21.12 -20.17 -3.50
N GLN D 66 -21.68 -19.65 -2.42
CA GLN D 66 -23.12 -19.43 -2.29
C GLN D 66 -23.66 -18.45 -3.35
N ARG D 67 -22.98 -17.31 -3.49
CA ARG D 67 -23.37 -16.29 -4.48
C ARG D 67 -23.25 -16.83 -5.91
N LYS D 68 -22.12 -17.47 -6.21
CA LYS D 68 -21.91 -18.15 -7.50
C LYS D 68 -23.07 -19.10 -7.83
N ARG D 69 -23.47 -19.86 -6.82
CA ARG D 69 -24.54 -20.84 -6.96
C ARG D 69 -25.88 -20.18 -7.22
N ASN D 70 -26.14 -19.06 -6.55
CA ASN D 70 -27.39 -18.33 -6.74
C ASN D 70 -27.36 -17.27 -7.84
N GLY D 71 -26.31 -17.27 -8.65
CA GLY D 71 -26.15 -16.28 -9.72
C GLY D 71 -26.08 -14.82 -9.27
N GLU D 72 -25.76 -14.58 -7.99
CA GLU D 72 -25.57 -13.22 -7.50
C GLU D 72 -24.12 -12.72 -7.77
N PRO D 73 -23.93 -11.38 -7.96
CA PRO D 73 -22.58 -10.84 -8.14
C PRO D 73 -21.68 -11.14 -6.95
N LEU D 74 -20.38 -11.25 -7.22
CA LEU D 74 -19.40 -11.60 -6.19
C LEU D 74 -19.25 -10.48 -5.21
N GLY D 75 -19.21 -9.24 -5.72
CA GLY D 75 -19.09 -8.02 -4.89
C GLY D 75 -17.82 -8.04 -4.05
N ALA D 76 -16.76 -8.57 -4.65
CA ALA D 76 -15.53 -8.87 -3.93
C ALA D 76 -14.38 -8.97 -4.90
N ILE D 77 -13.17 -8.70 -4.43
CA ILE D 77 -11.99 -9.02 -5.22
C ILE D 77 -11.62 -10.50 -4.99
N THR D 78 -11.43 -11.24 -6.08
CA THR D 78 -10.99 -12.64 -5.98
C THR D 78 -9.52 -12.68 -5.59
N GLU D 79 -9.10 -13.76 -4.94
CA GLU D 79 -7.71 -13.92 -4.55
C GLU D 79 -6.83 -13.73 -5.76
N ASP D 80 -7.24 -14.33 -6.88
CA ASP D 80 -6.51 -14.28 -8.13
C ASP D 80 -6.30 -12.86 -8.70
N LYS D 81 -7.18 -11.93 -8.37
CA LYS D 81 -7.16 -10.56 -8.89
C LYS D 81 -6.65 -9.55 -7.87
N PHE D 82 -6.29 -10.04 -6.68
CA PHE D 82 -6.00 -9.14 -5.55
C PHE D 82 -4.77 -8.26 -5.79
N GLN D 83 -3.78 -8.83 -6.49
CA GLN D 83 -2.59 -8.10 -6.84
C GLN D 83 -2.91 -7.06 -7.92
N ASP D 84 -3.83 -7.39 -8.82
CA ASP D 84 -4.16 -6.47 -9.92
C ASP D 84 -4.94 -5.30 -9.38
N TYR D 85 -5.69 -5.55 -8.31
CA TYR D 85 -6.44 -4.54 -7.58
C TYR D 85 -5.52 -3.55 -6.87
N LEU D 86 -4.56 -4.09 -6.11
CA LEU D 86 -3.55 -3.28 -5.41
C LEU D 86 -2.72 -2.47 -6.40
N LYS D 87 -2.36 -3.08 -7.52
CA LYS D 87 -1.77 -2.38 -8.66
C LYS D 87 -2.56 -1.14 -9.07
N ARG D 88 -3.88 -1.28 -9.24
CA ARG D 88 -4.72 -0.11 -9.53
C ARG D 88 -4.58 0.95 -8.41
N LEU D 89 -4.55 0.49 -7.17
CA LEU D 89 -4.43 1.42 -6.05
C LEU D 89 -3.08 2.12 -5.97
N TRP D 90 -1.98 1.40 -6.22
CA TRP D 90 -0.65 2.04 -6.31
C TRP D 90 -0.62 3.19 -7.30
N ARG D 91 -1.22 2.98 -8.46
CA ARG D 91 -1.30 4.01 -9.49
C ARG D 91 -2.14 5.19 -9.08
N GLU D 92 -3.23 4.93 -8.34
CA GLU D 92 -4.10 5.96 -7.77
C GLU D 92 -3.46 6.77 -6.64
N GLN D 93 -2.54 6.17 -5.88
CA GLN D 93 -1.73 6.91 -4.91
C GLN D 93 -0.98 8.09 -5.59
N LYS D 94 -0.42 7.83 -6.75
CA LYS D 94 0.26 8.87 -7.50
C LYS D 94 -0.70 10.00 -7.87
N ARG D 95 -1.85 9.65 -8.43
CA ARG D 95 -2.77 10.66 -8.92
C ARG D 95 -3.44 11.41 -7.75
N ALA D 96 -3.86 10.68 -6.73
CA ALA D 96 -4.42 11.30 -5.53
C ALA D 96 -3.46 12.33 -4.93
N TRP D 97 -2.16 12.00 -4.89
CA TRP D 97 -1.17 12.94 -4.41
C TRP D 97 -1.00 14.16 -5.31
N GLU D 98 -0.78 13.95 -6.60
CA GLU D 98 -0.49 15.04 -7.53
C GLU D 98 -1.64 16.00 -7.67
N GLU D 99 -2.86 15.45 -7.73
CA GLU D 99 -4.04 16.27 -7.99
C GLU D 99 -4.59 16.95 -6.72
N TYR D 100 -4.50 16.29 -5.58
CA TYR D 100 -5.18 16.75 -4.39
C TYR D 100 -4.27 16.79 -3.17
N GLY D 101 -2.98 16.47 -3.30
CA GLY D 101 -2.12 16.37 -2.12
C GLY D 101 -2.75 15.46 -1.06
N MSE D 102 -3.44 14.42 -1.52
CA MSE D 102 -4.13 13.47 -0.67
C MSE D 102 -3.36 12.18 -0.62
O MSE D 102 -2.84 11.72 -1.63
CB MSE D 102 -5.52 13.19 -1.21
CG MSE D 102 -6.31 12.13 -0.42
SE MSE D 102 -8.19 12.03 -1.07
CE MSE D 102 -7.92 11.06 -2.81
N ILE D 103 -3.32 11.59 0.57
CA ILE D 103 -2.71 10.30 0.82
C ILE D 103 -3.74 9.21 0.67
N LEU D 104 -3.60 8.42 -0.39
CA LEU D 104 -4.42 7.23 -0.61
C LEU D 104 -3.61 6.02 -0.15
N ILE D 105 -4.25 5.14 0.61
CA ILE D 105 -3.59 3.99 1.19
C ILE D 105 -4.28 2.73 0.67
N PRO D 106 -3.53 1.81 0.04
CA PRO D 106 -4.21 0.56 -0.31
C PRO D 106 -4.72 -0.16 0.96
N GLY D 107 -5.98 -0.60 0.90
CA GLY D 107 -6.61 -1.31 2.03
C GLY D 107 -7.54 -2.41 1.58
N VAL D 108 -8.19 -3.04 2.53
CA VAL D 108 -9.12 -4.10 2.22
C VAL D 108 -10.14 -4.25 3.34
N GLU D 109 -11.34 -4.70 3.00
CA GLU D 109 -12.26 -5.22 4.01
C GLU D 109 -12.44 -6.74 3.88
N ILE D 110 -11.83 -7.41 4.87
CA ILE D 110 -11.86 -8.85 5.03
C ILE D 110 -13.24 -9.19 5.60
N THR D 111 -14.07 -9.78 4.76
CA THR D 111 -15.50 -9.88 4.96
C THR D 111 -15.84 -11.36 5.12
N ASN D 112 -16.14 -11.74 6.35
CA ASN D 112 -16.61 -13.09 6.65
C ASN D 112 -18.09 -13.04 7.03
N ASN D 113 -18.96 -13.33 6.06
CA ASN D 113 -20.42 -13.32 6.28
C ASN D 113 -20.98 -14.68 6.76
N THR D 114 -20.10 -15.65 6.98
CA THR D 114 -20.46 -16.93 7.57
C THR D 114 -20.38 -16.86 9.09
N ASP D 115 -19.29 -16.28 9.62
CA ASP D 115 -19.12 -16.05 11.07
C ASP D 115 -19.25 -14.57 11.51
N LEU D 116 -19.63 -13.69 10.57
CA LEU D 116 -20.00 -12.31 10.88
C LEU D 116 -18.91 -11.48 11.58
N TYR D 117 -17.77 -11.38 10.91
CA TYR D 117 -16.77 -10.39 11.27
C TYR D 117 -16.28 -9.72 10.02
N HIS D 118 -16.27 -8.39 10.07
CA HIS D 118 -15.67 -7.57 9.04
C HIS D 118 -14.50 -6.78 9.64
N ILE D 119 -13.35 -6.92 8.99
CA ILE D 119 -12.09 -6.39 9.45
C ILE D 119 -11.51 -5.55 8.34
N VAL D 120 -11.24 -4.30 8.67
CA VAL D 120 -10.65 -3.34 7.76
C VAL D 120 -9.15 -3.24 8.03
N ALA D 121 -8.37 -3.44 6.96
CA ALA D 121 -6.92 -3.39 6.99
C ALA D 121 -6.49 -2.25 6.08
N VAL D 122 -5.64 -1.39 6.64
CA VAL D 122 -5.13 -0.20 5.98
C VAL D 122 -3.61 -0.39 5.78
N ASP D 123 -3.16 -0.20 4.54
CA ASP D 123 -1.77 -0.44 4.12
C ASP D 123 -1.53 -1.95 4.05
N VAL D 124 -2.42 -2.58 3.27
CA VAL D 124 -2.38 -4.03 3.03
C VAL D 124 -1.50 -4.32 1.80
N LYS D 125 -0.73 -5.41 1.89
CA LYS D 125 0.15 -5.81 0.80
C LYS D 125 -0.15 -7.19 0.24
N GLU D 126 -0.85 -8.04 0.96
CA GLU D 126 -1.08 -9.42 0.51
C GLU D 126 -2.47 -9.86 0.90
N TYR D 127 -3.08 -10.69 0.05
CA TYR D 127 -4.36 -11.33 0.34
C TYR D 127 -4.29 -12.15 1.63
N VAL D 128 -5.29 -12.03 2.50
CA VAL D 128 -5.45 -12.89 3.67
C VAL D 128 -6.82 -13.55 3.58
N ASP D 129 -6.84 -14.87 3.76
CA ASP D 129 -8.04 -15.72 3.66
C ASP D 129 -9.01 -15.33 4.78
N PRO D 130 -10.19 -14.78 4.42
CA PRO D 130 -11.19 -14.31 5.39
C PRO D 130 -11.85 -15.43 6.20
N SER D 131 -11.69 -16.67 5.72
CA SER D 131 -12.13 -17.84 6.46
C SER D 131 -11.26 -18.21 7.65
N LEU D 132 -10.09 -17.60 7.81
CA LEU D 132 -9.25 -17.88 8.96
C LEU D 132 -9.89 -17.31 10.21
N PRO D 133 -9.52 -17.88 11.39
CA PRO D 133 -9.87 -17.28 12.69
C PRO D 133 -9.49 -15.78 12.79
N VAL D 134 -10.23 -15.02 13.58
CA VAL D 134 -9.93 -13.60 13.72
C VAL D 134 -8.44 -13.39 14.07
N GLU D 135 -7.94 -14.10 15.09
CA GLU D 135 -6.59 -13.85 15.59
C GLU D 135 -5.54 -14.19 14.55
N GLU D 136 -5.74 -15.26 13.80
CA GLU D 136 -4.85 -15.61 12.69
C GLU D 136 -4.87 -14.53 11.61
N ILE D 137 -6.06 -14.03 11.28
CA ILE D 137 -6.17 -12.96 10.28
C ILE D 137 -5.37 -11.74 10.70
N VAL D 138 -5.62 -11.29 11.93
CA VAL D 138 -4.98 -10.08 12.43
C VAL D 138 -3.45 -10.25 12.50
N GLU D 139 -2.97 -11.39 13.00
CA GLU D 139 -1.52 -11.57 13.15
C GLU D 139 -0.86 -11.50 11.78
N LYS D 140 -1.58 -12.00 10.77
CA LYS D 140 -1.14 -11.92 9.39
C LYS D 140 -1.08 -10.49 8.87
N LEU D 141 -2.08 -9.67 9.24
CA LEU D 141 -2.08 -8.26 8.81
C LEU D 141 -0.93 -7.47 9.48
N LYS D 142 -0.72 -7.72 10.77
CA LYS D 142 0.39 -7.16 11.54
C LYS D 142 1.77 -7.52 10.96
N GLU D 143 1.91 -8.76 10.46
CA GLU D 143 3.12 -9.19 9.74
C GLU D 143 3.37 -8.36 8.47
N GLN D 144 2.32 -7.84 7.86
CA GLN D 144 2.44 -6.98 6.69
C GLN D 144 2.63 -5.51 7.06
N ASN D 145 2.69 -5.21 8.36
CA ASN D 145 2.70 -3.85 8.87
C ASN D 145 1.47 -3.10 8.37
N ALA D 146 0.31 -3.72 8.59
CA ALA D 146 -0.97 -3.08 8.33
C ALA D 146 -1.65 -2.60 9.62
N LEU D 147 -2.47 -1.57 9.45
CA LEU D 147 -3.31 -1.05 10.51
C LEU D 147 -4.64 -1.79 10.48
N VAL D 148 -5.09 -2.26 11.65
CA VAL D 148 -6.20 -3.20 11.73
C VAL D 148 -7.37 -2.63 12.53
N ILE D 149 -8.51 -2.49 11.84
CA ILE D 149 -9.69 -1.86 12.39
C ILE D 149 -10.87 -2.86 12.45
N ALA D 150 -11.62 -2.80 13.55
CA ALA D 150 -12.87 -3.55 13.71
C ALA D 150 -14.03 -2.79 13.11
N ALA D 151 -14.46 -3.19 11.92
CA ALA D 151 -15.54 -2.49 11.28
C ALA D 151 -16.81 -2.84 12.05
N HIS D 152 -17.65 -1.82 12.26
CA HIS D 152 -18.97 -1.96 12.88
C HIS D 152 -19.99 -2.03 11.76
N PRO D 153 -20.96 -2.96 11.86
CA PRO D 153 -22.01 -3.06 10.82
C PRO D 153 -22.82 -1.79 10.72
N ASP D 154 -23.07 -1.30 9.51
CA ASP D 154 -23.84 -0.06 9.37
C ASP D 154 -25.28 -0.26 9.87
N ARG D 155 -25.94 0.80 10.31
CA ARG D 155 -27.29 0.70 10.91
C ARG D 155 -28.36 0.10 9.95
N LYS D 156 -28.13 0.19 8.63
CA LYS D 156 -28.93 -0.57 7.63
C LYS D 156 -28.37 -2.00 7.41
N TRP D 165 -23.10 -10.28 15.44
CA TRP D 165 -21.81 -9.85 14.88
C TRP D 165 -20.67 -10.16 15.86
N TYR D 166 -19.81 -11.09 15.45
CA TYR D 166 -18.92 -11.80 16.34
C TYR D 166 -17.95 -10.89 17.13
N LEU D 167 -17.36 -9.90 16.46
CA LEU D 167 -16.39 -8.99 17.10
C LEU D 167 -17.06 -8.15 18.22
N TRP D 168 -18.27 -7.66 17.93
CA TRP D 168 -18.98 -6.77 18.84
C TRP D 168 -19.59 -7.51 20.00
N ALA D 169 -19.76 -8.83 19.85
CA ALA D 169 -20.22 -9.71 20.94
C ALA D 169 -19.05 -10.16 21.84
N ASN D 170 -17.82 -9.82 21.45
CA ASN D 170 -16.63 -10.35 22.04
C ASN D 170 -15.58 -9.28 22.13
N MSE D 171 -15.98 -8.08 22.53
CA MSE D 171 -15.09 -6.92 22.55
C MSE D 171 -13.98 -7.09 23.59
O MSE D 171 -12.84 -6.74 23.33
CB MSE D 171 -15.87 -5.65 22.83
CG MSE D 171 -16.84 -5.31 21.73
SE MSE D 171 -17.77 -3.58 21.98
CE MSE D 171 -16.29 -2.37 21.77
N GLU D 172 -14.32 -7.61 24.75
CA GLU D 172 -13.35 -7.76 25.85
C GLU D 172 -12.19 -8.63 25.36
N ARG D 173 -12.55 -9.77 24.78
CA ARG D 173 -11.62 -10.75 24.18
C ARG D 173 -10.68 -10.11 23.13
N PHE D 174 -11.22 -9.21 22.31
CA PHE D 174 -10.44 -8.61 21.23
C PHE D 174 -9.86 -7.25 21.57
N LYS D 175 -9.58 -7.01 22.84
CA LYS D 175 -9.15 -5.66 23.29
C LYS D 175 -7.74 -5.33 22.84
N ASP D 176 -6.83 -6.30 22.97
CA ASP D 176 -5.48 -6.15 22.48
C ASP D 176 -5.38 -6.55 20.99
N THR D 177 -6.47 -6.98 20.37
CA THR D 177 -6.38 -7.48 19.00
C THR D 177 -6.40 -6.33 17.96
N PHE D 178 -7.33 -5.40 18.07
CA PHE D 178 -7.48 -4.38 17.03
C PHE D 178 -6.73 -3.13 17.37
N ASP D 179 -6.19 -2.48 16.34
CA ASP D 179 -5.56 -1.16 16.52
C ASP D 179 -6.64 -0.12 16.88
N ALA D 180 -7.83 -0.25 16.30
CA ALA D 180 -8.96 0.62 16.65
C ALA D 180 -10.30 0.00 16.25
N TRP D 181 -11.38 0.53 16.81
CA TRP D 181 -12.73 0.03 16.59
C TRP D 181 -13.57 1.14 15.96
N GLU D 182 -14.42 0.81 14.99
CA GLU D 182 -15.31 1.84 14.44
C GLU D 182 -16.31 2.25 15.51
N ILE D 183 -16.14 3.50 15.98
CA ILE D 183 -17.10 4.20 16.83
C ILE D 183 -18.20 4.94 16.01
N ALA D 184 -17.95 5.11 14.73
CA ALA D 184 -18.95 5.75 13.91
C ALA D 184 -18.80 5.33 12.45
N ASN D 185 -19.93 5.34 11.77
CA ASN D 185 -20.07 4.79 10.44
C ASN D 185 -21.20 5.62 9.85
N ARG D 186 -21.14 5.94 8.57
CA ARG D 186 -22.11 6.80 7.96
C ARG D 186 -22.40 7.97 8.91
N ASP D 187 -23.65 8.09 9.33
CA ASP D 187 -24.13 9.12 10.25
C ASP D 187 -24.44 8.63 11.66
N ASP D 188 -23.89 7.50 12.04
CA ASP D 188 -24.24 6.84 13.29
C ASP D 188 -23.08 6.68 14.19
N LEU D 189 -23.29 7.02 15.45
CA LEU D 189 -22.31 6.81 16.51
C LEU D 189 -22.65 5.51 17.21
N PHE D 190 -21.61 4.83 17.69
CA PHE D 190 -21.75 3.57 18.38
C PHE D 190 -21.15 3.72 19.78
N ASN D 191 -22.02 3.87 20.77
CA ASN D 191 -21.65 4.27 22.10
C ASN D 191 -20.74 3.28 22.83
N SER D 192 -20.90 1.98 22.54
CA SER D 192 -20.14 0.91 23.18
C SER D 192 -18.62 1.06 23.09
N VAL D 193 -18.12 1.54 21.96
CA VAL D 193 -16.67 1.74 21.81
C VAL D 193 -16.21 2.74 22.88
N GLY D 194 -16.90 3.88 22.93
CA GLY D 194 -16.57 4.98 23.82
C GLY D 194 -16.77 4.66 25.29
N VAL D 195 -17.90 4.06 25.62
CA VAL D 195 -18.18 3.61 26.98
C VAL D 195 -17.02 2.75 27.55
N LYS D 196 -16.47 1.87 26.70
CA LYS D 196 -15.32 1.03 27.06
C LYS D 196 -13.96 1.73 26.94
N LYS D 197 -13.95 2.92 26.36
CA LYS D 197 -12.73 3.72 26.19
C LYS D 197 -11.75 3.05 25.23
N TYR D 198 -12.30 2.25 24.32
CA TYR D 198 -11.51 1.58 23.28
C TYR D 198 -10.96 2.58 22.29
N ARG D 199 -9.86 2.22 21.64
CA ARG D 199 -9.30 3.02 20.58
C ARG D 199 -10.34 3.09 19.47
N TYR D 200 -10.52 4.25 18.88
CA TYR D 200 -11.62 4.45 17.92
C TYR D 200 -11.16 5.10 16.67
N VAL D 201 -11.95 4.90 15.62
CA VAL D 201 -11.87 5.65 14.40
C VAL D 201 -13.28 5.79 13.90
N ALA D 202 -13.46 6.70 12.94
CA ALA D 202 -14.74 6.98 12.35
C ALA D 202 -14.57 7.13 10.83
N ASN D 203 -15.43 6.44 10.09
CA ASN D 203 -15.30 6.30 8.64
C ASN D 203 -16.66 6.36 7.98
N SER D 204 -16.67 6.54 6.67
CA SER D 204 -17.94 6.62 5.93
C SER D 204 -18.54 5.24 5.72
N ASP D 205 -17.69 4.22 5.47
CA ASP D 205 -18.11 2.95 4.88
C ASP D 205 -18.78 3.24 3.51
N PHE D 206 -18.07 4.00 2.69
CA PHE D 206 -18.63 4.59 1.46
C PHE D 206 -18.97 3.52 0.43
N HIS D 207 -20.17 3.66 -0.12
CA HIS D 207 -20.63 2.85 -1.25
C HIS D 207 -21.29 3.75 -2.28
N GLU D 208 -21.97 4.79 -1.80
CA GLU D 208 -22.79 5.70 -2.62
C GLU D 208 -22.32 7.14 -2.44
N LEU D 209 -22.51 7.95 -3.47
CA LEU D 209 -22.05 9.34 -3.46
C LEU D 209 -22.31 10.02 -2.08
N TRP D 210 -23.58 9.98 -1.65
CA TRP D 210 -24.03 10.70 -0.47
C TRP D 210 -23.37 10.21 0.83
N HIS D 211 -22.82 8.99 0.82
CA HIS D 211 -22.00 8.52 1.95
C HIS D 211 -20.72 9.31 2.15
N VAL D 212 -20.38 10.24 1.24
CA VAL D 212 -19.17 11.03 1.43
C VAL D 212 -19.35 12.00 2.60
N TYR D 213 -20.59 12.42 2.83
CA TYR D 213 -20.96 13.19 4.02
C TYR D 213 -21.18 12.20 5.13
N SER D 214 -20.26 12.17 6.09
CA SER D 214 -20.28 11.17 7.12
C SER D 214 -19.35 11.54 8.29
N TRP D 215 -19.47 10.79 9.38
CA TRP D 215 -18.43 10.77 10.43
C TRP D 215 -17.08 10.39 9.84
N LYS D 216 -16.05 11.18 10.15
CA LYS D 216 -14.68 10.89 9.74
C LYS D 216 -13.69 11.00 10.91
N THR D 217 -12.43 10.66 10.65
CA THR D 217 -11.40 10.71 11.66
C THR D 217 -10.50 11.92 11.47
N LEU D 218 -10.28 12.64 12.57
CA LEU D 218 -9.30 13.70 12.64
C LEU D 218 -8.14 13.18 13.49
N VAL D 219 -6.95 13.18 12.90
CA VAL D 219 -5.81 12.62 13.57
C VAL D 219 -4.65 13.61 13.44
N LYS D 220 -4.01 13.89 14.56
CA LYS D 220 -2.83 14.74 14.58
C LYS D 220 -1.68 13.83 14.24
N SER D 221 -1.05 14.11 13.10
CA SER D 221 0.05 13.28 12.60
C SER D 221 0.77 13.98 11.45
N GLU D 222 2.04 13.62 11.26
CA GLU D 222 2.77 13.99 10.07
C GLU D 222 2.05 13.35 8.88
N LYS D 223 2.12 14.00 7.73
CA LYS D 223 1.36 13.54 6.58
C LYS D 223 2.15 12.45 5.83
N ASN D 224 2.22 11.28 6.44
CA ASN D 224 2.90 10.11 5.85
C ASN D 224 2.33 8.83 6.43
N ILE D 225 2.32 7.78 5.62
CA ILE D 225 1.55 6.59 5.95
C ILE D 225 2.00 5.96 7.28
N GLU D 226 3.30 5.87 7.52
CA GLU D 226 3.76 5.24 8.77
C GLU D 226 3.34 6.05 9.98
N ALA D 227 3.46 7.37 9.86
CA ALA D 227 3.12 8.27 10.95
C ALA D 227 1.62 8.18 11.29
N ILE D 228 0.79 8.17 10.24
CA ILE D 228 -0.66 8.05 10.39
C ILE D 228 -1.08 6.76 11.11
N LYS D 229 -0.57 5.63 10.66
CA LYS D 229 -0.86 4.35 11.31
C LYS D 229 -0.42 4.40 12.78
N GLU D 230 0.73 4.99 13.08
CA GLU D 230 1.20 5.09 14.45
C GLU D 230 0.24 5.93 15.31
N ALA D 231 -0.30 7.01 14.74
CA ALA D 231 -1.16 7.93 15.47
C ALA D 231 -2.53 7.32 15.74
N ILE D 232 -3.03 6.52 14.78
CA ILE D 232 -4.24 5.74 15.04
C ILE D 232 -4.01 4.68 16.12
N ARG D 233 -2.92 3.91 16.01
CA ARG D 233 -2.55 2.95 17.06
C ARG D 233 -2.44 3.58 18.43
N LYS D 234 -1.68 4.69 18.56
CA LYS D 234 -1.62 5.43 19.84
C LYS D 234 -2.99 5.93 20.30
N ASN D 235 -3.73 6.51 19.36
CA ASN D 235 -5.08 6.95 19.56
C ASN D 235 -5.22 8.10 20.58
N THR D 236 -4.14 8.80 20.94
CA THR D 236 -4.24 9.87 21.94
C THR D 236 -4.60 11.22 21.33
N ASP D 237 -4.35 11.38 20.02
CA ASP D 237 -4.71 12.59 19.26
C ASP D 237 -5.59 12.26 18.06
N VAL D 238 -6.72 11.64 18.39
CA VAL D 238 -7.69 11.19 17.45
C VAL D 238 -9.06 11.67 17.90
N ALA D 239 -9.77 12.36 16.99
CA ALA D 239 -11.12 12.84 17.22
C ALA D 239 -12.02 12.40 16.07
N ILE D 240 -13.32 12.57 16.27
CA ILE D 240 -14.26 12.31 15.19
C ILE D 240 -15.00 13.58 14.79
N TYR D 241 -15.26 13.66 13.49
CA TYR D 241 -15.69 14.88 12.84
C TYR D 241 -16.77 14.53 11.86
N LEU D 242 -17.87 15.26 11.88
CA LEU D 242 -18.99 15.03 10.95
C LEU D 242 -18.87 15.94 9.75
N MSE D 243 -18.66 15.35 8.58
CA MSE D 243 -18.60 16.12 7.34
C MSE D 243 -20.01 16.33 6.78
O MSE D 243 -20.73 15.36 6.53
CB MSE D 243 -17.71 15.39 6.33
CG MSE D 243 -17.66 16.07 4.97
SE MSE D 243 -15.91 15.80 4.04
CE MSE D 243 -14.96 17.46 4.70
N ARG D 244 -20.43 17.59 6.66
CA ARG D 244 -21.80 17.90 6.20
C ARG D 244 -21.75 18.68 4.92
N THR E 17 -24.62 37.80 -26.20
CA THR E 17 -24.64 36.33 -26.29
C THR E 17 -23.22 35.79 -26.12
N GLU E 18 -23.07 34.85 -25.19
CA GLU E 18 -21.89 33.97 -25.14
C GLU E 18 -22.44 32.57 -25.47
N TRP E 19 -21.55 31.61 -25.64
CA TRP E 19 -21.94 30.22 -25.86
C TRP E 19 -22.10 29.57 -24.48
N LEU E 20 -23.26 28.95 -24.28
CA LEU E 20 -23.60 28.34 -23.00
C LEU E 20 -23.61 26.84 -23.12
N LEU E 21 -23.08 26.18 -22.10
CA LEU E 21 -23.07 24.72 -22.01
C LEU E 21 -24.27 24.20 -21.21
N CYS E 22 -25.10 23.37 -21.85
CA CYS E 22 -26.45 23.05 -21.38
C CYS E 22 -26.66 21.58 -21.32
N ASP E 23 -27.49 21.11 -20.39
CA ASP E 23 -27.91 19.72 -20.37
C ASP E 23 -29.41 19.71 -20.08
N PHE E 24 -30.19 19.35 -21.06
CA PHE E 24 -31.62 19.47 -20.94
C PHE E 24 -32.28 18.15 -20.54
N HIS E 25 -31.53 17.17 -20.06
CA HIS E 25 -32.12 15.82 -19.86
C HIS E 25 -31.46 15.09 -18.69
N VAL E 26 -31.99 15.32 -17.50
CA VAL E 26 -31.35 14.96 -16.23
C VAL E 26 -32.39 14.38 -15.27
N HIS E 27 -32.08 13.25 -14.66
CA HIS E 27 -33.01 12.58 -13.75
C HIS E 27 -32.44 12.55 -12.33
N THR E 28 -33.34 12.58 -11.33
CA THR E 28 -32.99 12.57 -9.91
C THR E 28 -33.69 11.40 -9.26
N ASN E 29 -33.39 11.14 -7.98
CA ASN E 29 -34.10 10.07 -7.28
C ASN E 29 -35.62 10.32 -7.05
N MSE E 30 -36.12 11.49 -7.42
CA MSE E 30 -37.56 11.70 -7.41
C MSE E 30 -38.32 10.85 -8.46
O MSE E 30 -39.53 10.57 -8.31
CB MSE E 30 -37.85 13.17 -7.60
CG MSE E 30 -37.28 14.02 -6.47
SE MSE E 30 -37.85 15.90 -6.56
CE MSE E 30 -36.82 16.51 -8.13
N SER E 31 -37.62 10.48 -9.54
CA SER E 31 -38.16 9.48 -10.47
C SER E 31 -37.25 8.27 -10.45
N ASP E 32 -36.45 8.06 -11.48
CA ASP E 32 -35.70 6.82 -11.55
C ASP E 32 -34.21 7.05 -11.59
N GLY E 33 -33.77 8.30 -11.34
CA GLY E 33 -32.36 8.58 -11.11
C GLY E 33 -31.84 7.98 -9.80
N HIS E 34 -30.52 7.94 -9.65
CA HIS E 34 -29.88 7.36 -8.47
C HIS E 34 -29.60 8.40 -7.39
N LEU E 35 -29.59 9.68 -7.76
CA LEU E 35 -29.06 10.72 -6.88
C LEU E 35 -30.07 11.78 -6.43
N PRO E 36 -29.95 12.20 -5.16
CA PRO E 36 -30.80 13.28 -4.65
C PRO E 36 -30.70 14.54 -5.49
N LEU E 37 -31.82 15.26 -5.59
CA LEU E 37 -31.85 16.52 -6.34
C LEU E 37 -30.67 17.41 -5.98
N GLY E 38 -30.40 17.55 -4.68
CA GLY E 38 -29.38 18.52 -4.25
C GLY E 38 -28.03 18.21 -4.84
N GLU E 39 -27.73 16.92 -4.93
CA GLU E 39 -26.42 16.42 -5.30
C GLU E 39 -26.26 16.48 -6.80
N VAL E 40 -27.33 16.14 -7.51
CA VAL E 40 -27.36 16.31 -8.95
C VAL E 40 -27.05 17.76 -9.31
N VAL E 41 -27.65 18.70 -8.59
CA VAL E 41 -27.42 20.12 -8.90
C VAL E 41 -25.97 20.57 -8.65
N ASP E 42 -25.42 20.18 -7.49
CA ASP E 42 -24.03 20.49 -7.13
C ASP E 42 -22.99 19.92 -8.11
N LEU E 43 -23.28 18.74 -8.62
CA LEU E 43 -22.43 18.07 -9.58
C LEU E 43 -22.36 18.81 -10.91
N PHE E 44 -23.52 19.16 -11.45
CA PHE E 44 -23.59 19.94 -12.68
C PHE E 44 -23.05 21.36 -12.50
N GLY E 45 -23.39 21.98 -11.38
CA GLY E 45 -22.91 23.31 -11.07
C GLY E 45 -21.40 23.34 -10.89
N LYS E 46 -20.84 22.31 -10.23
CA LYS E 46 -19.40 22.25 -10.00
C LYS E 46 -18.64 21.85 -11.27
N HIS E 47 -19.32 21.23 -12.23
CA HIS E 47 -18.70 20.91 -13.51
C HIS E 47 -18.87 22.00 -14.55
N GLY E 48 -19.39 23.17 -14.14
CA GLY E 48 -19.39 24.34 -15.00
C GLY E 48 -20.43 24.30 -16.09
N VAL E 49 -21.48 23.48 -15.90
CA VAL E 49 -22.65 23.51 -16.78
C VAL E 49 -23.44 24.77 -16.46
N ASP E 50 -23.78 25.50 -17.52
CA ASP E 50 -24.40 26.83 -17.39
C ASP E 50 -25.88 26.69 -17.23
N VAL E 51 -26.44 25.70 -17.89
CA VAL E 51 -27.87 25.54 -18.00
C VAL E 51 -28.19 24.08 -17.85
N VAL E 52 -29.01 23.74 -16.86
CA VAL E 52 -29.48 22.38 -16.72
C VAL E 52 -30.99 22.41 -16.58
N SER E 53 -31.67 21.44 -17.18
CA SER E 53 -33.10 21.21 -16.89
C SER E 53 -33.26 19.90 -16.16
N ILE E 54 -34.06 19.88 -15.11
CA ILE E 54 -34.33 18.61 -14.44
C ILE E 54 -35.59 18.03 -15.03
N THR E 55 -35.47 16.84 -15.61
CA THR E 55 -36.54 16.25 -16.41
C THR E 55 -36.91 14.88 -15.88
N ASP E 56 -37.40 14.83 -14.64
CA ASP E 56 -37.81 13.55 -14.06
C ASP E 56 -39.04 13.01 -14.82
N HIS E 57 -39.31 11.72 -14.64
CA HIS E 57 -40.34 11.04 -15.44
C HIS E 57 -41.70 11.27 -14.85
N ILE E 58 -42.65 11.60 -15.73
CA ILE E 58 -44.05 11.26 -15.52
C ILE E 58 -44.35 10.19 -16.56
N VAL E 59 -45.13 9.17 -16.20
CA VAL E 59 -45.37 8.01 -17.08
C VAL E 59 -46.84 7.78 -17.34
N ASP E 60 -47.15 7.04 -18.39
CA ASP E 60 -48.53 6.71 -18.68
C ASP E 60 -49.13 5.86 -17.54
N ARG E 61 -50.43 6.00 -17.35
CA ARG E 61 -51.14 5.28 -16.29
C ARG E 61 -50.91 3.75 -16.32
N ARG E 62 -50.90 3.15 -17.52
CA ARG E 62 -50.74 1.68 -17.60
C ARG E 62 -49.41 1.20 -17.00
N THR E 63 -48.33 1.86 -17.40
CA THR E 63 -46.99 1.57 -16.89
C THR E 63 -46.92 1.76 -15.37
N LEU E 64 -47.48 2.86 -14.89
CA LEU E 64 -47.49 3.17 -13.48
C LEU E 64 -48.23 2.11 -12.71
N GLU E 65 -49.42 1.78 -13.20
CA GLU E 65 -50.27 0.87 -12.45
C GLU E 65 -49.68 -0.55 -12.49
N GLN E 66 -49.06 -0.91 -13.61
CA GLN E 66 -48.32 -2.17 -13.73
C GLN E 66 -47.26 -2.29 -12.65
N ARG E 67 -46.48 -1.21 -12.46
CA ARG E 67 -45.42 -1.19 -11.46
C ARG E 67 -45.98 -1.22 -10.06
N LYS E 68 -46.99 -0.40 -9.80
CA LYS E 68 -47.62 -0.37 -8.50
C LYS E 68 -48.15 -1.76 -8.10
N ARG E 69 -48.79 -2.44 -9.05
CA ARG E 69 -49.42 -3.74 -8.83
C ARG E 69 -48.42 -4.89 -8.80
N ASN E 70 -47.31 -4.78 -9.52
CA ASN E 70 -46.22 -5.77 -9.43
C ASN E 70 -45.26 -5.47 -8.26
N GLY E 71 -45.60 -4.50 -7.42
CA GLY E 71 -44.77 -4.11 -6.28
C GLY E 71 -43.46 -3.42 -6.64
N GLU E 72 -43.27 -3.04 -7.89
CA GLU E 72 -42.02 -2.41 -8.31
C GLU E 72 -42.06 -0.91 -7.99
N PRO E 73 -40.88 -0.28 -7.87
CA PRO E 73 -40.90 1.18 -7.66
C PRO E 73 -41.50 1.92 -8.87
N LEU E 74 -42.12 3.05 -8.59
CA LEU E 74 -42.88 3.79 -9.59
C LEU E 74 -41.94 4.45 -10.59
N GLY E 75 -40.75 4.84 -10.14
CA GLY E 75 -39.77 5.53 -11.01
C GLY E 75 -40.32 6.75 -11.72
N ALA E 76 -41.21 7.48 -11.06
CA ALA E 76 -41.91 8.59 -11.69
C ALA E 76 -42.55 9.47 -10.65
N ILE E 77 -42.77 10.73 -11.01
CA ILE E 77 -43.63 11.64 -10.23
C ILE E 77 -45.10 11.43 -10.58
N THR E 78 -45.94 11.30 -9.57
CA THR E 78 -47.36 11.08 -9.76
C THR E 78 -48.05 12.39 -10.09
N GLU E 79 -49.26 12.32 -10.66
CA GLU E 79 -50.00 13.53 -10.97
C GLU E 79 -50.25 14.34 -9.70
N ASP E 80 -50.58 13.64 -8.62
CA ASP E 80 -50.83 14.31 -7.32
C ASP E 80 -49.60 15.04 -6.74
N LYS E 81 -48.41 14.56 -7.06
CA LYS E 81 -47.19 15.11 -6.49
C LYS E 81 -46.45 16.04 -7.47
N PHE E 82 -47.08 16.33 -8.59
CA PHE E 82 -46.42 17.11 -9.63
C PHE E 82 -46.10 18.55 -9.22
N GLN E 83 -47.06 19.22 -8.58
CA GLN E 83 -46.86 20.62 -8.23
C GLN E 83 -45.74 20.70 -7.17
N ASP E 84 -45.74 19.74 -6.25
CA ASP E 84 -44.70 19.59 -5.24
C ASP E 84 -43.31 19.31 -5.84
N TYR E 85 -43.26 18.53 -6.92
CA TYR E 85 -42.02 18.38 -7.68
C TYR E 85 -41.51 19.71 -8.26
N LEU E 86 -42.37 20.41 -8.99
CA LEU E 86 -42.06 21.72 -9.49
C LEU E 86 -41.58 22.67 -8.40
N LYS E 87 -42.28 22.77 -7.27
CA LYS E 87 -41.84 23.64 -6.13
C LYS E 87 -40.43 23.29 -5.67
N ARG E 88 -40.11 22.00 -5.61
CA ARG E 88 -38.76 21.62 -5.20
C ARG E 88 -37.77 22.21 -6.20
N LEU E 89 -38.13 22.18 -7.48
CA LEU E 89 -37.26 22.71 -8.51
C LEU E 89 -37.16 24.22 -8.48
N TRP E 90 -38.26 24.89 -8.16
CA TRP E 90 -38.30 26.34 -8.14
C TRP E 90 -37.39 26.86 -7.05
N ARG E 91 -37.40 26.17 -5.93
CA ARG E 91 -36.47 26.49 -4.85
C ARG E 91 -35.01 26.23 -5.25
N GLU E 92 -34.73 25.13 -5.95
CA GLU E 92 -33.39 24.85 -6.45
C GLU E 92 -32.89 25.85 -7.46
N GLN E 93 -33.80 26.38 -8.28
CA GLN E 93 -33.47 27.48 -9.17
C GLN E 93 -32.70 28.58 -8.44
N LYS E 94 -33.15 28.88 -7.23
CA LYS E 94 -32.53 29.92 -6.42
C LYS E 94 -31.13 29.52 -6.06
N ARG E 95 -30.98 28.30 -5.55
CA ARG E 95 -29.69 27.83 -5.05
C ARG E 95 -28.71 27.62 -6.18
N ALA E 96 -29.19 27.04 -7.28
CA ALA E 96 -28.37 26.87 -8.49
C ALA E 96 -27.81 28.20 -8.96
N TRP E 97 -28.61 29.25 -8.89
CA TRP E 97 -28.13 30.55 -9.33
C TRP E 97 -27.18 31.18 -8.35
N GLU E 98 -27.58 31.26 -7.09
CA GLU E 98 -26.74 31.86 -6.05
C GLU E 98 -25.39 31.21 -5.89
N GLU E 99 -25.32 29.88 -5.96
CA GLU E 99 -24.09 29.14 -5.68
C GLU E 99 -23.21 28.93 -6.91
N TYR E 100 -23.80 28.78 -8.10
CA TYR E 100 -23.06 28.43 -9.30
C TYR E 100 -23.25 29.43 -10.44
N GLY E 101 -24.08 30.45 -10.25
CA GLY E 101 -24.50 31.24 -11.41
C GLY E 101 -25.01 30.35 -12.51
N MSE E 102 -25.70 29.28 -12.15
CA MSE E 102 -26.24 28.35 -13.11
C MSE E 102 -27.75 28.53 -13.23
O MSE E 102 -28.45 28.69 -12.24
CB MSE E 102 -25.95 26.93 -12.68
CG MSE E 102 -26.57 25.84 -13.57
SE MSE E 102 -25.94 24.04 -13.05
CE MSE E 102 -27.19 23.72 -11.49
N ILE E 103 -28.23 28.45 -14.46
CA ILE E 103 -29.64 28.48 -14.74
C ILE E 103 -30.21 27.08 -14.72
N LEU E 104 -31.20 26.87 -13.85
CA LEU E 104 -31.89 25.60 -13.70
C LEU E 104 -33.31 25.80 -14.18
N ILE E 105 -33.79 24.90 -15.04
CA ILE E 105 -35.07 25.07 -15.65
C ILE E 105 -35.94 23.87 -15.29
N PRO E 106 -37.10 24.11 -14.65
CA PRO E 106 -37.96 22.96 -14.38
C PRO E 106 -38.41 22.30 -15.67
N GLY E 107 -38.32 20.98 -15.70
CA GLY E 107 -38.74 20.18 -16.84
C GLY E 107 -39.31 18.84 -16.42
N VAL E 108 -39.55 18.00 -17.42
CA VAL E 108 -40.12 16.68 -17.20
C VAL E 108 -39.79 15.79 -18.38
N GLU E 109 -39.68 14.48 -18.15
CA GLU E 109 -39.75 13.53 -19.26
C GLU E 109 -41.08 12.75 -19.33
N ILE E 110 -41.86 13.10 -20.35
CA ILE E 110 -43.19 12.52 -20.59
C ILE E 110 -42.95 11.16 -21.24
N THR E 111 -43.24 10.12 -20.47
CA THR E 111 -42.68 8.78 -20.71
C THR E 111 -43.83 7.78 -20.95
N ASN E 112 -44.10 7.51 -22.21
CA ASN E 112 -45.11 6.54 -22.58
C ASN E 112 -44.39 5.27 -23.00
N ASN E 113 -44.43 4.27 -22.14
CA ASN E 113 -43.84 2.98 -22.41
C ASN E 113 -44.85 1.99 -22.95
N THR E 114 -46.07 2.44 -23.13
CA THR E 114 -47.06 1.61 -23.78
C THR E 114 -46.88 1.75 -25.29
N ASP E 115 -46.87 3.00 -25.77
CA ASP E 115 -46.74 3.29 -27.21
C ASP E 115 -45.32 3.71 -27.65
N LEU E 116 -44.43 3.89 -26.66
CA LEU E 116 -42.97 3.97 -26.83
C LEU E 116 -42.53 5.28 -27.46
N TYR E 117 -42.91 6.37 -26.78
CA TYR E 117 -42.41 7.71 -27.06
C TYR E 117 -42.07 8.42 -25.75
N HIS E 118 -40.85 8.94 -25.71
CA HIS E 118 -40.37 9.77 -24.60
C HIS E 118 -40.16 11.20 -25.10
N ILE E 119 -40.81 12.15 -24.43
CA ILE E 119 -40.77 13.55 -24.83
C ILE E 119 -40.28 14.40 -23.68
N VAL E 120 -39.15 15.09 -23.88
CA VAL E 120 -38.58 15.94 -22.83
C VAL E 120 -39.11 17.37 -22.99
N ALA E 121 -39.76 17.88 -21.93
CA ALA E 121 -40.26 19.25 -21.92
C ALA E 121 -39.46 20.09 -20.96
N VAL E 122 -38.93 21.18 -21.49
CA VAL E 122 -38.11 22.13 -20.73
C VAL E 122 -38.92 23.41 -20.48
N ASP E 123 -38.90 23.87 -19.22
CA ASP E 123 -39.70 25.00 -18.71
C ASP E 123 -41.20 24.63 -18.66
N VAL E 124 -41.46 23.51 -17.99
CA VAL E 124 -42.81 22.96 -17.84
C VAL E 124 -43.49 23.51 -16.58
N LYS E 125 -44.78 23.76 -16.68
CA LYS E 125 -45.51 24.39 -15.59
C LYS E 125 -46.68 23.58 -15.09
N GLU E 126 -47.26 22.73 -15.94
CA GLU E 126 -48.38 21.89 -15.56
C GLU E 126 -48.19 20.47 -16.06
N TYR E 127 -48.72 19.54 -15.29
CA TYR E 127 -48.82 18.16 -15.68
C TYR E 127 -49.49 17.98 -17.04
N VAL E 128 -48.91 17.11 -17.88
CA VAL E 128 -49.52 16.66 -19.13
C VAL E 128 -49.56 15.13 -19.15
N ASP E 129 -50.73 14.59 -19.44
CA ASP E 129 -50.98 13.15 -19.45
C ASP E 129 -50.15 12.44 -20.53
N PRO E 130 -49.18 11.60 -20.11
CA PRO E 130 -48.33 10.95 -21.11
C PRO E 130 -49.04 9.99 -22.08
N SER E 131 -50.23 9.50 -21.70
CA SER E 131 -51.02 8.57 -22.51
C SER E 131 -51.72 9.24 -23.71
N LEU E 132 -51.69 10.58 -23.75
CA LEU E 132 -52.27 11.35 -24.85
C LEU E 132 -51.45 11.13 -26.11
N PRO E 133 -52.11 11.22 -27.28
CA PRO E 133 -51.42 11.25 -28.57
C PRO E 133 -50.30 12.29 -28.58
N VAL E 134 -49.24 12.00 -29.33
CA VAL E 134 -48.07 12.88 -29.39
C VAL E 134 -48.39 14.31 -29.77
N GLU E 135 -49.35 14.54 -30.66
CA GLU E 135 -49.65 15.91 -31.08
C GLU E 135 -50.43 16.68 -30.01
N GLU E 136 -51.31 16.00 -29.28
CA GLU E 136 -52.02 16.64 -28.16
C GLU E 136 -51.04 17.03 -27.04
N ILE E 137 -50.12 16.15 -26.72
CA ILE E 137 -49.13 16.46 -25.70
C ILE E 137 -48.35 17.71 -26.07
N VAL E 138 -47.88 17.74 -27.30
CA VAL E 138 -47.02 18.82 -27.78
C VAL E 138 -47.80 20.11 -27.86
N GLU E 139 -49.07 20.01 -28.24
CA GLU E 139 -49.94 21.18 -28.27
C GLU E 139 -50.11 21.69 -26.86
N LYS E 140 -50.37 20.78 -25.92
CA LYS E 140 -50.42 21.13 -24.49
C LYS E 140 -49.15 21.86 -24.02
N LEU E 141 -48.00 21.29 -24.34
CA LEU E 141 -46.71 21.87 -23.90
C LEU E 141 -46.43 23.25 -24.50
N LYS E 142 -46.82 23.45 -25.76
CA LYS E 142 -46.70 24.78 -26.39
C LYS E 142 -47.60 25.85 -25.72
N GLU E 143 -48.79 25.45 -25.28
CA GLU E 143 -49.69 26.36 -24.55
C GLU E 143 -49.09 26.80 -23.22
N GLN E 144 -48.17 26.01 -22.66
CA GLN E 144 -47.40 26.42 -21.49
C GLN E 144 -46.14 27.23 -21.82
N ASN E 145 -45.80 27.36 -23.11
CA ASN E 145 -44.51 27.94 -23.56
C ASN E 145 -43.36 27.10 -23.03
N ALA E 146 -43.48 25.79 -23.20
CA ALA E 146 -42.42 24.85 -22.88
C ALA E 146 -41.65 24.55 -24.17
N LEU E 147 -40.37 24.22 -24.03
CA LEU E 147 -39.55 23.74 -25.14
C LEU E 147 -39.68 22.22 -25.26
N VAL E 148 -39.90 21.71 -26.48
CA VAL E 148 -40.32 20.32 -26.71
C VAL E 148 -39.31 19.46 -27.47
N ILE E 149 -38.73 18.47 -26.80
CA ILE E 149 -37.65 17.69 -27.37
C ILE E 149 -38.07 16.19 -27.56
N ALA E 150 -37.75 15.64 -28.74
CA ALA E 150 -37.89 14.21 -29.02
C ALA E 150 -36.64 13.51 -28.49
N ALA E 151 -36.79 12.85 -27.36
CA ALA E 151 -35.67 12.20 -26.71
C ALA E 151 -35.37 10.89 -27.44
N HIS E 152 -34.09 10.55 -27.52
CA HIS E 152 -33.68 9.29 -28.15
C HIS E 152 -33.43 8.24 -27.09
N PRO E 153 -33.89 7.01 -27.33
CA PRO E 153 -33.56 6.00 -26.34
C PRO E 153 -32.06 5.85 -26.22
N ASP E 154 -31.56 5.76 -25.00
CA ASP E 154 -30.13 5.51 -24.81
C ASP E 154 -29.79 4.13 -25.34
N ARG E 155 -28.56 4.00 -25.84
CA ARG E 155 -28.15 2.83 -26.62
C ARG E 155 -28.33 1.49 -25.88
N LYS E 156 -28.07 1.48 -24.56
CA LYS E 156 -28.45 0.34 -23.69
C LYS E 156 -29.99 0.16 -23.60
N HIS E 162 -34.23 -4.56 -28.17
CA HIS E 162 -34.52 -4.04 -29.52
C HIS E 162 -36.01 -3.79 -29.80
N LEU E 163 -36.49 -2.61 -29.39
CA LEU E 163 -37.91 -2.21 -29.58
C LEU E 163 -38.03 -1.20 -30.71
N SER E 164 -39.22 -1.05 -31.28
CA SER E 164 -39.47 0.02 -32.25
C SER E 164 -40.04 1.27 -31.56
N TRP E 165 -39.26 2.35 -31.54
CA TRP E 165 -39.65 3.63 -30.89
C TRP E 165 -40.40 4.57 -31.85
N TYR E 166 -41.56 5.04 -31.40
CA TYR E 166 -42.58 5.64 -32.27
C TYR E 166 -42.17 6.93 -32.98
N LEU E 167 -41.47 7.82 -32.25
CA LEU E 167 -41.04 9.10 -32.83
C LEU E 167 -40.00 8.85 -33.94
N TRP E 168 -39.04 7.97 -33.61
CA TRP E 168 -37.94 7.55 -34.50
C TRP E 168 -38.38 6.72 -35.69
N ALA E 169 -39.52 6.05 -35.56
CA ALA E 169 -40.09 5.30 -36.65
C ALA E 169 -40.97 6.16 -37.56
N ASN E 170 -41.29 7.36 -37.11
CA ASN E 170 -42.22 8.25 -37.83
C ASN E 170 -41.63 9.67 -37.88
N MSE E 171 -40.41 9.79 -38.41
CA MSE E 171 -39.69 11.05 -38.40
C MSE E 171 -40.26 12.08 -39.36
O MSE E 171 -40.43 13.24 -38.98
CB MSE E 171 -38.22 10.83 -38.65
CG MSE E 171 -37.53 10.28 -37.41
SE MSE E 171 -35.58 10.31 -37.53
CE MSE E 171 -35.21 8.40 -37.61
N GLU E 172 -40.57 11.67 -40.59
CA GLU E 172 -41.20 12.57 -41.53
C GLU E 172 -42.52 13.09 -40.93
N ARG E 173 -43.34 12.18 -40.40
CA ARG E 173 -44.56 12.59 -39.71
C ARG E 173 -44.33 13.71 -38.69
N PHE E 174 -43.26 13.63 -37.90
CA PHE E 174 -43.05 14.56 -36.79
C PHE E 174 -42.05 15.68 -37.08
N LYS E 175 -41.79 15.92 -38.35
CA LYS E 175 -40.79 16.88 -38.79
C LYS E 175 -41.06 18.28 -38.21
N ASP E 176 -42.31 18.74 -38.24
CA ASP E 176 -42.63 20.09 -37.76
C ASP E 176 -43.18 20.06 -36.33
N THR E 177 -43.02 18.94 -35.62
CA THR E 177 -43.72 18.76 -34.34
C THR E 177 -42.80 19.16 -33.18
N PHE E 178 -41.52 18.82 -33.28
CA PHE E 178 -40.65 18.98 -32.15
C PHE E 178 -39.78 20.15 -32.38
N ASP E 179 -39.43 20.84 -31.31
CA ASP E 179 -38.53 21.98 -31.39
C ASP E 179 -37.16 21.44 -31.80
N ALA E 180 -36.81 20.30 -31.25
CA ALA E 180 -35.51 19.71 -31.48
C ALA E 180 -35.53 18.19 -31.17
N TRP E 181 -34.58 17.46 -31.74
CA TRP E 181 -34.48 16.03 -31.56
C TRP E 181 -33.12 15.71 -30.92
N GLU E 182 -33.12 14.74 -30.02
CA GLU E 182 -31.89 14.32 -29.38
C GLU E 182 -30.98 13.59 -30.38
N ILE E 183 -29.91 14.28 -30.76
CA ILE E 183 -28.91 13.77 -31.72
C ILE E 183 -27.79 13.06 -31.00
N ALA E 184 -27.77 13.20 -29.68
CA ALA E 184 -26.79 12.51 -28.86
C ALA E 184 -27.27 12.48 -27.42
N ASN E 185 -26.83 11.44 -26.73
CA ASN E 185 -27.38 10.99 -25.46
C ASN E 185 -26.20 10.25 -24.82
N ARG E 186 -25.99 10.35 -23.52
CA ARG E 186 -24.82 9.74 -22.89
C ARG E 186 -23.58 9.90 -23.79
N ASP E 187 -23.07 8.78 -24.31
CA ASP E 187 -21.79 8.72 -24.96
C ASP E 187 -21.92 8.56 -26.46
N ASP E 188 -23.16 8.61 -26.93
CA ASP E 188 -23.51 8.13 -28.25
C ASP E 188 -24.13 9.19 -29.13
N LEU E 189 -23.79 9.15 -30.41
CA LEU E 189 -24.37 10.01 -31.46
C LEU E 189 -25.35 9.22 -32.30
N PHE E 190 -26.35 9.90 -32.85
CA PHE E 190 -27.42 9.26 -33.61
C PHE E 190 -27.52 9.95 -34.96
N ASN E 191 -26.91 9.30 -35.96
CA ASN E 191 -26.67 9.92 -37.25
C ASN E 191 -27.93 10.30 -38.00
N SER E 192 -29.08 9.74 -37.62
CA SER E 192 -30.35 9.94 -38.35
C SER E 192 -30.87 11.37 -38.28
N VAL E 193 -30.61 12.02 -37.15
CA VAL E 193 -30.98 13.41 -36.94
C VAL E 193 -30.16 14.35 -37.87
N GLY E 194 -28.85 14.13 -37.95
CA GLY E 194 -27.98 15.01 -38.77
C GLY E 194 -28.06 14.78 -40.28
N VAL E 195 -28.16 13.52 -40.67
CA VAL E 195 -28.36 13.14 -42.06
C VAL E 195 -29.61 13.82 -42.58
N LYS E 196 -30.67 13.82 -41.78
CA LYS E 196 -31.91 14.53 -42.16
C LYS E 196 -31.88 16.06 -41.95
N LYS E 197 -30.83 16.58 -41.32
CA LYS E 197 -30.72 18.01 -41.02
C LYS E 197 -31.84 18.50 -40.07
N TYR E 198 -32.34 17.61 -39.22
CA TYR E 198 -33.35 17.99 -38.22
C TYR E 198 -32.71 18.92 -37.17
N ARG E 199 -33.51 19.69 -36.44
CA ARG E 199 -33.01 20.48 -35.32
C ARG E 199 -32.58 19.56 -34.20
N TYR E 200 -31.47 19.87 -33.56
CA TYR E 200 -30.85 18.96 -32.60
C TYR E 200 -30.48 19.57 -31.26
N VAL E 201 -30.36 18.68 -30.27
CA VAL E 201 -29.76 18.96 -28.97
C VAL E 201 -29.02 17.71 -28.57
N ALA E 202 -28.14 17.85 -27.60
CA ALA E 202 -27.38 16.73 -27.06
C ALA E 202 -27.41 16.81 -25.54
N ASN E 203 -27.78 15.70 -24.90
CA ASN E 203 -27.97 15.70 -23.42
C ASN E 203 -27.39 14.45 -22.81
N SER E 204 -27.22 14.45 -21.50
CA SER E 204 -26.63 13.29 -20.79
C SER E 204 -27.62 12.14 -20.63
N ASP E 205 -28.92 12.48 -20.57
CA ASP E 205 -29.92 11.56 -20.05
C ASP E 205 -29.44 10.98 -18.70
N PHE E 206 -29.09 11.88 -17.78
CA PHE E 206 -28.38 11.56 -16.53
C PHE E 206 -29.21 10.74 -15.58
N HIS E 207 -28.68 9.62 -15.12
CA HIS E 207 -29.24 8.89 -13.99
C HIS E 207 -28.16 8.62 -12.91
N GLU E 208 -26.92 8.45 -13.35
CA GLU E 208 -25.81 8.02 -12.50
C GLU E 208 -24.64 9.03 -12.60
N LEU E 209 -23.83 9.12 -11.55
CA LEU E 209 -22.80 10.13 -11.44
C LEU E 209 -22.00 10.25 -12.75
N TRP E 210 -21.52 9.12 -13.22
CA TRP E 210 -20.63 9.09 -14.36
C TRP E 210 -21.29 9.58 -15.67
N HIS E 211 -22.63 9.62 -15.74
CA HIS E 211 -23.32 10.21 -16.89
C HIS E 211 -23.12 11.71 -16.99
N VAL E 212 -22.47 12.31 -16.01
CA VAL E 212 -22.27 13.77 -16.10
C VAL E 212 -21.32 14.07 -17.27
N TYR E 213 -20.44 13.12 -17.54
CA TYR E 213 -19.53 13.15 -18.67
C TYR E 213 -20.24 12.60 -19.89
N SER E 214 -20.70 13.46 -20.79
CA SER E 214 -21.54 13.00 -21.88
C SER E 214 -21.58 14.06 -22.90
N TRP E 215 -22.32 13.80 -23.96
CA TRP E 215 -22.55 14.84 -24.94
C TRP E 215 -23.46 15.87 -24.31
N LYS E 216 -23.13 17.15 -24.54
CA LYS E 216 -23.96 18.27 -24.09
C LYS E 216 -24.20 19.19 -25.27
N THR E 217 -25.00 20.23 -25.04
CA THR E 217 -25.33 21.23 -26.04
C THR E 217 -24.65 22.55 -25.75
N LEU E 218 -24.08 23.16 -26.78
CA LEU E 218 -23.51 24.47 -26.65
C LEU E 218 -24.40 25.37 -27.48
N VAL E 219 -25.00 26.38 -26.84
CA VAL E 219 -25.87 27.31 -27.55
C VAL E 219 -25.46 28.78 -27.32
N LYS E 220 -25.50 29.55 -28.39
CA LYS E 220 -25.19 30.96 -28.30
C LYS E 220 -26.47 31.69 -27.99
N SER E 221 -26.53 32.21 -26.77
CA SER E 221 -27.74 32.80 -26.27
C SER E 221 -27.43 33.72 -25.11
N GLU E 222 -28.27 34.74 -24.96
CA GLU E 222 -28.36 35.46 -23.70
C GLU E 222 -28.75 34.46 -22.61
N LYS E 223 -28.21 34.67 -21.42
CA LYS E 223 -28.33 33.75 -20.32
C LYS E 223 -29.66 33.95 -19.58
N ASN E 224 -30.75 33.64 -20.27
CA ASN E 224 -32.07 33.64 -19.67
C ASN E 224 -32.92 32.63 -20.36
N ILE E 225 -33.86 32.08 -19.61
CA ILE E 225 -34.66 30.92 -20.04
C ILE E 225 -35.40 31.19 -21.38
N GLU E 226 -36.02 32.35 -21.52
CA GLU E 226 -36.72 32.62 -22.79
C GLU E 226 -35.78 32.66 -24.03
N ALA E 227 -34.66 33.35 -23.92
CA ALA E 227 -33.64 33.38 -24.94
C ALA E 227 -33.07 31.98 -25.24
N ILE E 228 -32.73 31.23 -24.20
CA ILE E 228 -32.24 29.87 -24.39
C ILE E 228 -33.20 29.05 -25.23
N LYS E 229 -34.49 29.07 -24.89
CA LYS E 229 -35.47 28.28 -25.60
C LYS E 229 -35.60 28.77 -27.05
N GLU E 230 -35.52 30.07 -27.27
CA GLU E 230 -35.60 30.63 -28.62
C GLU E 230 -34.44 30.19 -29.48
N ALA E 231 -33.24 30.11 -28.87
CA ALA E 231 -32.05 29.73 -29.60
C ALA E 231 -32.04 28.23 -29.96
N ILE E 232 -32.64 27.40 -29.11
CA ILE E 232 -32.75 25.97 -29.41
C ILE E 232 -33.74 25.76 -30.52
N ARG E 233 -34.85 26.47 -30.44
CA ARG E 233 -35.90 26.38 -31.43
C ARG E 233 -35.34 26.77 -32.81
N LYS E 234 -34.67 27.92 -32.89
CA LYS E 234 -34.05 28.43 -34.15
C LYS E 234 -33.00 27.47 -34.68
N ASN E 235 -32.18 26.94 -33.77
CA ASN E 235 -31.19 25.91 -33.99
C ASN E 235 -30.06 26.30 -34.95
N THR E 236 -29.84 27.58 -35.21
CA THR E 236 -28.75 28.01 -36.08
C THR E 236 -27.47 28.22 -35.28
N ASP E 237 -27.56 28.44 -33.98
CA ASP E 237 -26.36 28.57 -33.19
C ASP E 237 -26.25 27.53 -32.06
N VAL E 238 -26.37 26.26 -32.45
CA VAL E 238 -26.30 25.11 -31.54
C VAL E 238 -25.21 24.18 -32.03
N ALA E 239 -24.35 23.76 -31.11
CA ALA E 239 -23.31 22.79 -31.37
C ALA E 239 -23.45 21.70 -30.33
N ILE E 240 -22.77 20.58 -30.53
CA ILE E 240 -22.72 19.55 -29.51
C ILE E 240 -21.29 19.39 -29.04
N TYR E 241 -21.13 19.03 -27.77
CA TYR E 241 -19.88 19.14 -27.04
C TYR E 241 -19.79 17.95 -26.10
N LEU E 242 -18.67 17.24 -26.10
CA LEU E 242 -18.53 16.02 -25.34
C LEU E 242 -17.73 16.31 -24.11
N MSE E 243 -18.36 16.33 -22.95
CA MSE E 243 -17.64 16.64 -21.72
C MSE E 243 -16.92 15.42 -21.18
O MSE E 243 -17.55 14.39 -20.93
CB MSE E 243 -18.61 17.15 -20.66
CG MSE E 243 -17.97 17.56 -19.34
SE MSE E 243 -19.21 18.57 -18.18
CE MSE E 243 -19.24 20.16 -19.10
N ARG E 244 -15.61 15.53 -21.00
CA ARG E 244 -14.76 14.41 -20.53
C ARG E 244 -14.06 14.67 -19.19
N THR F 17 -10.42 35.05 -26.68
CA THR F 17 -11.10 33.74 -26.93
C THR F 17 -12.62 33.85 -27.16
N GLU F 18 -13.00 33.91 -28.43
CA GLU F 18 -14.35 33.63 -28.87
C GLU F 18 -14.32 32.22 -29.46
N TRP F 19 -15.50 31.68 -29.79
CA TRP F 19 -15.62 30.37 -30.40
C TRP F 19 -15.60 30.61 -31.88
N LEU F 20 -14.71 29.88 -32.55
CA LEU F 20 -14.44 30.06 -33.94
C LEU F 20 -15.03 28.89 -34.73
N LEU F 21 -15.67 29.21 -35.85
CA LEU F 21 -16.18 28.24 -36.78
C LEU F 21 -15.08 27.85 -37.79
N CYS F 22 -14.75 26.57 -37.82
CA CYS F 22 -13.57 26.07 -38.50
C CYS F 22 -13.88 24.88 -39.38
N ASP F 23 -13.25 24.85 -40.55
CA ASP F 23 -13.28 23.67 -41.43
C ASP F 23 -11.85 23.34 -41.82
N PHE F 24 -11.38 22.15 -41.41
CA PHE F 24 -9.97 21.83 -41.56
C PHE F 24 -9.65 20.92 -42.71
N HIS F 25 -10.58 20.71 -43.65
CA HIS F 25 -10.47 19.62 -44.63
C HIS F 25 -11.30 19.98 -45.89
N VAL F 26 -10.63 20.68 -46.82
CA VAL F 26 -11.30 21.32 -47.97
C VAL F 26 -10.42 21.12 -49.20
N HIS F 27 -11.05 20.78 -50.33
CA HIS F 27 -10.34 20.47 -51.58
C HIS F 27 -10.77 21.45 -52.72
N THR F 28 -9.83 21.68 -53.66
CA THR F 28 -10.03 22.53 -54.81
C THR F 28 -9.66 21.75 -56.05
N ASN F 29 -9.90 22.33 -57.21
CA ASN F 29 -9.54 21.70 -58.48
C ASN F 29 -8.03 21.55 -58.69
N MSE F 30 -7.21 22.01 -57.77
CA MSE F 30 -5.77 21.75 -57.86
C MSE F 30 -5.47 20.30 -57.57
O MSE F 30 -4.46 19.79 -58.05
CB MSE F 30 -4.98 22.64 -56.92
CG MSE F 30 -5.00 24.09 -57.39
SE MSE F 30 -3.96 25.31 -56.26
CE MSE F 30 -4.75 25.06 -54.45
N SER F 31 -6.34 19.64 -56.80
CA SER F 31 -6.31 18.19 -56.67
C SER F 31 -7.58 17.58 -57.27
N ASP F 32 -8.54 17.13 -56.48
CA ASP F 32 -9.71 16.46 -57.08
C ASP F 32 -11.02 17.13 -56.74
N GLY F 33 -10.96 18.31 -56.13
CA GLY F 33 -12.14 19.14 -55.95
C GLY F 33 -12.68 19.67 -57.27
N HIS F 34 -13.94 20.08 -57.23
CA HIS F 34 -14.63 20.52 -58.43
C HIS F 34 -14.37 21.99 -58.75
N LEU F 35 -14.05 22.79 -57.72
CA LEU F 35 -13.96 24.24 -57.87
C LEU F 35 -12.55 24.82 -57.80
N PRO F 36 -12.33 25.95 -58.49
CA PRO F 36 -11.14 26.77 -58.39
C PRO F 36 -10.96 27.30 -57.00
N LEU F 37 -9.69 27.46 -56.59
CA LEU F 37 -9.33 27.98 -55.27
C LEU F 37 -10.07 29.24 -54.85
N GLY F 38 -10.14 30.21 -55.76
CA GLY F 38 -10.72 31.51 -55.47
C GLY F 38 -12.18 31.41 -55.07
N GLU F 39 -12.91 30.56 -55.81
CA GLU F 39 -14.31 30.36 -55.57
C GLU F 39 -14.58 29.61 -54.28
N VAL F 40 -13.74 28.64 -53.97
CA VAL F 40 -13.81 27.94 -52.69
C VAL F 40 -13.59 28.92 -51.54
N VAL F 41 -12.52 29.71 -51.62
CA VAL F 41 -12.26 30.72 -50.60
C VAL F 41 -13.42 31.71 -50.44
N ASP F 42 -13.96 32.20 -51.56
CA ASP F 42 -15.10 33.09 -51.51
C ASP F 42 -16.32 32.40 -50.86
N LEU F 43 -16.58 31.18 -51.28
CA LEU F 43 -17.64 30.36 -50.69
C LEU F 43 -17.62 30.30 -49.16
N PHE F 44 -16.49 29.86 -48.61
CA PHE F 44 -16.31 29.76 -47.17
C PHE F 44 -16.33 31.12 -46.50
N GLY F 45 -15.67 32.10 -47.12
CA GLY F 45 -15.66 33.44 -46.60
C GLY F 45 -17.05 34.03 -46.46
N LYS F 46 -17.82 33.98 -47.53
CA LYS F 46 -19.17 34.53 -47.51
C LYS F 46 -20.11 33.77 -46.57
N HIS F 47 -19.81 32.50 -46.29
CA HIS F 47 -20.63 31.75 -45.36
C HIS F 47 -20.20 31.95 -43.91
N GLY F 48 -19.23 32.83 -43.67
CA GLY F 48 -18.87 33.23 -42.33
C GLY F 48 -18.08 32.20 -41.56
N VAL F 49 -17.36 31.32 -42.27
CA VAL F 49 -16.36 30.45 -41.65
C VAL F 49 -15.15 31.30 -41.19
N ASP F 50 -14.67 31.05 -39.98
CA ASP F 50 -13.61 31.85 -39.39
C ASP F 50 -12.22 31.38 -39.79
N VAL F 51 -12.09 30.06 -39.94
CA VAL F 51 -10.86 29.38 -40.16
C VAL F 51 -11.08 28.23 -41.15
N VAL F 52 -10.28 28.22 -42.22
CA VAL F 52 -10.37 27.20 -43.23
C VAL F 52 -8.96 26.73 -43.56
N SER F 53 -8.76 25.43 -43.73
CA SER F 53 -7.50 24.90 -44.25
C SER F 53 -7.77 24.29 -45.60
N ILE F 54 -7.02 24.69 -46.61
CA ILE F 54 -7.10 24.06 -47.91
C ILE F 54 -6.17 22.88 -47.87
N THR F 55 -6.74 21.68 -48.06
CA THR F 55 -6.04 20.40 -47.86
C THR F 55 -6.14 19.51 -49.09
N ASP F 56 -5.55 19.99 -50.18
CA ASP F 56 -5.52 19.19 -51.39
C ASP F 56 -4.60 17.99 -51.24
N HIS F 57 -4.84 16.99 -52.07
CA HIS F 57 -4.22 15.69 -51.92
C HIS F 57 -2.80 15.67 -52.43
N ILE F 58 -1.93 15.02 -51.69
CA ILE F 58 -0.73 14.44 -52.26
C ILE F 58 -0.91 12.94 -52.08
N VAL F 59 -0.47 12.17 -53.06
CA VAL F 59 -0.88 10.77 -53.20
C VAL F 59 0.35 9.90 -53.32
N ASP F 60 0.29 8.67 -52.80
CA ASP F 60 1.42 7.76 -52.90
C ASP F 60 1.78 7.50 -54.35
N ARG F 61 3.06 7.29 -54.63
CA ARG F 61 3.53 7.22 -56.01
C ARG F 61 2.93 6.04 -56.79
N ARG F 62 2.75 4.91 -56.12
CA ARG F 62 2.13 3.75 -56.72
C ARG F 62 0.73 4.10 -57.31
N THR F 63 -0.09 4.78 -56.52
CA THR F 63 -1.41 5.23 -56.97
C THR F 63 -1.32 6.23 -58.15
N LEU F 64 -0.37 7.16 -58.04
CA LEU F 64 -0.06 8.09 -59.12
C LEU F 64 0.37 7.42 -60.44
N GLU F 65 1.27 6.44 -60.33
CA GLU F 65 1.78 5.70 -61.50
C GLU F 65 0.65 4.96 -62.19
N GLN F 66 -0.23 4.39 -61.39
CA GLN F 66 -1.41 3.68 -61.88
C GLN F 66 -2.35 4.61 -62.66
N ARG F 67 -2.58 5.82 -62.13
CA ARG F 67 -3.41 6.84 -62.80
C ARG F 67 -2.79 7.32 -64.09
N LYS F 68 -1.46 7.48 -64.08
CA LYS F 68 -0.74 7.86 -65.28
C LYS F 68 -0.85 6.76 -66.32
N ARG F 69 -0.83 5.50 -65.88
CA ARG F 69 -0.94 4.34 -66.77
C ARG F 69 -2.32 4.22 -67.42
N ASN F 70 -3.37 4.49 -66.65
CA ASN F 70 -4.74 4.42 -67.16
C ASN F 70 -5.23 5.73 -67.76
N GLY F 71 -4.31 6.67 -67.98
CA GLY F 71 -4.63 8.00 -68.48
C GLY F 71 -5.75 8.70 -67.73
N GLU F 72 -5.80 8.51 -66.40
CA GLU F 72 -6.78 9.18 -65.56
C GLU F 72 -6.14 10.42 -65.01
N PRO F 73 -6.93 11.44 -64.63
CA PRO F 73 -6.36 12.63 -63.98
C PRO F 73 -5.70 12.30 -62.63
N LEU F 74 -4.55 12.93 -62.39
CA LEU F 74 -3.77 12.69 -61.18
C LEU F 74 -4.56 13.00 -59.91
N GLY F 75 -5.27 14.13 -59.91
CA GLY F 75 -6.06 14.55 -58.76
C GLY F 75 -5.23 14.81 -57.52
N ALA F 76 -4.01 15.28 -57.72
CA ALA F 76 -3.08 15.50 -56.62
C ALA F 76 -2.05 16.58 -56.95
N ILE F 77 -1.41 17.10 -55.93
CA ILE F 77 -0.26 17.94 -56.11
C ILE F 77 1.00 17.06 -56.14
N THR F 78 1.69 17.10 -57.26
CA THR F 78 2.94 16.38 -57.41
C THR F 78 4.00 16.97 -56.50
N GLU F 79 4.95 16.13 -56.10
CA GLU F 79 6.07 16.59 -55.30
C GLU F 79 6.69 17.83 -55.92
N ASP F 80 6.74 17.88 -57.24
CA ASP F 80 7.48 18.91 -57.93
C ASP F 80 6.76 20.27 -57.92
N LYS F 81 5.43 20.26 -57.80
CA LYS F 81 4.63 21.48 -57.80
C LYS F 81 4.13 21.84 -56.40
N PHE F 82 4.53 21.09 -55.38
CA PHE F 82 4.04 21.30 -54.01
C PHE F 82 4.31 22.69 -53.45
N GLN F 83 5.48 23.22 -53.75
CA GLN F 83 5.86 24.52 -53.27
C GLN F 83 5.07 25.61 -54.00
N ASP F 84 4.81 25.43 -55.30
CA ASP F 84 3.94 26.34 -56.05
C ASP F 84 2.53 26.34 -55.50
N TYR F 85 2.04 25.16 -55.12
CA TYR F 85 0.73 25.01 -54.48
C TYR F 85 0.64 25.76 -53.16
N LEU F 86 1.63 25.60 -52.29
CA LEU F 86 1.74 26.38 -51.07
C LEU F 86 1.82 27.89 -51.33
N LYS F 87 2.48 28.29 -52.41
CA LYS F 87 2.59 29.71 -52.77
C LYS F 87 1.23 30.31 -53.14
N ARG F 88 0.40 29.55 -53.82
CA ARG F 88 -0.96 29.99 -54.09
C ARG F 88 -1.73 30.21 -52.78
N LEU F 89 -1.54 29.30 -51.83
CA LEU F 89 -2.23 29.37 -50.54
C LEU F 89 -1.76 30.56 -49.67
N TRP F 90 -0.47 30.87 -49.74
CA TRP F 90 0.08 31.98 -49.00
C TRP F 90 -0.49 33.28 -49.51
N ARG F 91 -0.56 33.40 -50.82
CA ARG F 91 -1.22 34.52 -51.45
C ARG F 91 -2.71 34.58 -51.11
N GLU F 92 -3.41 33.45 -51.07
CA GLU F 92 -4.81 33.43 -50.68
C GLU F 92 -5.02 33.82 -49.23
N GLN F 93 -4.10 33.49 -48.33
CA GLN F 93 -4.21 33.89 -46.92
C GLN F 93 -4.50 35.39 -46.80
N LYS F 94 -3.85 36.16 -47.66
CA LYS F 94 -3.98 37.60 -47.70
C LYS F 94 -5.34 38.02 -48.16
N ARG F 95 -5.78 37.49 -49.29
CA ARG F 95 -7.14 37.72 -49.76
C ARG F 95 -8.18 37.32 -48.72
N ALA F 96 -8.04 36.11 -48.19
CA ALA F 96 -8.97 35.58 -47.21
C ALA F 96 -9.12 36.51 -46.00
N TRP F 97 -8.02 37.08 -45.53
CA TRP F 97 -8.06 37.93 -44.38
C TRP F 97 -8.66 39.29 -44.73
N GLU F 98 -8.18 39.88 -45.81
CA GLU F 98 -8.63 41.22 -46.22
C GLU F 98 -10.11 41.29 -46.55
N GLU F 99 -10.58 40.36 -47.37
CA GLU F 99 -11.97 40.37 -47.80
C GLU F 99 -12.93 39.90 -46.70
N TYR F 100 -12.53 38.93 -45.89
CA TYR F 100 -13.47 38.20 -45.02
C TYR F 100 -13.09 38.15 -43.55
N GLY F 101 -11.94 38.66 -43.17
CA GLY F 101 -11.43 38.43 -41.83
C GLY F 101 -11.35 36.94 -41.51
N MSE F 102 -11.02 36.13 -42.50
CA MSE F 102 -10.91 34.68 -42.35
C MSE F 102 -9.45 34.26 -42.35
O MSE F 102 -8.66 34.74 -43.16
CB MSE F 102 -11.64 33.97 -43.48
CG MSE F 102 -11.64 32.47 -43.40
SE MSE F 102 -12.73 31.73 -44.91
CE MSE F 102 -11.50 32.00 -46.45
N ILE F 103 -9.15 33.34 -41.43
CA ILE F 103 -7.85 32.69 -41.36
C ILE F 103 -7.83 31.48 -42.30
N LEU F 104 -7.03 31.56 -43.35
CA LEU F 104 -6.83 30.41 -44.23
C LEU F 104 -5.49 29.80 -43.86
N ILE F 105 -5.47 28.50 -43.63
CA ILE F 105 -4.23 27.83 -43.24
C ILE F 105 -3.84 26.87 -44.32
N PRO F 106 -2.60 26.95 -44.83
CA PRO F 106 -2.17 25.96 -45.83
C PRO F 106 -2.09 24.55 -45.25
N GLY F 107 -2.64 23.58 -45.98
CA GLY F 107 -2.68 22.20 -45.55
C GLY F 107 -2.51 21.23 -46.70
N VAL F 108 -2.66 19.96 -46.35
CA VAL F 108 -2.55 18.87 -47.28
C VAL F 108 -3.25 17.66 -46.73
N GLU F 109 -3.89 16.91 -47.61
CA GLU F 109 -4.35 15.57 -47.29
C GLU F 109 -3.36 14.58 -47.86
N ILE F 110 -2.60 13.97 -46.97
CA ILE F 110 -1.61 12.96 -47.34
C ILE F 110 -2.38 11.66 -47.52
N THR F 111 -2.41 11.21 -48.76
CA THR F 111 -3.37 10.25 -49.24
C THR F 111 -2.64 8.97 -49.72
N ASN F 112 -2.66 7.94 -48.90
CA ASN F 112 -2.14 6.63 -49.31
C ASN F 112 -3.34 5.72 -49.64
N ASN F 113 -3.63 5.59 -50.92
CA ASN F 113 -4.73 4.76 -51.40
C ASN F 113 -4.27 3.33 -51.59
N THR F 114 -2.97 3.08 -51.49
CA THR F 114 -2.47 1.71 -51.51
C THR F 114 -2.82 1.02 -50.19
N ASP F 115 -2.41 1.61 -49.08
CA ASP F 115 -2.60 1.00 -47.77
C ASP F 115 -3.86 1.56 -47.07
N LEU F 116 -4.50 2.56 -47.67
CA LEU F 116 -5.77 3.14 -47.19
C LEU F 116 -5.69 3.91 -45.87
N TYR F 117 -4.90 4.97 -45.89
CA TYR F 117 -4.96 5.93 -44.81
C TYR F 117 -4.84 7.32 -45.37
N HIS F 118 -5.68 8.20 -44.85
CA HIS F 118 -5.74 9.60 -45.24
C HIS F 118 -5.43 10.47 -44.03
N ILE F 119 -4.37 11.26 -44.13
CA ILE F 119 -3.93 12.08 -43.03
C ILE F 119 -3.99 13.55 -43.42
N VAL F 120 -4.81 14.32 -42.69
CA VAL F 120 -4.93 15.74 -42.91
C VAL F 120 -3.93 16.46 -42.01
N ALA F 121 -3.08 17.29 -42.63
CA ALA F 121 -2.10 18.11 -41.93
C ALA F 121 -2.46 19.57 -42.16
N VAL F 122 -2.59 20.29 -41.06
CA VAL F 122 -2.97 21.69 -41.06
C VAL F 122 -1.75 22.52 -40.67
N ASP F 123 -1.45 23.51 -41.48
CA ASP F 123 -0.26 24.34 -41.34
C ASP F 123 1.01 23.62 -41.79
N VAL F 124 0.95 23.11 -43.01
CA VAL F 124 2.05 22.34 -43.61
C VAL F 124 3.00 23.26 -44.37
N LYS F 125 4.28 22.92 -44.34
CA LYS F 125 5.28 23.73 -45.03
C LYS F 125 6.12 22.94 -46.04
N GLU F 126 6.17 21.62 -45.93
CA GLU F 126 6.99 20.79 -46.80
C GLU F 126 6.27 19.51 -47.22
N TYR F 127 6.51 19.07 -48.43
CA TYR F 127 6.01 17.79 -48.91
C TYR F 127 6.50 16.64 -48.03
N VAL F 128 5.61 15.70 -47.72
CA VAL F 128 5.96 14.48 -46.99
C VAL F 128 5.47 13.28 -47.81
N ASP F 129 6.37 12.32 -48.03
CA ASP F 129 6.11 11.12 -48.82
C ASP F 129 4.96 10.28 -48.23
N PRO F 130 3.77 10.28 -48.88
CA PRO F 130 2.63 9.53 -48.35
C PRO F 130 2.89 8.04 -48.13
N SER F 131 3.83 7.45 -48.88
CA SER F 131 4.17 6.02 -48.76
C SER F 131 4.80 5.61 -47.45
N LEU F 132 5.40 6.55 -46.74
CA LEU F 132 6.11 6.24 -45.51
C LEU F 132 5.18 5.61 -44.45
N PRO F 133 5.76 4.93 -43.46
CA PRO F 133 5.00 4.54 -42.29
C PRO F 133 4.26 5.72 -41.64
N VAL F 134 3.04 5.47 -41.18
CA VAL F 134 2.21 6.48 -40.53
C VAL F 134 2.98 7.27 -39.47
N GLU F 135 3.71 6.58 -38.59
CA GLU F 135 4.45 7.26 -37.54
C GLU F 135 5.60 8.11 -38.07
N GLU F 136 6.25 7.69 -39.15
CA GLU F 136 7.25 8.53 -39.80
C GLU F 136 6.62 9.76 -40.45
N ILE F 137 5.51 9.57 -41.14
CA ILE F 137 4.78 10.71 -41.69
C ILE F 137 4.45 11.72 -40.59
N VAL F 138 3.88 11.22 -39.51
CA VAL F 138 3.45 12.07 -38.41
C VAL F 138 4.65 12.74 -37.70
N GLU F 139 5.77 12.06 -37.62
CA GLU F 139 6.92 12.68 -36.95
C GLU F 139 7.46 13.85 -37.80
N LYS F 140 7.48 13.66 -39.12
CA LYS F 140 7.86 14.71 -40.06
C LYS F 140 6.89 15.89 -39.98
N LEU F 141 5.61 15.63 -39.83
CA LEU F 141 4.65 16.73 -39.71
C LEU F 141 4.77 17.49 -38.37
N LYS F 142 5.15 16.79 -37.30
CA LYS F 142 5.40 17.40 -36.00
C LYS F 142 6.65 18.29 -36.01
N GLU F 143 7.66 17.89 -36.78
CA GLU F 143 8.85 18.69 -37.03
C GLU F 143 8.59 20.00 -37.76
N GLN F 144 7.53 20.06 -38.55
CA GLN F 144 7.10 21.27 -39.21
C GLN F 144 6.17 22.12 -38.37
N ASN F 145 5.80 21.65 -37.17
CA ASN F 145 4.75 22.29 -36.36
C ASN F 145 3.41 22.33 -37.12
N ALA F 146 3.04 21.20 -37.72
CA ALA F 146 1.70 21.04 -38.30
C ALA F 146 0.77 20.33 -37.32
N LEU F 147 -0.53 20.56 -37.46
CA LEU F 147 -1.52 19.86 -36.67
C LEU F 147 -1.97 18.65 -37.49
N VAL F 148 -2.04 17.47 -36.88
CA VAL F 148 -2.22 16.22 -37.61
C VAL F 148 -3.53 15.51 -37.25
N ILE F 149 -4.40 15.41 -38.25
CA ILE F 149 -5.74 14.85 -38.12
C ILE F 149 -5.84 13.50 -38.86
N ALA F 150 -6.42 12.49 -38.19
CA ALA F 150 -6.84 11.24 -38.85
C ALA F 150 -8.18 11.45 -39.52
N ALA F 151 -8.17 11.58 -40.84
CA ALA F 151 -9.39 11.73 -41.62
C ALA F 151 -10.13 10.39 -41.73
N HIS F 152 -11.44 10.50 -41.72
CA HIS F 152 -12.34 9.38 -41.81
C HIS F 152 -12.84 9.33 -43.24
N PRO F 153 -12.96 8.13 -43.80
CA PRO F 153 -13.51 8.09 -45.14
C PRO F 153 -14.97 8.58 -45.13
N ASP F 154 -15.38 9.34 -46.15
CA ASP F 154 -16.78 9.76 -46.23
C ASP F 154 -17.67 8.56 -46.52
N ARG F 155 -18.92 8.68 -46.09
CA ARG F 155 -19.86 7.55 -46.09
C ARG F 155 -20.23 7.07 -47.50
N LYS F 156 -20.23 7.96 -48.49
CA LYS F 156 -20.46 7.57 -49.90
C LYS F 156 -19.60 6.38 -50.37
N HIS F 162 -16.65 -0.60 -49.18
CA HIS F 162 -16.52 -1.30 -47.88
C HIS F 162 -15.12 -1.91 -47.74
N LEU F 163 -14.14 -1.01 -47.65
CA LEU F 163 -12.72 -1.34 -47.51
C LEU F 163 -12.29 -1.33 -46.03
N SER F 164 -11.11 -1.89 -45.74
CA SER F 164 -10.52 -1.84 -44.40
C SER F 164 -9.56 -0.64 -44.27
N TRP F 165 -10.05 0.45 -43.66
CA TRP F 165 -9.25 1.68 -43.52
C TRP F 165 -8.27 1.57 -42.34
N TYR F 166 -6.98 1.78 -42.64
CA TYR F 166 -5.88 1.33 -41.77
C TYR F 166 -5.86 1.95 -40.36
N LEU F 167 -6.09 3.26 -40.29
CA LEU F 167 -6.14 4.00 -39.02
C LEU F 167 -7.31 3.56 -38.12
N TRP F 168 -8.46 3.39 -38.75
CA TRP F 168 -9.72 3.00 -38.09
C TRP F 168 -9.81 1.51 -37.73
N ALA F 169 -8.95 0.71 -38.31
CA ALA F 169 -8.78 -0.69 -37.90
C ALA F 169 -7.74 -0.84 -36.80
N ASN F 170 -7.07 0.26 -36.43
CA ASN F 170 -5.91 0.24 -35.56
C ASN F 170 -5.91 1.47 -34.67
N MSE F 171 -7.06 1.81 -34.13
CA MSE F 171 -7.19 3.04 -33.37
C MSE F 171 -6.44 3.02 -32.06
O MSE F 171 -5.97 4.05 -31.61
CB MSE F 171 -8.65 3.35 -33.10
CG MSE F 171 -9.38 3.74 -34.35
SE MSE F 171 -11.23 4.20 -33.93
CE MSE F 171 -11.02 6.07 -33.46
N GLU F 172 -6.33 1.86 -31.43
CA GLU F 172 -5.61 1.74 -30.17
C GLU F 172 -4.13 1.99 -30.42
N ARG F 173 -3.61 1.42 -31.49
CA ARG F 173 -2.23 1.62 -31.88
C ARG F 173 -1.86 3.09 -32.19
N PHE F 174 -2.82 3.85 -32.71
CA PHE F 174 -2.58 5.23 -33.07
C PHE F 174 -3.20 6.23 -32.08
N LYS F 175 -3.68 5.72 -30.96
CA LYS F 175 -4.24 6.51 -29.85
C LYS F 175 -3.46 7.79 -29.51
N ASP F 176 -2.14 7.69 -29.44
CA ASP F 176 -1.27 8.81 -29.06
C ASP F 176 -0.53 9.38 -30.25
N THR F 177 -0.96 9.07 -31.47
CA THR F 177 -0.30 9.52 -32.70
C THR F 177 -0.91 10.81 -33.23
N PHE F 178 -2.23 10.88 -33.32
CA PHE F 178 -2.91 12.02 -33.93
C PHE F 178 -3.33 13.06 -32.92
N ASP F 179 -3.27 14.33 -33.32
CA ASP F 179 -3.79 15.43 -32.53
C ASP F 179 -5.31 15.35 -32.41
N ALA F 180 -5.97 14.81 -33.43
CA ALA F 180 -7.40 14.57 -33.40
C ALA F 180 -7.83 13.62 -34.51
N TRP F 181 -9.02 13.04 -34.34
CA TRP F 181 -9.65 12.19 -35.34
C TRP F 181 -10.92 12.84 -35.84
N GLU F 182 -11.23 12.66 -37.12
CA GLU F 182 -12.50 13.10 -37.64
C GLU F 182 -13.68 12.28 -37.14
N ILE F 183 -14.48 12.91 -36.29
CA ILE F 183 -15.68 12.35 -35.73
C ILE F 183 -16.86 12.68 -36.63
N ALA F 184 -16.64 13.51 -37.61
CA ALA F 184 -17.70 13.83 -38.56
C ALA F 184 -17.13 14.45 -39.79
N ASN F 185 -17.74 14.11 -40.93
CA ASN F 185 -17.59 14.88 -42.16
C ASN F 185 -18.81 14.81 -43.05
N ARG F 186 -18.87 15.72 -44.01
CA ARG F 186 -20.07 15.92 -44.78
C ARG F 186 -21.23 16.01 -43.79
N ASP F 187 -22.25 15.16 -43.94
CA ASP F 187 -23.41 15.21 -43.08
C ASP F 187 -23.45 14.03 -42.11
N ASP F 188 -22.33 13.33 -41.98
CA ASP F 188 -22.28 12.11 -41.18
C ASP F 188 -21.46 12.19 -39.90
N LEU F 189 -21.94 11.51 -38.87
CA LEU F 189 -21.27 11.40 -37.57
C LEU F 189 -20.70 10.01 -37.43
N PHE F 190 -19.52 9.91 -36.84
CA PHE F 190 -18.82 8.63 -36.71
C PHE F 190 -18.60 8.32 -35.22
N ASN F 191 -19.46 7.47 -34.68
CA ASN F 191 -19.59 7.31 -33.22
C ASN F 191 -18.36 6.72 -32.51
N SER F 192 -17.52 5.99 -33.26
CA SER F 192 -16.32 5.35 -32.72
C SER F 192 -15.35 6.31 -32.03
N VAL F 193 -15.26 7.53 -32.56
CA VAL F 193 -14.39 8.56 -32.00
C VAL F 193 -14.91 9.05 -30.65
N GLY F 194 -16.21 9.32 -30.57
CA GLY F 194 -16.85 9.84 -29.36
C GLY F 194 -16.96 8.82 -28.24
N VAL F 195 -17.29 7.58 -28.59
CA VAL F 195 -17.41 6.49 -27.63
C VAL F 195 -16.06 6.13 -26.99
N LYS F 196 -15.02 6.08 -27.82
CA LYS F 196 -13.65 5.91 -27.34
C LYS F 196 -13.06 7.14 -26.65
N LYS F 197 -13.75 8.28 -26.74
CA LYS F 197 -13.38 9.54 -26.06
C LYS F 197 -12.13 10.17 -26.67
N TYR F 198 -11.82 9.83 -27.92
CA TYR F 198 -10.65 10.37 -28.61
C TYR F 198 -10.84 11.84 -28.89
N ARG F 199 -9.74 12.56 -28.99
CA ARG F 199 -9.78 13.93 -29.46
C ARG F 199 -10.38 14.00 -30.85
N TYR F 200 -11.24 14.97 -31.05
CA TYR F 200 -12.04 15.03 -32.27
C TYR F 200 -12.04 16.40 -32.96
N VAL F 201 -12.28 16.36 -34.27
CA VAL F 201 -12.68 17.50 -35.10
C VAL F 201 -13.75 17.06 -36.08
N ALA F 202 -14.43 18.01 -36.68
CA ALA F 202 -15.46 17.74 -37.65
C ALA F 202 -15.25 18.64 -38.84
N ASN F 203 -15.23 18.09 -40.05
CA ASN F 203 -14.95 18.90 -41.26
C ASN F 203 -15.88 18.60 -42.41
N SER F 204 -15.81 19.37 -43.48
CA SER F 204 -16.63 19.12 -44.65
C SER F 204 -16.11 17.95 -45.53
N ASP F 205 -14.80 17.85 -45.69
CA ASP F 205 -14.19 17.08 -46.77
C ASP F 205 -14.74 17.60 -48.11
N PHE F 206 -14.66 18.92 -48.27
CA PHE F 206 -15.29 19.64 -49.36
C PHE F 206 -14.73 19.27 -50.73
N HIS F 207 -15.60 18.86 -51.65
CA HIS F 207 -15.23 18.74 -53.05
C HIS F 207 -16.13 19.60 -53.94
N GLU F 208 -17.39 19.70 -53.52
CA GLU F 208 -18.50 20.22 -54.29
C GLU F 208 -19.22 21.31 -53.49
N LEU F 209 -19.80 22.27 -54.21
CA LEU F 209 -20.45 23.42 -53.60
C LEU F 209 -21.23 23.06 -52.32
N TRP F 210 -22.12 22.07 -52.45
CA TRP F 210 -23.11 21.74 -51.44
C TRP F 210 -22.51 21.14 -50.16
N HIS F 211 -21.24 20.75 -50.20
CA HIS F 211 -20.51 20.26 -49.02
C HIS F 211 -20.16 21.35 -48.02
N VAL F 212 -20.32 22.62 -48.40
CA VAL F 212 -20.07 23.71 -47.48
C VAL F 212 -21.03 23.59 -46.28
N TYR F 213 -22.25 23.13 -46.54
CA TYR F 213 -23.23 22.73 -45.52
C TYR F 213 -22.86 21.35 -44.96
N SER F 214 -22.22 21.33 -43.82
CA SER F 214 -21.65 20.12 -43.28
C SER F 214 -21.38 20.35 -41.82
N TRP F 215 -20.95 19.28 -41.16
CA TRP F 215 -20.39 19.37 -39.86
C TRP F 215 -19.10 20.20 -39.93
N LYS F 216 -18.89 21.03 -38.92
CA LYS F 216 -17.68 21.83 -38.75
C LYS F 216 -17.24 21.75 -37.30
N THR F 217 -16.09 22.32 -37.00
CA THR F 217 -15.60 22.43 -35.64
C THR F 217 -15.81 23.87 -35.11
N LEU F 218 -16.30 23.97 -33.87
CA LEU F 218 -16.33 25.20 -33.13
C LEU F 218 -15.26 25.05 -32.03
N VAL F 219 -14.28 25.96 -32.03
CA VAL F 219 -13.23 25.92 -31.04
C VAL F 219 -13.06 27.27 -30.37
N LYS F 220 -12.91 27.25 -29.06
CA LYS F 220 -12.68 28.44 -28.27
C LYS F 220 -11.18 28.67 -28.31
N SER F 221 -10.77 29.71 -29.00
CA SER F 221 -9.36 30.06 -29.07
C SER F 221 -9.21 31.50 -29.56
N GLU F 222 -8.04 32.08 -29.29
CA GLU F 222 -7.63 33.33 -29.93
C GLU F 222 -7.56 33.10 -31.43
N LYS F 223 -7.87 34.13 -32.20
CA LYS F 223 -7.90 33.98 -33.66
C LYS F 223 -6.49 34.13 -34.27
N ASN F 224 -5.64 33.15 -34.01
CA ASN F 224 -4.34 33.05 -34.65
C ASN F 224 -3.99 31.57 -34.83
N ILE F 225 -3.20 31.28 -35.86
CA ILE F 225 -2.94 29.91 -36.25
C ILE F 225 -2.33 29.10 -35.10
N GLU F 226 -1.29 29.61 -34.44
CA GLU F 226 -0.71 28.85 -33.32
C GLU F 226 -1.76 28.55 -32.25
N ALA F 227 -2.49 29.55 -31.81
CA ALA F 227 -3.51 29.33 -30.81
C ALA F 227 -4.52 28.26 -31.22
N ILE F 228 -5.04 28.34 -32.45
CA ILE F 228 -6.00 27.35 -32.97
C ILE F 228 -5.43 25.93 -32.96
N LYS F 229 -4.24 25.74 -33.48
CA LYS F 229 -3.60 24.44 -33.41
C LYS F 229 -3.53 23.94 -31.97
N GLU F 230 -3.15 24.80 -31.03
CA GLU F 230 -3.06 24.42 -29.63
C GLU F 230 -4.41 23.99 -29.08
N ALA F 231 -5.47 24.73 -29.43
CA ALA F 231 -6.80 24.44 -28.90
C ALA F 231 -7.32 23.08 -29.38
N ILE F 232 -7.11 22.76 -30.66
CA ILE F 232 -7.53 21.45 -31.21
C ILE F 232 -6.80 20.31 -30.51
N ARG F 233 -5.49 20.49 -30.26
CA ARG F 233 -4.65 19.51 -29.56
C ARG F 233 -5.13 19.28 -28.14
N LYS F 234 -5.36 20.35 -27.38
CA LYS F 234 -5.95 20.23 -26.05
C LYS F 234 -7.27 19.49 -26.13
N ASN F 235 -8.10 19.89 -27.09
CA ASN F 235 -9.43 19.32 -27.33
C ASN F 235 -10.44 19.44 -26.13
N THR F 236 -10.29 20.44 -25.28
CA THR F 236 -11.24 20.65 -24.18
C THR F 236 -12.31 21.69 -24.48
N ASP F 237 -12.07 22.56 -25.46
CA ASP F 237 -13.07 23.53 -25.87
C ASP F 237 -13.30 23.41 -27.37
N VAL F 238 -13.66 22.19 -27.77
CA VAL F 238 -13.98 21.85 -29.13
C VAL F 238 -15.38 21.22 -29.18
N ALA F 239 -16.20 21.75 -30.08
CA ALA F 239 -17.54 21.29 -30.27
C ALA F 239 -17.76 21.09 -31.74
N ILE F 240 -18.84 20.42 -32.08
CA ILE F 240 -19.15 20.18 -33.48
C ILE F 240 -20.48 20.80 -33.82
N TYR F 241 -20.56 21.34 -35.04
CA TYR F 241 -21.60 22.27 -35.40
C TYR F 241 -22.06 21.95 -36.80
N LEU F 242 -23.35 21.73 -37.01
CA LEU F 242 -23.82 21.38 -38.36
C LEU F 242 -24.26 22.65 -39.07
N MSE F 243 -23.52 23.05 -40.11
CA MSE F 243 -23.95 24.19 -40.93
C MSE F 243 -25.03 23.80 -41.96
O MSE F 243 -24.84 22.88 -42.77
CB MSE F 243 -22.77 24.83 -41.63
CG MSE F 243 -23.09 26.15 -42.34
SE MSE F 243 -21.43 27.16 -42.80
CE MSE F 243 -21.44 28.41 -41.41
N ARG F 244 -26.15 24.48 -41.92
CA ARG F 244 -27.27 24.17 -42.83
C ARG F 244 -27.69 25.37 -43.64
N LYS F 245 -28.30 25.14 -44.80
CA LYS F 245 -28.74 26.26 -45.63
C LYS F 245 -29.81 27.03 -44.85
ZN ZN G . 37.07 -18.13 28.70
ZN ZN H . 41.07 -17.99 30.41
ZN ZN I . 36.40 -15.29 31.36
ZN ZN J . 37.47 -14.94 27.58
CL CL K . 38.89 -15.98 29.93
CL CL L . 35.13 -14.76 28.66
CL CL M . 28.31 -37.32 17.57
ZN ZN N . 1.82 -8.86 38.45
ZN ZN O . -1.11 -5.82 37.46
ZN ZN P . 4.26 -6.05 37.19
ZN ZN Q . 3.19 -6.61 40.94
CL CL R . 1.65 -5.55 38.53
CL CL S . 5.32 -7.59 39.60
ZN ZN T . 24.51 -1.00 -5.82
ZN ZN U . 26.25 -4.77 -4.48
ZN ZN V . 28.31 -0.30 -6.93
ZN ZN W . 25.51 -1.88 -9.15
CL CL X . 26.91 -2.93 -6.68
CL CL Y . 26.17 0.80 -8.96
CL CL Z . 4.20 7.86 2.89
ZN ZN AA . -17.63 -1.92 4.41
ZN ZN BA . -19.89 -3.39 1.01
ZN ZN CA . -21.52 -1.48 5.78
ZN ZN DA . -18.73 -4.57 6.21
CL CL EA . -20.54 -3.49 3.73
CL CL FA . -19.31 -2.49 7.92
ZN ZN GA . -34.40 10.00 -19.74
ZN ZN HA . -35.08 7.18 -16.58
ZN ZN IA . -32.58 6.78 -21.36
ZN ZN JA . -36.47 8.10 -21.93
CL CL KA . -34.82 6.83 -19.22
CL CL LA . -34.32 8.37 -23.38
CL CL MA . -34.67 33.65 -16.68
ZN ZN NA . -10.53 14.55 -48.33
ZN ZN OA . -10.61 14.09 -52.70
ZN ZN PA . -13.60 11.95 -48.74
ZN ZN QA . -9.87 11.34 -48.17
CL CL RA . -11.27 12.18 -50.53
CL CL SA . -11.71 11.39 -46.36
#